data_8CXH
#
_entry.id   8CXH
#
_cell.length_a   1.00
_cell.length_b   1.00
_cell.length_c   1.00
_cell.angle_alpha   90.00
_cell.angle_beta   90.00
_cell.angle_gamma   90.00
#
_symmetry.space_group_name_H-M   'P 1'
#
loop_
_entity.id
_entity.type
_entity.pdbx_description
1 polymer 'Ankyrin repeat family A protein 2,Envelope E protein'
2 polymer 'Membrane M protein'
3 polymer 'C10 heavy chain'
4 polymer 'C10 light chain'
#
loop_
_entity_poly.entity_id
_entity_poly.type
_entity_poly.pdbx_seq_one_letter_code
_entity_poly.pdbx_strand_id
1 'polypeptide(L)'
;MDTSTNLDIGAQLIVEECPSTYSLTGMPDIKIEHPLDPNSEEGSAQGVAMGMKFILPNRFDMNVCSRFVKSLNEEDSKNI
QDQVNSDLEVASVLFKAECNIHTSPSPGIQVRHVYTPSTTKHFSPIKQSTTLTNKIRCIGVSNRDFVEGMSGGTWVDVVL
EHGGCVTVMAQDKPTVDIELVTTTVSNMAEVRSYCYEASISDMASDSRCPTQGEAYLDKQSDTQYVCKRTLVDRGWGNGC
GLFGKGSLVTCAKFACSKKMTGKSIQPENLEYRIMLSVHGSQHSGMIVNDTGHETDENRAKVEITPNSPRAEATLGGFGS
LGLDCEPRTGLDFSDLYYLTMNNKHWLVHKEWFHDIPLPWHAGADTGTPHWNNKEALVEFKDAHAKRQTVVVLGSQEGAV
HTALAGALEAEMDGAKGRLSSGHLKCRLKMDKLRLKGVSYSLCTAAFTFTKIPAETLHGTVTVEVQYAGTDGPCKVPAQM
AVDMQTLTPVGRLITANPVITESTENSKMMLELDPPFGDSYIVIGVGEKKITHHWHRSGSTIGKAFEATVRGAKRMAVLG
DTAWDFGSVGGALNSLGKGIHQIFGAAFKSLFGGMSWFSQILIGTLLMWLGLNTKNGSISLMCLALGGVLIFLSTAVSA
;
A,B,C
2 'polypeptide(L)'
;MKNPKKKSGGFRIVNMLKRGVARVSPFGGLKRLPAGLLLGHGPIRMVLAILAFLRFTAIKPSLGLINRWGSVGKKEAMEI
IKKFKKDLAAMLRIINARKEKKRRGADTSVGIVGLLLTTAMAAEVTRRGSAYYMYLDRNDAGEAISFPTTLGMNKCYIQI
MDLGHMCDATMSYECPMLDEGVEPDDVDCWCNTTSTWVVYGTCHHKKGEARRSRRAVTLPSHSTRKLQTRSQTWLESREY
TKHLIRVENWIFRNPGFALAAAAIAWLLGSSTSQKVIYLVMILLIAPAYSIRCIGVSNRDFVEGMSGGTWVDVVLEHGGC
VTVMAQDKPTVDIELVTTTVSNMAEVRSYCYEASISDMASDSRCPTQGEAYLDKQSDTQYVCKRTLVDRGWGNGCGLFGK
GSLVTCAKFACSKKMTGKSIQPENLEYRIMLSVHGSQHSGMIVNDTGHETDENRAKVEITPNSPRAEATLGGFGSLGLDC
EPRTGLDFSDLYYLTMNNKHWLVHKEWFHDIPLPWHAGADTGTPHWNNKEALVEFKDAHAKRQTVVVLGSQEGAVHTALA
GALEAEMDGAKGRLSSGHLKCRLKMDKLRLKGVSYSLCTAAFTFTKIPAETLHGTVTVEVQYAGTDGPCKVPAQMAVDMQ
TLTPVGRLITANPVITESTENSKMMLELDPPFGDSYIVIGVGEKKITHHWHRSGSTIGKAFEATVRGAKRMAVLGDTAWD
FGSVGGALNSLGKGIHQIFGAAFKSLFGGMSWFSQILIGTLLMWLGLNTKNGSISLMCLALGGVLIFLSTAVSADVGCSV
DFSKKETRCGTGVFVYNDVEAWRDRYKYHPDSPRRLAAAVKQAWEDGICGISSVSRMENIMWRSVEGELNAILEENGVQL
TVVVGSVKNPMWRGPQRLPVPVNELPHGWKAWGKSYFVRAAKTNNSFVVDGDTLKECPLKHRAWNSFLVEDHGFGVFHTS
VWLKVREDYSLECDPAVIGTAVKGKEAVHSDLGYWIESEKNDTWRLKRAHLIEMKTCEWPKSHTLWTDGIEESDLIIPKS
LAGPLSHHNTREGYRTQMKGPWHSEELEIRFEECPGTKVHVEETCGTRGPSLRSTTASGRVIEEWCCRECTMPPLSFRAK
DGCWYGMEIRPRKEPESNLVRSMVTAGSTDHMDHFSLGVLVILLMVQEGLKKRMTTKIIISTSMAVLVAMILGGFSMSDL
AKLAILMGATFAEMNTGGDVAHLALIAAFKVRPALLVSFIFRANWTPRESMLLALASCLLQTAISALEGDLMVLINGFAL
AWLAIRAMVVPRTDNITLAILAALTPLARGTLLVAWRAGLATCGGFMLLSLKGKGSVKKNLPFVMALGLTAVRLVDPINV
VGLLLLTRSGKRSWPPSEVLTAVGLICALAGGFAKADIEMAGPMAAVGLLIVSYVVSGKSVDMYIERAGDITWEKDAEVT
GNSPRLDVALDESGDFSLVEDDGPPMREIILKVVLMTICGMNPIAIPFAAGAWYVYVKTGKRSGALWDVPAPKEVKKGET
TDGVYRVMTRRLLGSTQVGVGVMQEGVFHTMWHVTKGSALRSGEGRLDPYWGDVKQDLVSYCGPWKLDAAWDGHSEVQLL
AVPPGERARNIQTLPGIFKTKDGDIGAVALDYPAGTSGSPILDKCGRVIGLYGNGVVIKNGSYVSAITQGRREEETPVEC
FEPSMLKKKQLTVLDLHPGAGKTRRVLPEIVREAIKTRLRTVILAPTRVVAAEMEEALRGLPVRYMTTAVNVTHSGTEIV
DLMCHATFTSRLLQPIRVPNYNLYIMDEAHFTDPSSIAARGYISTRVEMGEAAAIFMTATPPGTRDAFPDSNSPIMDTEV
EVPERAWSSGFDWVTDHSGKTVWFVPSVRNGNEIAACLTKAGKRVIQLSRKTFETEFQKTKHQEWDFVVTTDISEMGANF
KADRVIDSRRCLKPVILDGERVILAGPMPVTHASAAQRRGRIGRNPNKPGDEYLYGGGCAETDEDHAHWLEARMLLDNIY
LQDGLIASLYRPEADKVAAIEGEFKLRTEQRKTFVELMKRGDLPVWLAYQVASAGITYTDRRWCFDGTTNNTIMEDSVPA
EVWTRHGEKRVLKPRWMDARVCSDHAALKSFKEFAAGKRGAAFGVMEALGTLPGHMTERFQEAIDNLAVLMRAETGSRPY
KAAAAQLPETLETIMLLGLLGTVSLGIFFVLMRNKGIGKMGFGMVTLGASAWLMWLSEIEPARIACVLIVVFLLLVVLIP
EPEKQRSPQDNQMAIIIMVAVGLLGLITANELGWLERTKSDLSHLMGRREEGATIGFSMDIDLRPASAWAIYAALTTFIT
PAVQHAVTTSYNNYSLMAMATQAGVLFGMGKGMPFYAWDFGVPLLMMGCYSQLTPLTLIVAIILLVAHYMYLIPGLQAAA
ARAAQKRTAAGIMKNPVVDGIVVTDIDTMTIDPQVEKKMGQVLLIAVAVSSAILSRTAWGWGEAGALITAATSTLWEGSP
NKYWNSSTATSLCNIFRGSYLAGASLIYTVTRNAGLVKRRGGGTGETLGEKWKARLNQMSALEFYSYKKSGITEVCREEA
RRALKDGVATGGHAVSRGSAKLRWLVERGYLQPYGKVIDLGCGRGGWSYYAATIRKVQEVKGYTKGGPGHEEPVLVQSYG
WNIVRLKSGVDVFHMAAEPCDTLLCDIGESSSSPEVEEARTLRVLSMVGDWLEKRPGAFCIKVLCPYTSTMMETLERLQR
RYGGGLVRVPLSRNSTHEMYWVSGAKSNTIKSVSTTSQLLLGRMDGPRRPVKYEEDVNLGSGTRAVVSCAEAPNMKIIGN
RIERIRSEHAETWFFDENHPYRTWAYHGSYEAPTQGSASSLINGVVRLLSKPWDVVTGVTGIAMTDTTPYGQQRVFKEKV
DTRVPDPQEGTRQVMSMVSSWLWKELGKHKRPRVCTKEEFINKVRSNAALGAIFEEEKEWKTAVEAVNDPRFWALVDKER
EHHLRGECQSCVYNMMGKREKKQGEFGKAKGSRAIWYMWLGARFLEFEALGFLNEDHWMGRENSGGGVEGLGLQRLGYVL
EEMSRIPGGRMYADDTAGWDTRISRFDLENEALITNQMEKGHRALALAIIKYTYQNKVVKVLRPAEKGKTVMDIISRQDQ
RGSGQVVTYALNTFTNLVVQLIRNMEAEEVLEMQDLWLLRRSEKVTNWLQSNGWDRLKRMAVSGDDCVVKPIDDRFAHAL
RFLNDMGKVRKDTQEWKPSTGWDNWEEVPFCSHHFNKLHLKDGRSIVVPCRHQDELIGRARVSPGAGWSIRETACLAKSY
AQMWQLLYFHRRDLRLMANAICSSVPVDWVPTGRTTWSIHGKGEWMTTEDMLVVWNRVWIEENDHMEDKTLVTKWTDIPY
LGKREDLWCGSLIGHRPRTTWAENIKNTVNMVRRIIGDEEKYMDYLSTQVRYLGEEGSTPGVL
;
D,E,F
3 'polypeptide(L)'
;EVQLVESGAEVKKPGASVKVSCKASGYTFTSYAMHWVRQAPGQRLEWMGWINAGNGNTKYSQKFQDRVTITRDTSASTAY
MELSSLRSEDTAIYYCARDKVDDYGDYWFPTLWYFDYWGQGTLVTVSS
;
H,h
4 'polypeptide(L)'
;QSALTQPASVSGSPGQSITISCTGTSSDVGGFNYVSWFQQHPGKAPKLMLYDVTSRPSGVSSRFSGSKSGNTASLTISGL
QAEDEADYYCSSHTSRGTWVFGGGTKLTVL
;
L,l
#
# COMPACT_ATOMS: atom_id res chain seq x y z
N ILE A 136 12.81 11.55 -52.41
CA ILE A 136 13.66 10.39 -52.18
C ILE A 136 13.48 9.94 -50.74
N ARG A 137 13.32 8.62 -50.58
CA ARG A 137 13.05 7.93 -49.33
C ARG A 137 11.61 8.14 -48.90
N CYS A 138 10.91 9.04 -49.57
CA CYS A 138 9.52 9.32 -49.28
C CYS A 138 8.64 9.27 -50.51
N ILE A 139 9.20 8.89 -51.66
CA ILE A 139 8.43 8.88 -52.89
C ILE A 139 7.24 7.93 -52.78
N GLY A 140 7.50 6.68 -52.41
CA GLY A 140 6.46 5.67 -52.38
C GLY A 140 5.80 5.42 -51.06
N VAL A 141 5.80 6.38 -50.13
CA VAL A 141 5.38 6.09 -48.77
C VAL A 141 3.87 5.96 -48.64
N SER A 142 3.11 6.70 -49.45
CA SER A 142 1.65 6.69 -49.48
C SER A 142 1.01 7.28 -48.23
N ASN A 143 1.80 7.69 -47.25
CA ASN A 143 1.32 8.45 -46.11
C ASN A 143 2.22 9.63 -45.88
N ARG A 144 2.72 10.23 -46.96
CA ARG A 144 3.64 11.35 -46.86
C ARG A 144 2.87 12.65 -46.96
N ASP A 145 3.41 13.69 -46.33
CA ASP A 145 2.78 14.99 -46.25
C ASP A 145 3.73 16.04 -46.77
N PHE A 146 3.18 17.00 -47.51
CA PHE A 146 3.97 18.06 -48.11
C PHE A 146 3.84 19.31 -47.24
N VAL A 147 4.96 19.82 -46.76
CA VAL A 147 4.98 21.06 -46.01
C VAL A 147 5.62 22.11 -46.90
N GLU A 148 4.80 22.97 -47.48
CA GLU A 148 5.24 23.90 -48.50
C GLU A 148 5.54 25.26 -47.88
N GLY A 149 6.63 25.86 -48.34
CA GLY A 149 6.93 27.24 -48.02
C GLY A 149 7.14 27.53 -46.54
N MET A 150 7.29 28.82 -46.23
CA MET A 150 7.44 29.29 -44.87
C MET A 150 7.04 30.76 -44.82
N SER A 151 6.27 31.14 -43.81
CA SER A 151 5.92 32.54 -43.63
C SER A 151 6.76 33.21 -42.55
N GLY A 152 7.27 32.45 -41.58
CA GLY A 152 8.29 32.97 -40.71
C GLY A 152 9.62 33.23 -41.39
N GLY A 153 9.76 32.83 -42.66
CA GLY A 153 10.96 33.07 -43.42
C GLY A 153 12.06 32.08 -43.13
N THR A 154 12.10 31.58 -41.89
CA THR A 154 13.20 30.73 -41.45
C THR A 154 12.74 29.31 -41.11
N TRP A 155 11.77 29.15 -40.22
CA TRP A 155 11.47 27.86 -39.63
C TRP A 155 10.05 27.43 -39.95
N VAL A 156 9.80 26.12 -39.80
CA VAL A 156 8.48 25.54 -39.98
C VAL A 156 8.28 24.44 -38.94
N ASP A 157 7.16 24.46 -38.23
CA ASP A 157 6.89 23.35 -37.34
C ASP A 157 6.47 22.12 -38.14
N VAL A 158 6.60 20.96 -37.52
CA VAL A 158 6.28 19.71 -38.20
C VAL A 158 6.13 18.63 -37.13
N VAL A 159 5.15 17.75 -37.33
CA VAL A 159 4.98 16.59 -36.48
C VAL A 159 5.35 15.35 -37.28
N LEU A 160 6.39 14.65 -36.84
CA LEU A 160 6.85 13.44 -37.49
C LEU A 160 6.19 12.24 -36.84
N GLU A 161 5.69 11.33 -37.65
CA GLU A 161 5.03 10.13 -37.16
C GLU A 161 5.74 8.91 -37.74
N HIS A 162 5.47 7.76 -37.13
CA HIS A 162 6.13 6.55 -37.60
C HIS A 162 5.58 6.08 -38.94
N GLY A 163 4.29 6.29 -39.18
CA GLY A 163 3.69 5.84 -40.42
C GLY A 163 4.31 6.44 -41.65
N GLY A 164 4.26 7.76 -41.77
CA GLY A 164 4.73 8.41 -42.99
C GLY A 164 5.86 9.38 -42.79
N CYS A 165 6.14 10.19 -43.81
CA CYS A 165 7.20 11.17 -43.71
C CYS A 165 6.76 12.48 -44.34
N VAL A 166 7.62 13.48 -44.21
CA VAL A 166 7.29 14.86 -44.55
C VAL A 166 8.30 15.35 -45.57
N THR A 167 7.82 15.89 -46.67
CA THR A 167 8.71 16.57 -47.62
C THR A 167 8.53 18.06 -47.42
N VAL A 168 9.58 18.71 -46.93
CA VAL A 168 9.58 20.13 -46.62
C VAL A 168 10.21 20.84 -47.81
N MET A 169 9.47 21.77 -48.41
CA MET A 169 9.93 22.46 -49.60
C MET A 169 9.80 23.96 -49.39
N ALA A 170 10.92 24.67 -49.52
CA ALA A 170 10.95 26.11 -49.39
C ALA A 170 10.99 26.74 -50.77
N GLN A 171 11.14 28.06 -50.82
CA GLN A 171 11.05 28.76 -52.10
C GLN A 171 12.34 28.62 -52.91
N ASP A 172 13.49 28.80 -52.29
CA ASP A 172 14.76 28.67 -53.00
C ASP A 172 15.71 27.77 -52.24
N LYS A 173 15.20 26.67 -51.72
CA LYS A 173 15.96 25.72 -50.95
C LYS A 173 15.60 24.32 -51.41
N PRO A 174 16.51 23.35 -51.26
CA PRO A 174 16.23 22.00 -51.71
C PRO A 174 15.16 21.32 -50.88
N THR A 175 14.29 20.57 -51.55
CA THR A 175 13.28 19.79 -50.86
C THR A 175 13.96 18.72 -50.03
N VAL A 176 13.51 18.55 -48.78
CA VAL A 176 14.10 17.58 -47.87
C VAL A 176 13.02 16.65 -47.36
N ASP A 177 13.27 15.35 -47.41
CA ASP A 177 12.34 14.36 -46.90
C ASP A 177 12.81 13.88 -45.53
N ILE A 178 11.95 14.01 -44.53
CA ILE A 178 12.29 13.73 -43.13
C ILE A 178 11.35 12.67 -42.62
N GLU A 179 11.90 11.65 -41.95
CA GLU A 179 11.09 10.57 -41.43
C GLU A 179 11.60 10.15 -40.07
N LEU A 180 10.69 9.75 -39.18
CA LEU A 180 11.04 9.14 -37.92
C LEU A 180 11.11 7.63 -38.12
N VAL A 181 12.20 7.00 -37.69
CA VAL A 181 12.47 5.61 -38.03
C VAL A 181 12.21 4.68 -36.84
N THR A 182 12.85 4.93 -35.69
CA THR A 182 12.70 4.09 -34.51
C THR A 182 12.68 4.96 -33.27
N THR A 183 12.06 4.45 -32.20
CA THR A 183 12.26 5.05 -30.87
C THR A 183 12.68 3.97 -29.89
N THR A 184 13.90 4.03 -29.40
CA THR A 184 14.37 3.05 -28.43
C THR A 184 14.28 3.62 -27.02
N VAL A 185 13.80 2.80 -26.10
CA VAL A 185 13.75 3.13 -24.68
C VAL A 185 14.85 2.34 -23.97
N SER A 186 15.49 2.97 -22.99
CA SER A 186 16.71 2.42 -22.41
C SER A 186 16.60 2.33 -20.90
N ASN A 187 17.28 1.31 -20.35
CA ASN A 187 17.39 1.06 -18.92
C ASN A 187 16.08 1.22 -18.17
N MET A 188 15.10 0.38 -18.50
CA MET A 188 13.84 0.37 -17.79
C MET A 188 13.98 -0.39 -16.47
N ALA A 189 13.11 -0.04 -15.51
CA ALA A 189 13.19 -0.56 -14.16
C ALA A 189 11.98 -1.46 -13.91
N GLU A 190 12.24 -2.69 -13.48
CA GLU A 190 11.19 -3.69 -13.35
C GLU A 190 10.19 -3.31 -12.27
N VAL A 191 8.93 -3.68 -12.48
CA VAL A 191 7.82 -3.37 -11.58
C VAL A 191 6.86 -4.55 -11.62
N ARG A 192 6.74 -5.28 -10.52
CA ARG A 192 5.60 -6.18 -10.34
C ARG A 192 5.43 -7.22 -11.44
N SER A 193 6.29 -8.23 -11.50
CA SER A 193 6.06 -9.33 -12.43
C SER A 193 4.92 -10.20 -11.94
N TYR A 194 3.95 -10.48 -12.82
CA TYR A 194 2.82 -11.34 -12.52
C TYR A 194 3.13 -12.78 -12.90
N CYS A 195 2.27 -13.70 -12.46
CA CYS A 195 2.44 -15.13 -12.71
C CYS A 195 1.23 -15.66 -13.45
N TYR A 196 1.43 -16.13 -14.67
CA TYR A 196 0.31 -16.60 -15.46
C TYR A 196 0.24 -18.11 -15.64
N GLU A 197 1.22 -18.87 -15.16
CA GLU A 197 1.12 -20.32 -15.17
C GLU A 197 1.63 -20.85 -13.83
N ALA A 198 0.73 -21.46 -13.07
CA ALA A 198 1.06 -21.97 -11.75
C ALA A 198 1.22 -23.47 -11.79
N SER A 199 1.86 -23.99 -10.75
CA SER A 199 2.01 -25.42 -10.53
C SER A 199 1.83 -25.65 -9.04
N ILE A 200 1.18 -26.76 -8.71
CA ILE A 200 0.88 -27.08 -7.32
C ILE A 200 1.63 -28.35 -6.95
N SER A 201 1.75 -28.59 -5.65
CA SER A 201 2.66 -29.60 -5.14
C SER A 201 2.03 -30.25 -3.93
N ASP A 202 2.82 -30.84 -3.04
CA ASP A 202 2.32 -31.85 -2.11
C ASP A 202 1.22 -31.26 -1.24
N MET A 203 -0.01 -31.62 -1.58
CA MET A 203 -1.16 -31.20 -0.79
C MET A 203 -1.18 -31.93 0.55
N ALA A 204 -1.79 -31.29 1.53
CA ALA A 204 -1.96 -31.88 2.85
C ALA A 204 -3.20 -31.28 3.47
N SER A 205 -3.67 -31.88 4.55
CA SER A 205 -4.89 -31.41 5.16
C SER A 205 -4.92 -31.79 6.63
N ASP A 206 -5.82 -31.14 7.36
CA ASP A 206 -5.96 -31.32 8.79
C ASP A 206 -7.44 -31.16 9.13
N SER A 207 -7.87 -31.82 10.19
CA SER A 207 -9.29 -31.86 10.49
C SER A 207 -9.51 -31.99 11.99
N ARG A 208 -10.64 -31.47 12.45
CA ARG A 208 -10.99 -31.43 13.86
C ARG A 208 -12.42 -31.89 14.06
N CYS A 209 -12.66 -32.59 15.16
CA CYS A 209 -13.99 -33.00 15.56
C CYS A 209 -14.92 -31.81 15.63
N PRO A 210 -16.22 -32.03 15.49
CA PRO A 210 -17.18 -30.92 15.46
C PRO A 210 -17.08 -29.91 16.60
N THR A 211 -16.68 -30.34 17.79
CA THR A 211 -16.53 -29.43 18.92
C THR A 211 -15.09 -29.51 19.40
N GLN A 212 -14.23 -28.78 18.71
CA GLN A 212 -12.81 -28.64 19.00
C GLN A 212 -12.46 -27.25 18.52
N GLY A 213 -11.20 -26.96 18.28
CA GLY A 213 -10.88 -25.65 17.77
C GLY A 213 -11.13 -25.58 16.28
N GLU A 214 -10.13 -25.13 15.54
CA GLU A 214 -10.16 -25.15 14.08
C GLU A 214 -8.94 -25.91 13.60
N ALA A 215 -9.05 -26.49 12.42
CA ALA A 215 -7.93 -27.23 11.88
C ALA A 215 -6.76 -26.29 11.63
N TYR A 216 -5.55 -26.76 11.93
CA TYR A 216 -4.35 -25.97 11.71
C TYR A 216 -3.25 -26.89 11.19
N LEU A 217 -2.83 -26.65 9.95
CA LEU A 217 -1.69 -27.33 9.38
C LEU A 217 -0.44 -26.53 9.67
N ASP A 218 0.64 -27.24 10.01
CA ASP A 218 1.89 -26.54 10.32
C ASP A 218 2.47 -25.83 9.11
N LYS A 219 1.90 -26.04 7.93
CA LYS A 219 2.33 -25.38 6.71
C LYS A 219 1.50 -24.16 6.40
N GLN A 220 0.72 -23.67 7.36
CA GLN A 220 0.11 -22.36 7.23
C GLN A 220 1.04 -21.24 7.66
N SER A 221 2.10 -21.58 8.40
CA SER A 221 3.13 -20.63 8.77
C SER A 221 4.21 -20.52 7.70
N ASP A 222 3.95 -21.04 6.51
CA ASP A 222 4.87 -20.99 5.40
C ASP A 222 4.23 -20.18 4.29
N THR A 223 4.95 -19.19 3.77
CA THR A 223 4.44 -18.29 2.75
C THR A 223 4.64 -18.82 1.35
N GLN A 224 4.76 -20.14 1.21
CA GLN A 224 4.85 -20.79 -0.08
C GLN A 224 3.68 -21.71 -0.34
N TYR A 225 2.72 -21.79 0.58
CA TYR A 225 1.59 -22.69 0.51
C TYR A 225 0.30 -21.90 0.44
N VAL A 226 -0.60 -22.32 -0.44
CA VAL A 226 -1.95 -21.81 -0.49
C VAL A 226 -2.81 -22.70 0.41
N CYS A 227 -3.53 -22.10 1.35
CA CYS A 227 -4.32 -22.84 2.31
C CYS A 227 -5.76 -22.32 2.31
N LYS A 228 -6.70 -23.24 2.49
CA LYS A 228 -8.11 -22.91 2.55
C LYS A 228 -8.79 -23.72 3.64
N ARG A 229 -9.71 -23.09 4.35
CA ARG A 229 -10.42 -23.69 5.46
C ARG A 229 -11.91 -23.77 5.17
N THR A 230 -12.51 -24.93 5.44
CA THR A 230 -13.93 -25.15 5.21
C THR A 230 -14.48 -26.03 6.31
N LEU A 231 -15.76 -26.39 6.18
CA LEU A 231 -16.45 -27.25 7.12
C LEU A 231 -16.87 -28.54 6.45
N VAL A 232 -16.76 -29.64 7.18
CA VAL A 232 -16.96 -30.97 6.66
C VAL A 232 -17.91 -31.72 7.60
N ASP A 233 -18.79 -32.53 7.04
CA ASP A 233 -19.63 -33.39 7.87
C ASP A 233 -18.77 -34.44 8.54
N ARG A 234 -18.86 -34.52 9.87
CA ARG A 234 -18.04 -35.46 10.61
C ARG A 234 -18.84 -36.04 11.76
N GLY A 235 -18.54 -37.30 12.09
CA GLY A 235 -18.94 -37.80 13.39
C GLY A 235 -19.32 -39.26 13.51
N TRP A 236 -18.71 -39.93 14.47
CA TRP A 236 -19.20 -41.19 15.03
C TRP A 236 -19.04 -42.33 14.04
N GLY A 237 -18.76 -42.01 12.79
CA GLY A 237 -18.35 -43.00 11.81
C GLY A 237 -16.90 -42.76 11.44
N ASN A 238 -16.56 -41.47 11.33
CA ASN A 238 -15.20 -41.07 10.99
C ASN A 238 -14.24 -41.16 12.15
N GLY A 239 -14.76 -41.19 13.38
CA GLY A 239 -13.90 -41.31 14.54
C GLY A 239 -13.92 -40.07 15.42
N CYS A 240 -15.03 -39.33 15.38
CA CYS A 240 -15.28 -38.20 16.27
C CYS A 240 -16.63 -38.41 16.91
N GLY A 241 -16.68 -38.51 18.24
CA GLY A 241 -17.99 -38.71 18.81
C GLY A 241 -18.68 -37.39 19.08
N LEU A 242 -19.36 -36.90 18.05
CA LEU A 242 -20.21 -35.71 18.02
C LEU A 242 -20.65 -35.61 16.57
N PHE A 243 -21.69 -34.87 16.26
CA PHE A 243 -22.23 -34.95 14.91
C PHE A 243 -22.28 -33.63 14.16
N GLY A 244 -21.70 -32.56 14.70
CA GLY A 244 -21.74 -31.29 13.98
C GLY A 244 -20.87 -31.27 12.75
N LYS A 245 -20.46 -30.07 12.34
CA LYS A 245 -19.54 -29.89 11.22
C LYS A 245 -18.15 -29.58 11.75
N GLY A 246 -17.17 -30.40 11.38
CA GLY A 246 -15.80 -30.15 11.74
C GLY A 246 -15.14 -29.19 10.77
N SER A 247 -13.93 -28.78 11.09
CA SER A 247 -13.21 -27.83 10.26
C SER A 247 -12.05 -28.54 9.58
N LEU A 248 -11.96 -28.34 8.26
CA LEU A 248 -10.91 -28.94 7.45
C LEU A 248 -10.05 -27.84 6.86
N VAL A 249 -8.74 -28.07 6.83
CA VAL A 249 -7.78 -27.16 6.24
C VAL A 249 -6.98 -27.92 5.21
N THR A 250 -6.91 -27.38 3.99
CA THR A 250 -6.11 -28.00 2.94
C THR A 250 -5.08 -27.00 2.43
N CYS A 251 -3.84 -27.45 2.29
CA CYS A 251 -2.74 -26.61 1.85
C CYS A 251 -2.01 -27.29 0.71
N ALA A 252 -1.52 -26.48 -0.23
CA ALA A 252 -0.81 -26.98 -1.39
C ALA A 252 0.32 -26.03 -1.74
N LYS A 253 1.50 -26.56 -2.04
CA LYS A 253 2.66 -25.72 -2.28
C LYS A 253 2.59 -25.09 -3.66
N PHE A 254 2.75 -23.78 -3.72
CA PHE A 254 2.57 -23.02 -4.95
C PHE A 254 3.93 -22.72 -5.56
N ALA A 255 4.06 -22.99 -6.86
CA ALA A 255 5.25 -22.67 -7.61
C ALA A 255 4.82 -22.05 -8.92
N CYS A 256 5.61 -21.13 -9.44
CA CYS A 256 5.22 -20.41 -10.65
C CYS A 256 6.19 -20.67 -11.78
N SER A 257 5.66 -21.13 -12.90
CA SER A 257 6.40 -21.15 -14.15
C SER A 257 5.83 -20.09 -15.07
N LYS A 258 6.70 -19.38 -15.77
CA LYS A 258 6.31 -18.43 -16.80
C LYS A 258 5.69 -17.15 -16.25
N LYS A 259 6.22 -16.56 -15.18
CA LYS A 259 5.90 -15.18 -14.85
C LYS A 259 6.06 -14.24 -16.04
N MET A 260 5.18 -13.24 -16.12
CA MET A 260 5.33 -12.12 -17.06
C MET A 260 5.66 -10.84 -16.29
N THR A 261 6.40 -9.92 -16.91
CA THR A 261 6.96 -8.81 -16.16
C THR A 261 6.76 -7.48 -16.88
N GLY A 262 6.41 -6.44 -16.12
CA GLY A 262 6.30 -5.10 -16.66
C GLY A 262 7.41 -4.21 -16.15
N LYS A 263 7.76 -3.19 -16.91
CA LYS A 263 8.85 -2.29 -16.56
C LYS A 263 8.42 -0.85 -16.79
N SER A 264 8.97 0.06 -16.01
CA SER A 264 8.53 1.45 -16.06
C SER A 264 9.39 2.24 -17.03
N ILE A 265 8.73 3.09 -17.82
CA ILE A 265 9.39 3.96 -18.78
C ILE A 265 9.36 5.37 -18.25
N GLN A 266 10.51 6.04 -18.28
CA GLN A 266 10.54 7.46 -17.95
C GLN A 266 10.80 8.27 -19.21
N PRO A 267 10.21 9.46 -19.34
CA PRO A 267 10.41 10.24 -20.58
C PRO A 267 11.84 10.64 -20.81
N GLU A 268 12.72 10.50 -19.82
CA GLU A 268 14.14 10.65 -20.03
C GLU A 268 14.72 9.34 -20.55
N ASN A 269 15.95 9.39 -21.04
CA ASN A 269 16.65 8.23 -21.59
C ASN A 269 15.79 7.49 -22.63
N LEU A 270 15.02 8.26 -23.40
CA LEU A 270 14.20 7.77 -24.49
C LEU A 270 14.65 8.48 -25.76
N GLU A 271 15.07 7.71 -26.76
CA GLU A 271 15.80 8.22 -27.89
C GLU A 271 15.03 8.02 -29.19
N TYR A 272 15.02 9.04 -30.05
CA TYR A 272 14.41 8.96 -31.36
C TYR A 272 15.48 9.06 -32.43
N ARG A 273 15.25 8.38 -33.54
CA ARG A 273 16.16 8.41 -34.69
C ARG A 273 15.40 8.96 -35.89
N ILE A 274 15.92 10.04 -36.46
CA ILE A 274 15.31 10.71 -37.59
C ILE A 274 16.23 10.56 -38.78
N MET A 275 15.69 10.09 -39.90
CA MET A 275 16.45 9.94 -41.13
C MET A 275 15.94 10.97 -42.12
N LEU A 276 16.84 11.76 -42.68
CA LEU A 276 16.43 12.74 -43.66
C LEU A 276 17.30 12.60 -44.89
N SER A 277 16.73 12.96 -46.04
CA SER A 277 17.44 12.87 -47.30
C SER A 277 17.06 14.07 -48.16
N VAL A 278 17.90 14.37 -49.13
CA VAL A 278 17.75 15.56 -49.95
C VAL A 278 17.44 15.10 -51.37
N HIS A 279 16.71 15.93 -52.10
CA HIS A 279 16.45 15.65 -53.50
C HIS A 279 17.66 16.05 -54.32
N GLY A 280 17.52 16.09 -55.65
CA GLY A 280 18.64 16.46 -56.49
C GLY A 280 19.12 15.41 -57.45
N SER A 281 20.29 14.83 -57.21
CA SER A 281 20.97 14.03 -58.20
C SER A 281 20.79 12.52 -58.02
N GLN A 282 20.13 12.09 -56.96
CA GLN A 282 20.09 10.66 -56.66
C GLN A 282 19.22 9.94 -57.68
N HIS A 283 19.76 8.88 -58.26
CA HIS A 283 18.97 8.04 -59.14
C HIS A 283 17.93 7.27 -58.32
N SER A 284 17.11 6.48 -59.02
CA SER A 284 16.03 5.76 -58.37
C SER A 284 16.50 4.87 -57.23
N GLY A 285 17.73 4.38 -57.31
CA GLY A 285 18.27 3.53 -56.27
C GLY A 285 18.41 4.24 -54.94
N ASP A 296 26.20 10.56 -46.97
CA ASP A 296 26.81 10.61 -48.29
C ASP A 296 26.44 11.88 -49.02
N GLU A 297 26.40 12.99 -48.29
CA GLU A 297 26.22 14.33 -48.82
C GLU A 297 24.78 14.56 -49.27
N ASN A 298 23.96 13.51 -49.25
CA ASN A 298 22.55 13.63 -49.56
C ASN A 298 21.66 13.03 -48.49
N ARG A 299 22.21 12.28 -47.54
CA ARG A 299 21.43 11.65 -46.49
C ARG A 299 22.05 11.99 -45.14
N ALA A 300 21.22 11.95 -44.10
CA ALA A 300 21.69 12.25 -42.76
C ALA A 300 20.85 11.51 -41.75
N LYS A 301 21.46 11.20 -40.61
CA LYS A 301 20.81 10.54 -39.49
C LYS A 301 21.01 11.40 -38.26
N VAL A 302 19.94 11.57 -37.49
CA VAL A 302 19.91 12.48 -36.35
C VAL A 302 19.35 11.73 -35.15
N GLU A 303 20.14 11.64 -34.09
CA GLU A 303 19.71 11.02 -32.84
C GLU A 303 19.29 12.12 -31.88
N ILE A 304 18.09 11.99 -31.32
CA ILE A 304 17.50 13.05 -30.50
C ILE A 304 17.00 12.45 -29.20
N THR A 305 17.54 12.94 -28.09
CA THR A 305 17.19 12.53 -26.74
C THR A 305 16.88 13.79 -25.95
N PRO A 306 16.08 13.69 -24.89
CA PRO A 306 15.76 14.89 -24.11
C PRO A 306 16.98 15.64 -23.60
N ASN A 307 18.12 14.97 -23.45
CA ASN A 307 19.34 15.68 -23.07
C ASN A 307 19.82 16.60 -24.19
N SER A 308 19.62 16.21 -25.44
CA SER A 308 20.06 16.99 -26.60
C SER A 308 18.90 17.03 -27.58
N PRO A 309 17.89 17.85 -27.31
CA PRO A 309 16.69 17.84 -28.15
C PRO A 309 16.87 18.51 -29.49
N ARG A 310 17.91 19.32 -29.65
CA ARG A 310 18.16 20.00 -30.92
C ARG A 310 19.41 19.44 -31.55
N ALA A 311 19.43 19.42 -32.87
CA ALA A 311 20.55 18.89 -33.63
C ALA A 311 20.62 19.62 -34.95
N GLU A 312 21.74 19.43 -35.65
CA GLU A 312 21.93 19.97 -36.99
C GLU A 312 22.41 18.85 -37.89
N ALA A 313 21.63 18.56 -38.93
CA ALA A 313 22.02 17.58 -39.94
C ALA A 313 22.84 18.31 -40.99
N THR A 314 24.12 17.94 -41.10
CA THR A 314 25.02 18.55 -42.08
C THR A 314 24.95 17.76 -43.37
N LEU A 315 24.46 18.41 -44.43
CA LEU A 315 24.42 17.84 -45.76
C LEU A 315 25.40 18.64 -46.60
N GLY A 316 26.56 18.05 -46.89
CA GLY A 316 27.61 18.77 -47.56
C GLY A 316 27.17 19.45 -48.83
N GLY A 317 27.57 20.71 -49.03
CA GLY A 317 27.22 21.41 -50.24
C GLY A 317 25.77 21.89 -50.26
N PHE A 318 24.92 21.27 -49.46
CA PHE A 318 23.56 21.75 -49.26
C PHE A 318 23.39 22.55 -47.99
N GLY A 319 24.40 22.59 -47.14
CA GLY A 319 24.32 23.32 -45.89
C GLY A 319 23.96 22.39 -44.75
N SER A 320 23.00 22.81 -43.93
CA SER A 320 22.62 22.03 -42.78
C SER A 320 21.21 22.41 -42.34
N LEU A 321 20.43 21.41 -41.99
CA LEU A 321 19.07 21.60 -41.51
C LEU A 321 19.08 21.52 -39.99
N GLY A 322 18.62 22.58 -39.32
CA GLY A 322 18.53 22.54 -37.87
C GLY A 322 17.17 22.03 -37.45
N LEU A 323 17.15 21.15 -36.44
CA LEU A 323 15.91 20.66 -35.88
C LEU A 323 15.92 20.90 -34.38
N ASP A 324 14.90 21.60 -33.88
CA ASP A 324 14.65 21.68 -32.44
C ASP A 324 13.41 20.88 -32.13
N CYS A 325 13.55 19.83 -31.35
CA CYS A 325 12.46 18.86 -31.24
C CYS A 325 12.04 18.74 -29.78
N GLU A 326 10.85 18.17 -29.59
CA GLU A 326 10.23 18.01 -28.28
C GLU A 326 10.13 16.53 -27.95
N PRO A 327 11.15 15.93 -27.36
CA PRO A 327 11.16 14.48 -27.17
C PRO A 327 10.34 13.99 -25.99
N ARG A 328 10.18 14.83 -24.98
CA ARG A 328 9.47 14.40 -23.78
C ARG A 328 7.98 14.24 -24.03
N THR A 329 7.33 15.28 -24.52
CA THR A 329 5.88 15.27 -24.66
C THR A 329 5.39 14.50 -25.88
N GLY A 330 6.24 13.64 -26.45
CA GLY A 330 5.86 12.91 -27.64
C GLY A 330 4.67 11.99 -27.51
N LEU A 331 4.79 10.87 -26.81
CA LEU A 331 3.71 9.90 -26.71
C LEU A 331 3.32 9.59 -25.28
N ASP A 332 3.65 10.46 -24.33
CA ASP A 332 3.07 10.35 -22.99
C ASP A 332 3.73 9.24 -22.16
N PHE A 333 4.98 8.88 -22.45
CA PHE A 333 5.54 7.74 -21.71
C PHE A 333 5.72 8.09 -20.25
N SER A 334 4.62 8.28 -19.56
CA SER A 334 4.61 8.29 -18.10
C SER A 334 3.40 7.55 -17.57
N ASP A 335 2.59 6.97 -18.46
CA ASP A 335 1.49 6.09 -18.10
C ASP A 335 1.66 4.74 -18.75
N LEU A 336 2.77 4.51 -19.44
CA LEU A 336 2.98 3.32 -20.25
C LEU A 336 4.12 2.50 -19.66
N TYR A 337 3.83 1.25 -19.33
CA TYR A 337 4.82 0.25 -19.00
C TYR A 337 5.21 -0.54 -20.25
N TYR A 338 6.33 -1.24 -20.14
CA TYR A 338 6.82 -2.14 -21.16
C TYR A 338 6.67 -3.55 -20.64
N LEU A 339 5.80 -4.35 -21.27
CA LEU A 339 5.40 -5.65 -20.75
C LEU A 339 6.05 -6.74 -21.59
N THR A 340 6.50 -7.81 -20.95
CA THR A 340 6.97 -8.98 -21.65
C THR A 340 6.38 -10.23 -21.04
N MET A 341 5.96 -11.17 -21.89
CA MET A 341 5.42 -12.44 -21.43
C MET A 341 6.34 -13.60 -21.73
N ASN A 342 6.63 -13.86 -23.00
CA ASN A 342 7.71 -14.79 -23.34
C ASN A 342 8.24 -14.38 -24.70
N ASN A 343 9.27 -13.54 -24.69
CA ASN A 343 9.89 -13.03 -25.91
C ASN A 343 8.89 -12.30 -26.80
N LYS A 344 7.80 -11.80 -26.22
CA LYS A 344 6.87 -10.92 -26.91
C LYS A 344 6.63 -9.71 -26.02
N HIS A 345 6.92 -8.52 -26.52
CA HIS A 345 6.89 -7.31 -25.71
C HIS A 345 5.83 -6.35 -26.22
N TRP A 346 5.16 -5.70 -25.29
CA TRP A 346 4.09 -4.75 -25.59
C TRP A 346 4.36 -3.44 -24.89
N LEU A 347 3.76 -2.39 -25.42
CA LEU A 347 3.63 -1.11 -24.74
C LEU A 347 2.22 -1.05 -24.17
N VAL A 348 2.12 -0.99 -22.86
CA VAL A 348 0.89 -1.25 -22.13
C VAL A 348 0.62 -0.05 -21.25
N HIS A 349 -0.65 0.22 -20.97
CA HIS A 349 -0.95 1.34 -20.09
C HIS A 349 -0.69 0.95 -18.65
N LYS A 350 -0.23 1.92 -17.86
CA LYS A 350 -0.41 1.81 -16.42
C LYS A 350 -1.89 1.68 -16.14
N GLU A 351 -2.23 1.38 -14.89
CA GLU A 351 -3.62 1.27 -14.46
C GLU A 351 -4.42 0.29 -15.30
N TRP A 352 -3.77 -0.41 -16.23
CA TRP A 352 -4.20 -1.72 -16.67
C TRP A 352 -3.27 -2.81 -16.19
N PHE A 353 -1.98 -2.51 -16.06
CA PHE A 353 -1.01 -3.44 -15.53
C PHE A 353 -1.07 -3.53 -14.01
N HIS A 354 -1.94 -2.77 -13.39
CA HIS A 354 -2.11 -2.85 -11.95
C HIS A 354 -3.44 -3.43 -11.53
N ASP A 355 -4.46 -3.36 -12.36
CA ASP A 355 -5.72 -4.05 -12.08
C ASP A 355 -5.77 -5.41 -12.77
N ILE A 356 -4.76 -6.25 -12.61
CA ILE A 356 -4.75 -7.59 -13.17
C ILE A 356 -4.85 -8.58 -12.01
N PRO A 357 -5.77 -9.52 -12.04
CA PRO A 357 -5.93 -10.48 -10.94
C PRO A 357 -5.06 -11.74 -11.05
N LEU A 358 -3.76 -11.59 -10.80
CA LEU A 358 -2.84 -12.71 -10.88
C LEU A 358 -1.80 -12.59 -9.78
N PRO A 359 -1.27 -13.71 -9.29
CA PRO A 359 -0.27 -13.65 -8.23
C PRO A 359 0.94 -12.83 -8.66
N TRP A 360 1.25 -11.79 -7.90
CA TRP A 360 2.23 -10.81 -8.31
C TRP A 360 3.36 -10.70 -7.31
N HIS A 361 4.59 -10.74 -7.80
CA HIS A 361 5.72 -10.28 -7.01
C HIS A 361 5.80 -8.77 -7.14
N ALA A 362 6.81 -8.16 -6.53
CA ALA A 362 6.84 -6.72 -6.33
C ALA A 362 8.20 -6.13 -6.63
N GLY A 363 8.78 -6.50 -7.76
CA GLY A 363 10.01 -5.85 -8.15
C GLY A 363 11.23 -6.74 -8.09
N ALA A 364 12.07 -6.52 -7.07
CA ALA A 364 13.35 -7.21 -6.97
C ALA A 364 13.12 -8.66 -6.56
N ASP A 365 13.16 -9.56 -7.53
CA ASP A 365 13.22 -10.98 -7.25
C ASP A 365 14.66 -11.34 -6.93
N THR A 366 14.91 -11.72 -5.68
CA THR A 366 16.27 -11.97 -5.23
C THR A 366 16.51 -13.44 -4.91
N GLY A 367 15.76 -14.01 -3.97
CA GLY A 367 15.96 -15.40 -3.60
C GLY A 367 14.77 -16.28 -3.90
N THR A 368 14.11 -16.74 -2.85
CA THR A 368 12.88 -17.52 -3.00
C THR A 368 11.75 -16.57 -3.33
N PRO A 369 11.15 -16.66 -4.52
CA PRO A 369 10.13 -15.67 -4.89
C PRO A 369 8.89 -15.84 -4.03
N HIS A 370 8.24 -14.73 -3.76
CA HIS A 370 7.10 -14.67 -2.85
C HIS A 370 5.95 -14.04 -3.60
N TRP A 371 4.98 -14.86 -4.00
CA TRP A 371 3.84 -14.40 -4.78
C TRP A 371 2.72 -13.97 -3.84
N ASN A 372 2.15 -12.80 -4.10
CA ASN A 372 1.30 -12.16 -3.10
C ASN A 372 -0.13 -12.66 -3.13
N ASN A 373 -0.72 -12.79 -4.32
CA ASN A 373 -2.12 -13.19 -4.34
C ASN A 373 -2.27 -14.69 -4.27
N LYS A 374 -1.41 -15.44 -4.96
CA LYS A 374 -1.16 -16.84 -4.67
C LYS A 374 -2.40 -17.67 -4.96
N GLU A 375 -3.50 -16.99 -5.23
CA GLU A 375 -4.75 -17.53 -5.72
C GLU A 375 -5.03 -16.87 -7.05
N ALA A 376 -6.22 -17.07 -7.57
CA ALA A 376 -6.58 -16.62 -8.91
C ALA A 376 -5.91 -17.57 -9.89
N LEU A 377 -5.19 -18.53 -9.35
CA LEU A 377 -4.75 -19.70 -10.09
C LEU A 377 -4.95 -20.97 -9.30
N VAL A 378 -5.56 -20.90 -8.13
CA VAL A 378 -5.86 -22.08 -7.31
C VAL A 378 -7.34 -22.08 -6.99
N GLU A 379 -8.02 -23.17 -7.32
CA GLU A 379 -9.44 -23.37 -7.04
C GLU A 379 -9.60 -24.48 -6.01
N PHE A 380 -10.31 -24.17 -4.92
CA PHE A 380 -10.53 -25.10 -3.81
C PHE A 380 -11.95 -25.66 -3.92
N LYS A 381 -12.07 -26.80 -4.58
CA LYS A 381 -13.36 -27.47 -4.61
C LYS A 381 -13.52 -28.34 -3.38
N ASP A 382 -14.76 -28.77 -3.12
CA ASP A 382 -14.99 -29.77 -2.09
C ASP A 382 -16.04 -30.76 -2.55
N ALA A 383 -15.81 -32.03 -2.22
CA ALA A 383 -16.72 -33.11 -2.60
C ALA A 383 -17.96 -33.02 -1.73
N HIS A 384 -18.75 -34.10 -1.68
CA HIS A 384 -20.05 -34.05 -1.00
C HIS A 384 -19.82 -33.95 0.49
N ALA A 385 -19.46 -32.74 0.93
CA ALA A 385 -19.31 -32.34 2.33
C ALA A 385 -18.34 -33.20 3.10
N LYS A 386 -17.47 -33.96 2.43
CA LYS A 386 -16.56 -34.84 3.15
C LYS A 386 -15.17 -34.85 2.55
N ARG A 387 -14.78 -33.79 1.85
CA ARG A 387 -13.45 -33.75 1.25
C ARG A 387 -13.15 -32.33 0.81
N GLN A 388 -11.91 -32.13 0.37
CA GLN A 388 -11.52 -30.87 -0.26
C GLN A 388 -10.37 -31.16 -1.23
N THR A 389 -10.40 -30.47 -2.36
CA THR A 389 -9.44 -30.69 -3.42
C THR A 389 -8.95 -29.36 -3.97
N VAL A 390 -7.70 -29.35 -4.42
CA VAL A 390 -7.03 -28.15 -4.90
C VAL A 390 -6.65 -28.39 -6.34
N VAL A 391 -7.08 -27.51 -7.24
CA VAL A 391 -6.69 -27.58 -8.64
C VAL A 391 -6.14 -26.23 -9.06
N VAL A 392 -5.39 -26.22 -10.16
CA VAL A 392 -4.77 -25.02 -10.67
C VAL A 392 -5.45 -24.63 -11.98
N LEU A 393 -5.53 -23.33 -12.24
CA LEU A 393 -6.13 -22.83 -13.46
C LEU A 393 -5.10 -22.80 -14.61
N GLY A 394 -5.62 -22.87 -15.82
CA GLY A 394 -4.83 -23.21 -16.99
C GLY A 394 -4.11 -22.12 -17.74
N SER A 395 -2.97 -21.69 -17.22
CA SER A 395 -1.90 -21.12 -18.03
C SER A 395 -2.15 -19.73 -18.61
N GLN A 396 -3.38 -19.22 -18.57
CA GLN A 396 -3.64 -17.79 -18.49
C GLN A 396 -2.93 -16.93 -19.53
N GLU A 397 -2.18 -17.52 -20.44
CA GLU A 397 -1.44 -16.74 -21.43
C GLU A 397 -2.31 -16.37 -22.62
N GLY A 398 -3.40 -17.08 -22.83
CA GLY A 398 -4.25 -16.77 -23.95
C GLY A 398 -5.36 -15.85 -23.49
N ALA A 399 -5.59 -15.80 -22.18
CA ALA A 399 -6.53 -14.83 -21.62
C ALA A 399 -5.91 -13.45 -21.59
N VAL A 400 -4.61 -13.36 -21.32
CA VAL A 400 -3.95 -12.05 -21.32
C VAL A 400 -3.81 -11.53 -22.74
N HIS A 401 -3.54 -12.42 -23.69
CA HIS A 401 -3.41 -11.99 -25.09
C HIS A 401 -4.68 -11.31 -25.58
N THR A 402 -5.84 -11.73 -25.09
CA THR A 402 -7.07 -11.03 -25.46
C THR A 402 -7.37 -9.87 -24.53
N ALA A 403 -6.89 -9.92 -23.28
CA ALA A 403 -6.99 -8.75 -22.42
C ALA A 403 -6.22 -7.58 -23.01
N LEU A 404 -5.07 -7.86 -23.63
CA LEU A 404 -4.37 -6.86 -24.43
C LEU A 404 -5.11 -6.65 -25.74
N ALA A 405 -5.63 -5.46 -25.95
CA ALA A 405 -6.26 -5.13 -27.22
C ALA A 405 -6.30 -3.62 -27.28
N GLY A 406 -5.53 -3.04 -28.18
CA GLY A 406 -5.23 -1.63 -28.06
C GLY A 406 -3.93 -1.35 -27.36
N ALA A 407 -3.10 -2.36 -27.12
CA ALA A 407 -1.79 -2.20 -26.53
C ALA A 407 -0.76 -2.42 -27.62
N LEU A 408 0.19 -1.50 -27.74
CA LEU A 408 1.04 -1.53 -28.91
C LEU A 408 2.02 -2.68 -28.82
N GLU A 409 2.41 -3.20 -29.97
CA GLU A 409 3.50 -4.15 -30.01
C GLU A 409 4.83 -3.40 -29.94
N ALA A 410 5.84 -4.07 -29.41
CA ALA A 410 7.19 -3.52 -29.40
C ALA A 410 8.17 -4.66 -29.59
N GLU A 411 9.39 -4.32 -29.94
CA GLU A 411 10.44 -5.32 -30.01
C GLU A 411 11.53 -4.94 -29.03
N MET A 412 12.55 -5.78 -28.91
CA MET A 412 13.61 -5.51 -27.96
C MET A 412 14.93 -5.98 -28.52
N ASP A 413 15.94 -5.12 -28.44
CA ASP A 413 17.32 -5.48 -28.74
C ASP A 413 18.12 -5.33 -27.45
N GLY A 414 18.58 -6.44 -26.91
CA GLY A 414 19.33 -6.40 -25.67
C GLY A 414 18.56 -5.73 -24.56
N ALA A 415 19.19 -4.74 -23.93
CA ALA A 415 18.59 -4.00 -22.83
C ALA A 415 17.65 -2.90 -23.28
N LYS A 416 17.51 -2.66 -24.58
CA LYS A 416 16.73 -1.54 -25.09
C LYS A 416 15.48 -2.05 -25.78
N GLY A 417 14.42 -1.27 -25.70
CA GLY A 417 13.16 -1.65 -26.32
C GLY A 417 12.78 -0.73 -27.46
N ARG A 418 12.60 -1.30 -28.64
CA ARG A 418 12.31 -0.52 -29.83
C ARG A 418 10.80 -0.43 -30.03
N LEU A 419 10.29 0.79 -30.07
CA LEU A 419 8.92 1.09 -30.47
C LEU A 419 8.90 1.58 -31.90
N SER A 420 7.91 1.10 -32.65
CA SER A 420 7.64 1.48 -34.01
C SER A 420 6.31 2.22 -34.15
N SER A 421 5.88 2.94 -33.12
CA SER A 421 4.68 3.74 -33.20
C SER A 421 4.76 4.87 -32.17
N GLY A 422 4.90 6.09 -32.64
CA GLY A 422 4.90 7.25 -31.78
C GLY A 422 4.70 8.48 -32.63
N HIS A 423 5.11 9.63 -32.08
CA HIS A 423 5.17 10.86 -32.86
C HIS A 423 6.00 11.91 -32.16
N LEU A 424 6.98 12.46 -32.85
CA LEU A 424 7.84 13.52 -32.34
C LEU A 424 7.42 14.84 -32.99
N LYS A 425 7.74 15.95 -32.34
CA LYS A 425 7.41 17.26 -32.89
C LYS A 425 8.68 18.08 -33.02
N CYS A 426 9.01 18.48 -34.24
CA CYS A 426 10.24 19.19 -34.52
C CYS A 426 9.94 20.50 -35.23
N ARG A 427 10.64 21.55 -34.82
CA ARG A 427 10.69 22.79 -35.58
C ARG A 427 11.94 22.77 -36.46
N LEU A 428 11.75 22.95 -37.76
CA LEU A 428 12.81 22.82 -38.74
C LEU A 428 13.26 24.21 -39.13
N LYS A 429 14.50 24.54 -38.77
CA LYS A 429 15.15 25.78 -39.17
C LYS A 429 15.96 25.51 -40.43
N MET A 430 15.39 25.87 -41.57
CA MET A 430 16.08 25.82 -42.84
C MET A 430 16.51 27.24 -43.23
N ASP A 431 17.53 27.74 -42.55
CA ASP A 431 18.14 29.02 -42.89
C ASP A 431 19.62 28.88 -43.21
N LYS A 432 20.18 27.68 -43.10
CA LYS A 432 21.51 27.40 -43.63
C LYS A 432 21.46 26.39 -44.76
N LEU A 433 20.27 26.15 -45.32
CA LEU A 433 20.10 25.28 -46.46
C LEU A 433 20.32 26.08 -47.74
N ARG A 434 21.19 25.58 -48.61
CA ARG A 434 21.50 26.24 -49.86
C ARG A 434 21.13 25.34 -51.03
N LEU A 435 21.16 25.91 -52.23
CA LEU A 435 20.99 25.16 -53.46
C LEU A 435 22.36 24.92 -54.06
N LYS A 436 22.75 23.65 -54.17
CA LYS A 436 24.06 23.31 -54.69
C LYS A 436 24.20 23.61 -56.16
N GLY A 437 23.09 23.55 -56.91
CA GLY A 437 23.18 23.51 -58.35
C GLY A 437 23.22 24.84 -59.06
N VAL A 438 22.82 25.93 -58.41
CA VAL A 438 22.80 27.21 -59.11
C VAL A 438 24.20 27.56 -59.59
N SER A 439 24.26 28.42 -60.61
CA SER A 439 25.52 28.83 -61.24
C SER A 439 26.17 27.66 -61.98
N TYR A 440 25.35 26.77 -62.53
CA TYR A 440 25.78 25.71 -63.41
C TYR A 440 25.28 26.00 -64.82
N SER A 441 26.09 25.67 -65.81
CA SER A 441 25.65 25.82 -67.19
C SER A 441 24.63 24.74 -67.51
N LEU A 442 23.70 25.06 -68.40
CA LEU A 442 22.65 24.11 -68.79
C LEU A 442 23.24 22.94 -69.55
N CYS A 443 22.66 21.75 -69.35
CA CYS A 443 23.08 20.55 -70.07
C CYS A 443 22.44 20.53 -71.44
N THR A 444 23.26 20.51 -72.48
CA THR A 444 22.77 20.42 -73.85
C THR A 444 23.52 19.30 -74.57
N ALA A 445 23.14 18.06 -74.31
CA ALA A 445 23.55 17.00 -75.22
C ALA A 445 22.35 16.20 -75.74
N ALA A 446 21.68 15.50 -74.83
CA ALA A 446 20.46 14.73 -75.08
C ALA A 446 20.05 14.08 -73.78
N PHE A 447 18.78 13.72 -73.68
CA PHE A 447 18.23 13.05 -72.51
C PHE A 447 17.37 11.91 -72.99
N THR A 448 17.42 10.77 -72.31
CA THR A 448 16.52 9.66 -72.60
C THR A 448 15.85 9.18 -71.34
N PHE A 449 14.53 9.04 -71.37
CA PHE A 449 13.85 8.37 -70.28
C PHE A 449 14.36 6.94 -70.15
N THR A 450 14.67 6.54 -68.92
CA THR A 450 15.21 5.22 -68.69
C THR A 450 14.25 4.26 -68.03
N LYS A 451 13.31 4.74 -67.22
CA LYS A 451 12.36 3.78 -66.69
C LYS A 451 10.98 4.04 -67.26
N ILE A 452 10.34 5.12 -66.83
CA ILE A 452 9.16 5.72 -67.43
C ILE A 452 8.77 6.82 -66.45
N PRO A 453 7.92 7.78 -66.81
CA PRO A 453 7.33 8.63 -65.77
C PRO A 453 6.28 7.86 -64.99
N ALA A 454 6.43 7.80 -63.69
CA ALA A 454 5.49 7.10 -62.81
C ALA A 454 4.73 8.08 -61.94
N GLU A 455 3.57 7.68 -61.47
CA GLU A 455 2.72 8.53 -60.65
C GLU A 455 2.65 7.97 -59.24
N THR A 456 3.03 8.77 -58.25
CA THR A 456 2.89 8.36 -56.88
C THR A 456 1.42 8.35 -56.48
N LEU A 457 1.15 7.99 -55.24
CA LEU A 457 -0.24 7.91 -54.79
C LEU A 457 -0.88 9.27 -54.57
N HIS A 458 -0.10 10.35 -54.60
CA HIS A 458 -0.61 11.69 -54.31
C HIS A 458 -0.72 12.57 -55.54
N GLY A 459 -0.32 12.09 -56.71
CA GLY A 459 -0.43 12.83 -57.95
C GLY A 459 0.90 13.23 -58.55
N THR A 460 1.95 13.30 -57.75
CA THR A 460 3.25 13.69 -58.26
C THR A 460 3.78 12.66 -59.25
N VAL A 461 4.75 13.08 -60.05
CA VAL A 461 5.30 12.28 -61.13
C VAL A 461 6.80 12.19 -60.93
N THR A 462 7.30 10.98 -60.78
CA THR A 462 8.73 10.76 -60.72
C THR A 462 9.22 10.39 -62.11
N VAL A 463 10.37 10.96 -62.50
CA VAL A 463 10.93 10.81 -63.83
C VAL A 463 12.40 10.49 -63.67
N GLU A 464 12.85 9.41 -64.28
CA GLU A 464 14.26 9.05 -64.26
C GLU A 464 14.84 9.23 -65.65
N VAL A 465 15.93 10.00 -65.74
CA VAL A 465 16.50 10.41 -67.00
C VAL A 465 17.94 9.94 -67.06
N GLN A 466 18.42 9.74 -68.28
CA GLN A 466 19.81 9.41 -68.54
C GLN A 466 20.39 10.45 -69.50
N TYR A 467 21.57 10.95 -69.15
CA TYR A 467 22.25 11.98 -69.92
C TYR A 467 23.41 11.36 -70.70
N ALA A 468 23.55 11.79 -71.95
CA ALA A 468 24.48 11.22 -72.91
C ALA A 468 25.80 11.96 -72.99
N GLY A 469 25.81 13.28 -72.81
CA GLY A 469 27.01 14.06 -73.03
C GLY A 469 27.87 14.17 -71.78
N THR A 470 29.18 14.21 -71.99
CA THR A 470 30.11 14.54 -70.93
C THR A 470 30.24 16.05 -70.82
N ASP A 471 29.49 16.65 -69.91
CA ASP A 471 29.57 18.09 -69.67
C ASP A 471 30.15 18.40 -68.30
N GLY A 472 29.73 17.68 -67.27
CA GLY A 472 30.27 17.85 -65.95
C GLY A 472 29.14 18.02 -64.95
N PRO A 473 29.41 18.66 -63.83
CA PRO A 473 28.31 19.16 -63.01
C PRO A 473 27.52 20.16 -63.84
N CYS A 474 26.21 19.93 -63.94
CA CYS A 474 25.44 20.63 -64.95
C CYS A 474 23.96 20.63 -64.56
N LYS A 475 23.26 21.69 -64.93
CA LYS A 475 21.88 21.91 -64.53
C LYS A 475 20.93 21.36 -65.60
N VAL A 476 19.96 20.57 -65.15
CA VAL A 476 19.04 19.88 -66.06
C VAL A 476 17.86 20.80 -66.39
N PRO A 477 17.56 21.03 -67.66
CA PRO A 477 16.32 21.74 -68.00
C PRO A 477 15.15 20.77 -68.01
N ALA A 478 14.10 21.12 -67.28
CA ALA A 478 12.95 20.24 -67.17
C ALA A 478 11.74 21.06 -66.75
N GLN A 479 10.58 20.74 -67.32
CA GLN A 479 9.37 21.47 -66.98
C GLN A 479 8.16 20.67 -67.41
N MET A 480 6.99 21.14 -66.98
CA MET A 480 5.70 20.69 -67.47
C MET A 480 5.15 21.77 -68.38
N ALA A 481 4.59 21.37 -69.51
CA ALA A 481 4.11 22.34 -70.48
C ALA A 481 2.78 21.90 -71.07
N VAL A 482 2.06 22.87 -71.61
CA VAL A 482 0.94 22.63 -72.51
C VAL A 482 1.17 23.53 -73.73
N ASP A 483 0.63 23.12 -74.88
CA ASP A 483 0.75 23.91 -76.09
C ASP A 483 2.22 24.14 -76.45
N MET A 484 2.86 23.04 -76.85
CA MET A 484 4.29 22.98 -77.08
C MET A 484 4.83 24.08 -77.99
N GLN A 485 3.97 24.91 -78.59
CA GLN A 485 4.50 26.08 -79.31
C GLN A 485 4.96 27.14 -78.33
N THR A 486 4.12 27.49 -77.36
CA THR A 486 4.47 28.40 -76.28
C THR A 486 4.79 27.57 -75.06
N LEU A 487 6.08 27.39 -74.79
CA LEU A 487 6.49 26.56 -73.65
C LEU A 487 6.43 27.44 -72.42
N THR A 488 5.27 27.44 -71.76
CA THR A 488 5.07 28.25 -70.58
C THR A 488 4.99 27.34 -69.36
N PRO A 489 5.85 27.51 -68.38
CA PRO A 489 5.93 26.53 -67.29
C PRO A 489 4.66 26.47 -66.47
N VAL A 490 3.94 25.36 -66.59
CA VAL A 490 2.76 25.12 -65.77
C VAL A 490 3.12 24.07 -64.72
N GLY A 491 2.33 24.02 -63.68
CA GLY A 491 2.60 23.09 -62.62
C GLY A 491 3.82 23.52 -61.80
N ARG A 492 4.19 22.67 -60.86
CA ARG A 492 5.33 22.93 -60.00
C ARG A 492 6.21 21.70 -59.96
N LEU A 493 7.52 21.91 -59.84
CA LEU A 493 8.44 20.80 -59.78
C LEU A 493 8.95 20.62 -58.35
N ILE A 494 8.73 19.43 -57.81
CA ILE A 494 9.14 19.12 -56.49
C ILE A 494 10.59 19.01 -56.20
N THR A 495 11.39 18.53 -57.14
CA THR A 495 12.82 18.56 -56.89
C THR A 495 13.10 20.06 -56.85
N ALA A 496 13.90 20.51 -55.88
CA ALA A 496 14.19 21.94 -55.75
C ALA A 496 14.93 22.50 -56.96
N ASN A 497 15.87 21.71 -57.45
CA ASN A 497 16.70 22.05 -58.58
C ASN A 497 17.26 20.73 -59.07
N PRO A 498 17.08 20.40 -60.35
CA PRO A 498 17.72 19.18 -60.68
C PRO A 498 18.97 19.48 -61.37
N VAL A 499 20.00 18.75 -61.07
CA VAL A 499 21.38 18.91 -61.52
C VAL A 499 21.99 17.55 -61.76
N ILE A 500 22.72 17.42 -62.87
CA ILE A 500 23.52 16.23 -63.13
C ILE A 500 24.93 16.46 -62.59
N THR A 501 25.38 15.58 -61.72
CA THR A 501 26.54 15.82 -60.87
C THR A 501 27.79 15.07 -61.29
N GLU A 502 27.71 14.19 -62.29
CA GLU A 502 28.88 13.44 -62.71
C GLU A 502 29.31 13.88 -64.09
N SER A 503 30.56 13.56 -64.44
CA SER A 503 31.08 13.83 -65.78
C SER A 503 31.55 12.50 -66.35
N THR A 504 30.59 11.71 -66.81
CA THR A 504 30.81 10.47 -67.54
C THR A 504 29.88 10.49 -68.75
N GLU A 505 29.88 9.41 -69.51
CA GLU A 505 29.08 9.40 -70.73
C GLU A 505 27.59 9.38 -70.43
N ASN A 506 27.12 8.32 -69.77
CA ASN A 506 25.68 8.11 -69.59
C ASN A 506 25.35 8.16 -68.10
N SER A 507 25.12 9.35 -67.59
CA SER A 507 24.78 9.49 -66.18
C SER A 507 23.28 9.31 -65.99
N LYS A 508 22.88 9.08 -64.74
CA LYS A 508 21.47 8.87 -64.41
C LYS A 508 21.04 9.84 -63.32
N MET A 509 19.80 10.29 -63.40
CA MET A 509 19.26 11.17 -62.37
C MET A 509 17.76 10.92 -62.24
N MET A 510 17.21 11.27 -61.10
CA MET A 510 15.78 11.16 -60.89
C MET A 510 15.25 12.47 -60.32
N LEU A 511 14.18 12.98 -60.92
CA LEU A 511 13.50 14.14 -60.38
C LEU A 511 12.03 13.80 -60.18
N GLU A 512 11.33 14.68 -59.49
CA GLU A 512 9.88 14.53 -59.35
C GLU A 512 9.24 15.90 -59.48
N LEU A 513 8.02 15.91 -59.99
CA LEU A 513 7.35 17.17 -60.29
C LEU A 513 5.85 17.02 -60.05
N ASP A 514 5.20 18.16 -59.83
CA ASP A 514 3.78 18.22 -59.51
C ASP A 514 3.00 18.76 -60.71
N PRO A 515 2.37 17.90 -61.51
CA PRO A 515 1.79 18.35 -62.76
C PRO A 515 0.44 19.00 -62.54
N PRO A 516 -0.04 19.81 -63.49
CA PRO A 516 -1.41 20.31 -63.42
C PRO A 516 -2.40 19.19 -63.66
N PHE A 517 -3.68 19.53 -63.59
CA PHE A 517 -4.71 18.50 -63.63
C PHE A 517 -5.10 18.10 -65.05
N GLY A 518 -5.00 19.01 -66.01
CA GLY A 518 -5.30 18.65 -67.38
C GLY A 518 -4.26 17.71 -67.96
N ASP A 519 -4.43 17.41 -69.24
CA ASP A 519 -3.35 16.78 -69.98
C ASP A 519 -2.17 17.74 -70.07
N SER A 520 -0.96 17.20 -69.99
CA SER A 520 0.24 18.02 -70.05
C SER A 520 1.38 17.21 -70.63
N TYR A 521 2.51 17.88 -70.85
CA TYR A 521 3.68 17.27 -71.45
C TYR A 521 4.87 17.52 -70.55
N ILE A 522 5.54 16.45 -70.13
CA ILE A 522 6.79 16.57 -69.41
C ILE A 522 7.88 16.81 -70.46
N VAL A 523 8.47 18.00 -70.46
CA VAL A 523 9.46 18.40 -71.45
C VAL A 523 10.81 18.45 -70.77
N ILE A 524 11.74 17.62 -71.24
CA ILE A 524 13.09 17.57 -70.69
C ILE A 524 14.06 17.66 -71.86
N GLY A 525 14.90 18.68 -71.84
CA GLY A 525 15.82 18.94 -72.93
C GLY A 525 15.89 20.42 -73.20
N VAL A 526 16.62 20.79 -74.24
CA VAL A 526 16.85 22.20 -74.52
C VAL A 526 16.23 22.60 -75.85
N GLY A 527 16.72 22.01 -76.94
CA GLY A 527 16.19 22.37 -78.24
C GLY A 527 16.48 21.34 -79.31
N GLU A 528 15.44 20.94 -80.05
CA GLU A 528 15.56 20.01 -81.17
C GLU A 528 15.92 18.62 -80.67
N LYS A 529 16.14 18.48 -79.37
CA LYS A 529 16.44 17.19 -78.75
C LYS A 529 15.72 17.07 -77.41
N LYS A 530 14.60 17.75 -77.26
CA LYS A 530 13.85 17.74 -76.00
C LYS A 530 12.84 16.60 -76.04
N ILE A 531 13.02 15.61 -75.17
CA ILE A 531 12.07 14.53 -75.06
C ILE A 531 10.83 15.02 -74.33
N THR A 532 9.66 14.67 -74.85
CA THR A 532 8.38 15.00 -74.23
C THR A 532 7.62 13.71 -73.96
N HIS A 533 7.08 13.60 -72.75
CA HIS A 533 6.22 12.49 -72.37
C HIS A 533 4.83 13.04 -72.09
N HIS A 534 3.81 12.28 -72.45
CA HIS A 534 2.43 12.73 -72.24
C HIS A 534 1.96 12.31 -70.87
N TRP A 535 1.36 13.24 -70.13
CA TRP A 535 0.89 12.97 -68.79
C TRP A 535 -0.56 13.40 -68.64
N HIS A 536 -1.29 12.68 -67.79
CA HIS A 536 -2.70 12.95 -67.53
C HIS A 536 -2.95 12.79 -66.04
N ARG A 537 -3.35 13.87 -65.37
CA ARG A 537 -3.67 13.86 -63.95
C ARG A 537 -5.19 13.85 -63.77
N SER A 538 -5.66 13.15 -62.74
CA SER A 538 -7.06 12.77 -62.68
C SER A 538 -8.04 13.85 -62.22
N GLY A 539 -7.93 14.28 -60.97
CA GLY A 539 -9.05 14.90 -60.26
C GLY A 539 -8.88 16.40 -60.05
N SER A 540 -10.00 17.13 -60.19
CA SER A 540 -10.01 18.58 -60.08
C SER A 540 -9.60 19.04 -58.68
N THR A 541 -9.43 20.37 -58.55
CA THR A 541 -8.99 20.96 -57.29
C THR A 541 -9.96 20.68 -56.14
N ILE A 542 -11.25 20.53 -56.45
CA ILE A 542 -12.23 20.31 -55.39
C ILE A 542 -11.97 18.99 -54.69
N GLY A 543 -11.69 17.93 -55.45
CA GLY A 543 -11.31 16.68 -54.85
C GLY A 543 -10.03 16.79 -54.03
N LYS A 544 -9.10 17.63 -54.47
CA LYS A 544 -7.87 17.83 -53.70
C LYS A 544 -8.17 18.49 -52.36
N ALA A 545 -9.04 19.49 -52.33
CA ALA A 545 -9.40 20.12 -51.07
C ALA A 545 -10.16 19.16 -50.17
N PHE A 546 -11.03 18.33 -50.74
CA PHE A 546 -11.73 17.35 -49.92
C PHE A 546 -10.77 16.34 -49.31
N GLU A 547 -9.81 15.85 -50.11
CA GLU A 547 -8.83 14.92 -49.58
C GLU A 547 -7.95 15.58 -48.53
N ALA A 548 -7.64 16.87 -48.71
CA ALA A 548 -6.87 17.57 -47.70
C ALA A 548 -7.63 17.66 -46.40
N THR A 549 -8.93 17.94 -46.45
CA THR A 549 -9.72 18.00 -45.22
C THR A 549 -9.83 16.62 -44.58
N VAL A 550 -9.92 15.57 -45.38
CA VAL A 550 -9.98 14.22 -44.80
C VAL A 550 -8.66 13.87 -44.13
N ARG A 551 -7.53 14.21 -44.75
CA ARG A 551 -6.24 13.99 -44.12
C ARG A 551 -6.11 14.79 -42.83
N GLY A 552 -6.56 16.04 -42.84
CA GLY A 552 -6.50 16.83 -41.63
C GLY A 552 -7.36 16.26 -40.52
N ALA A 553 -8.54 15.76 -40.87
CA ALA A 553 -9.41 15.15 -39.87
C ALA A 553 -8.78 13.89 -39.29
N LYS A 554 -8.17 13.06 -40.14
CA LYS A 554 -7.52 11.86 -39.62
C LYS A 554 -6.32 12.21 -38.74
N ARG A 555 -5.54 13.21 -39.14
CA ARG A 555 -4.42 13.63 -38.32
C ARG A 555 -4.88 14.18 -36.98
N MET A 556 -5.99 14.91 -36.96
CA MET A 556 -6.54 15.38 -35.69
C MET A 556 -6.99 14.20 -34.84
N ALA A 557 -7.73 13.27 -35.43
CA ALA A 557 -8.19 12.11 -34.66
C ALA A 557 -7.04 11.30 -34.09
N VAL A 558 -5.90 11.26 -34.79
CA VAL A 558 -4.78 10.46 -34.31
C VAL A 558 -3.95 11.22 -33.27
N LEU A 559 -3.65 12.49 -33.51
CA LEU A 559 -2.70 13.22 -32.67
C LEU A 559 -3.36 14.04 -31.58
N GLY A 560 -4.68 14.19 -31.58
CA GLY A 560 -5.31 15.03 -30.59
C GLY A 560 -5.06 16.48 -30.88
N ASP A 561 -4.65 17.21 -29.86
CA ASP A 561 -4.45 18.65 -29.98
C ASP A 561 -3.23 18.99 -30.82
N THR A 562 -2.22 18.11 -30.84
CA THR A 562 -0.96 18.40 -31.52
C THR A 562 -1.14 18.64 -33.01
N ALA A 563 -2.25 18.20 -33.59
CA ALA A 563 -2.44 18.32 -35.04
C ALA A 563 -2.37 19.77 -35.49
N TRP A 564 -2.64 20.72 -34.61
CA TRP A 564 -2.57 22.13 -34.97
C TRP A 564 -1.15 22.63 -35.11
N ASP A 565 -0.14 21.77 -34.97
CA ASP A 565 1.26 22.17 -35.05
C ASP A 565 1.94 21.70 -36.32
N PHE A 566 1.19 21.24 -37.33
CA PHE A 566 1.84 20.68 -38.50
C PHE A 566 2.30 21.75 -39.49
N GLY A 567 1.58 22.86 -39.61
CA GLY A 567 2.03 23.98 -40.39
C GLY A 567 2.10 25.22 -39.52
N SER A 568 2.65 25.05 -38.32
CA SER A 568 2.41 25.95 -37.20
C SER A 568 3.19 27.24 -37.26
N VAL A 569 3.54 27.70 -38.47
CA VAL A 569 4.34 28.91 -38.68
C VAL A 569 3.98 29.97 -37.64
N GLY A 570 2.69 30.12 -37.34
CA GLY A 570 2.32 30.82 -36.13
C GLY A 570 1.47 32.04 -36.31
N GLY A 571 0.20 31.93 -35.94
CA GLY A 571 -0.71 33.06 -35.99
C GLY A 571 -1.65 33.02 -34.81
N ALA A 572 -2.34 34.15 -34.59
CA ALA A 572 -3.33 34.20 -33.53
C ALA A 572 -4.44 33.20 -33.78
N LEU A 573 -4.83 32.99 -35.03
CA LEU A 573 -5.88 32.03 -35.33
C LEU A 573 -5.45 30.61 -35.01
N ASN A 574 -4.23 30.24 -35.40
CA ASN A 574 -3.74 28.90 -35.10
C ASN A 574 -3.66 28.67 -33.59
N SER A 575 -3.17 29.66 -32.85
CA SER A 575 -3.05 29.52 -31.41
C SER A 575 -4.43 29.43 -30.75
N LEU A 576 -5.39 30.22 -31.23
CA LEU A 576 -6.74 30.15 -30.66
C LEU A 576 -7.35 28.78 -30.92
N GLY A 577 -7.22 28.28 -32.15
CA GLY A 577 -7.73 26.95 -32.44
C GLY A 577 -7.10 25.89 -31.57
N LYS A 578 -5.77 25.96 -31.40
CA LYS A 578 -5.08 24.98 -30.57
C LYS A 578 -5.55 25.06 -29.12
N GLY A 579 -5.79 26.27 -28.61
CA GLY A 579 -6.24 26.41 -27.24
C GLY A 579 -7.63 25.86 -27.01
N ILE A 580 -8.57 26.25 -27.87
CA ILE A 580 -9.93 25.74 -27.68
C ILE A 580 -9.96 24.24 -27.91
N HIS A 581 -9.07 23.72 -28.76
CA HIS A 581 -9.02 22.27 -28.94
C HIS A 581 -8.44 21.60 -27.71
N GLN A 582 -7.49 22.24 -27.03
CA GLN A 582 -7.00 21.67 -25.77
C GLN A 582 -8.11 21.58 -24.75
N ILE A 583 -8.89 22.65 -24.61
CA ILE A 583 -10.00 22.64 -23.64
C ILE A 583 -10.99 21.54 -23.98
N PHE A 584 -11.45 21.49 -25.24
CA PHE A 584 -12.45 20.50 -25.62
C PHE A 584 -11.89 19.09 -25.54
N GLY A 585 -10.60 18.91 -25.83
CA GLY A 585 -10.02 17.59 -25.74
C GLY A 585 -9.91 17.10 -24.32
N ALA A 586 -9.53 17.98 -23.40
CA ALA A 586 -9.51 17.61 -21.99
C ALA A 586 -10.92 17.22 -21.53
N ALA A 587 -11.92 18.01 -21.89
CA ALA A 587 -13.28 17.70 -21.48
C ALA A 587 -13.76 16.38 -22.05
N PHE A 588 -13.51 16.15 -23.35
CA PHE A 588 -13.97 14.92 -23.99
C PHE A 588 -13.25 13.70 -23.45
N LYS A 589 -11.95 13.81 -23.21
CA LYS A 589 -11.20 12.69 -22.65
C LYS A 589 -11.62 12.41 -21.21
N SER A 590 -12.07 13.43 -20.48
CA SER A 590 -12.55 13.20 -19.13
C SER A 590 -13.91 12.50 -19.14
N LEU A 591 -14.83 12.99 -19.96
CA LEU A 591 -16.17 12.41 -20.00
C LEU A 591 -16.18 11.05 -20.66
N PHE A 592 -15.86 11.01 -21.94
CA PHE A 592 -15.72 9.76 -22.67
C PHE A 592 -14.25 9.33 -22.61
N GLY A 593 -13.85 8.44 -23.51
CA GLY A 593 -12.47 8.00 -23.53
C GLY A 593 -12.17 6.77 -22.72
N GLY A 594 -13.18 6.17 -22.10
CA GLY A 594 -13.05 4.86 -21.52
C GLY A 594 -13.91 3.89 -22.31
N MET A 595 -13.97 4.08 -23.62
CA MET A 595 -14.86 3.32 -24.48
C MET A 595 -14.06 2.82 -25.69
N SER A 596 -14.59 1.81 -26.36
CA SER A 596 -13.76 1.05 -27.30
C SER A 596 -14.59 0.66 -28.52
N TRP A 597 -14.75 1.61 -29.43
CA TRP A 597 -15.25 1.42 -30.79
C TRP A 597 -16.69 0.95 -30.83
N PHE A 598 -17.20 0.42 -29.74
CA PHE A 598 -18.55 -0.09 -29.73
C PHE A 598 -19.40 0.62 -28.70
N SER A 599 -18.89 0.74 -27.48
CA SER A 599 -19.47 1.65 -26.51
C SER A 599 -19.55 3.04 -27.10
N GLN A 600 -18.55 3.44 -27.87
CA GLN A 600 -18.58 4.76 -28.51
C GLN A 600 -19.61 4.81 -29.63
N ILE A 601 -19.69 3.78 -30.47
CA ILE A 601 -20.72 3.75 -31.51
C ILE A 601 -22.11 3.75 -30.90
N LEU A 602 -22.31 2.93 -29.85
CA LEU A 602 -23.61 2.86 -29.20
C LEU A 602 -24.00 4.21 -28.62
N ILE A 603 -23.11 4.82 -27.82
CA ILE A 603 -23.44 6.10 -27.23
C ILE A 603 -23.56 7.18 -28.29
N GLY A 604 -22.86 7.03 -29.42
CA GLY A 604 -23.00 8.00 -30.48
C GLY A 604 -24.37 7.96 -31.11
N THR A 605 -24.85 6.76 -31.45
CA THR A 605 -26.20 6.64 -31.99
C THR A 605 -27.24 7.08 -30.97
N LEU A 606 -27.05 6.72 -29.71
CA LEU A 606 -28.02 7.10 -28.68
C LEU A 606 -28.12 8.61 -28.56
N LEU A 607 -27.00 9.29 -28.36
CA LEU A 607 -27.04 10.73 -28.26
C LEU A 607 -27.48 11.36 -29.57
N MET A 608 -27.24 10.71 -30.71
CA MET A 608 -27.69 11.25 -31.99
C MET A 608 -29.20 11.30 -32.05
N TRP A 609 -29.87 10.20 -31.70
CA TRP A 609 -31.32 10.24 -31.56
C TRP A 609 -31.76 11.28 -30.54
N LEU A 610 -31.05 11.34 -29.42
CA LEU A 610 -31.42 12.26 -28.34
C LEU A 610 -31.41 13.70 -28.83
N GLY A 611 -30.32 14.12 -29.47
CA GLY A 611 -30.24 15.46 -30.00
C GLY A 611 -31.18 15.69 -31.17
N LEU A 612 -31.46 14.64 -31.94
CA LEU A 612 -32.34 14.80 -33.09
C LEU A 612 -33.76 15.09 -32.67
N ASN A 613 -34.22 14.49 -31.57
CA ASN A 613 -35.62 14.65 -31.17
C ASN A 613 -35.80 15.36 -29.83
N THR A 614 -34.76 15.98 -29.27
CA THR A 614 -34.94 16.63 -27.97
C THR A 614 -35.65 17.97 -28.06
N LYS A 615 -35.53 18.66 -29.20
CA LYS A 615 -36.26 19.88 -29.54
C LYS A 615 -35.87 21.10 -28.69
N ASN A 616 -34.89 20.98 -27.80
CA ASN A 616 -34.42 22.12 -27.03
C ASN A 616 -33.27 22.78 -27.78
N GLY A 617 -32.55 23.68 -27.12
CA GLY A 617 -31.37 24.28 -27.71
C GLY A 617 -30.10 23.47 -27.57
N SER A 618 -30.15 22.36 -26.84
CA SER A 618 -29.01 21.47 -26.67
C SER A 618 -28.89 20.45 -27.79
N ILE A 619 -29.75 20.51 -28.81
CA ILE A 619 -29.63 19.70 -30.01
C ILE A 619 -28.21 19.79 -30.55
N SER A 620 -27.72 21.02 -30.70
CA SER A 620 -26.42 21.23 -31.30
C SER A 620 -25.32 20.60 -30.46
N LEU A 621 -25.38 20.75 -29.13
CA LEU A 621 -24.36 20.18 -28.27
C LEU A 621 -24.28 18.67 -28.46
N MET A 622 -25.43 17.99 -28.42
CA MET A 622 -25.44 16.56 -28.66
C MET A 622 -24.84 16.24 -30.03
N CYS A 623 -25.42 16.78 -31.10
CA CYS A 623 -25.00 16.41 -32.44
C CYS A 623 -23.51 16.67 -32.67
N LEU A 624 -22.96 17.72 -32.04
CA LEU A 624 -21.53 17.97 -32.19
C LEU A 624 -20.70 16.93 -31.44
N ALA A 625 -21.13 16.57 -30.22
CA ALA A 625 -20.44 15.50 -29.51
C ALA A 625 -20.48 14.21 -30.31
N LEU A 626 -21.60 13.99 -31.02
CA LEU A 626 -21.80 12.83 -31.90
C LEU A 626 -20.86 12.86 -33.11
N GLY A 627 -20.75 14.01 -33.77
CA GLY A 627 -19.79 14.18 -34.83
C GLY A 627 -18.44 13.71 -34.30
N GLY A 628 -18.04 14.28 -33.16
CA GLY A 628 -16.78 13.88 -32.56
C GLY A 628 -16.65 12.39 -32.37
N VAL A 629 -17.60 11.78 -31.66
CA VAL A 629 -17.50 10.37 -31.30
C VAL A 629 -17.49 9.48 -32.55
N LEU A 630 -18.46 9.67 -33.43
CA LEU A 630 -18.62 8.78 -34.58
C LEU A 630 -17.49 8.94 -35.58
N ILE A 631 -16.91 10.14 -35.73
CA ILE A 631 -15.74 10.21 -36.59
C ILE A 631 -14.53 9.58 -35.90
N PHE A 632 -14.41 9.77 -34.57
CA PHE A 632 -13.35 9.11 -33.84
C PHE A 632 -13.41 7.60 -34.03
N LEU A 633 -14.60 7.08 -34.32
CA LEU A 633 -14.76 5.65 -34.59
C LEU A 633 -14.49 5.29 -36.04
N SER A 634 -15.12 6.01 -36.96
CA SER A 634 -15.15 5.64 -38.36
C SER A 634 -13.96 6.19 -39.15
N THR A 635 -12.91 6.62 -38.46
CA THR A 635 -11.70 7.08 -39.12
C THR A 635 -10.47 6.28 -38.71
N ALA A 636 -10.62 5.35 -37.78
CA ALA A 636 -9.50 4.54 -37.31
C ALA A 636 -9.81 3.07 -37.48
N ALA B 216 -6.98 -14.53 -13.52
CA ALA B 216 -8.22 -15.03 -12.97
C ALA B 216 -9.36 -14.80 -13.93
N VAL B 217 -10.53 -14.50 -13.37
CA VAL B 217 -11.75 -14.44 -14.15
C VAL B 217 -12.00 -13.07 -14.76
N THR B 218 -11.62 -11.99 -14.07
CA THR B 218 -11.99 -10.66 -14.55
C THR B 218 -11.09 -10.19 -15.69
N LEU B 219 -9.79 -9.99 -15.41
CA LEU B 219 -8.80 -9.65 -16.43
C LEU B 219 -9.23 -8.46 -17.30
N PRO B 220 -9.06 -7.23 -16.81
CA PRO B 220 -9.62 -6.08 -17.50
C PRO B 220 -9.18 -5.98 -18.94
N SER B 221 -10.08 -5.54 -19.81
CA SER B 221 -9.74 -5.35 -21.20
C SER B 221 -8.95 -4.06 -21.37
N HIS B 222 -7.99 -4.07 -22.30
CA HIS B 222 -7.17 -2.91 -22.56
C HIS B 222 -7.77 -1.97 -23.59
N SER B 223 -8.81 -2.39 -24.30
CA SER B 223 -9.44 -1.51 -25.28
C SER B 223 -10.02 -0.26 -24.64
N THR B 224 -10.16 -0.24 -23.31
CA THR B 224 -10.53 0.99 -22.63
C THR B 224 -9.45 2.05 -22.78
N ARG B 225 -8.18 1.67 -22.62
CA ARG B 225 -7.05 2.58 -22.71
C ARG B 225 -6.31 2.44 -24.03
N LYS B 226 -7.05 2.30 -25.13
CA LYS B 226 -6.44 2.05 -26.43
C LYS B 226 -5.43 3.13 -26.79
N LEU B 227 -4.22 2.70 -27.12
CA LEU B 227 -3.15 3.61 -27.50
C LEU B 227 -3.38 4.06 -28.93
N GLN B 228 -3.49 5.36 -29.14
CA GLN B 228 -3.88 5.92 -30.43
C GLN B 228 -2.64 6.35 -31.19
N THR B 229 -2.44 5.76 -32.36
CA THR B 229 -1.29 6.07 -33.19
C THR B 229 -1.61 5.65 -34.62
N ARG B 230 -0.67 5.93 -35.54
CA ARG B 230 -0.89 5.57 -36.93
C ARG B 230 -0.92 4.07 -37.13
N SER B 231 -0.14 3.33 -36.35
CA SER B 231 -0.02 1.90 -36.53
C SER B 231 -1.18 1.14 -35.90
N GLN B 232 -1.35 -0.10 -36.31
CA GLN B 232 -2.39 -0.95 -35.75
C GLN B 232 -2.01 -1.41 -34.34
N THR B 233 -3.03 -1.56 -33.51
CA THR B 233 -2.83 -2.01 -32.14
C THR B 233 -2.74 -3.53 -32.13
N TRP B 234 -2.77 -4.15 -30.95
CA TRP B 234 -2.47 -5.57 -30.86
C TRP B 234 -3.47 -6.41 -31.63
N LEU B 235 -4.73 -6.44 -31.19
CA LEU B 235 -5.77 -7.18 -31.91
C LEU B 235 -6.80 -6.17 -32.36
N GLU B 236 -6.56 -5.56 -33.52
CA GLU B 236 -7.46 -4.52 -33.97
C GLU B 236 -8.59 -5.08 -34.81
N SER B 237 -8.30 -6.13 -35.60
CA SER B 237 -9.28 -6.66 -36.53
C SER B 237 -10.44 -7.37 -35.85
N ARG B 238 -10.36 -7.62 -34.55
CA ARG B 238 -11.31 -8.53 -33.91
C ARG B 238 -12.34 -7.83 -33.03
N GLU B 239 -12.26 -6.51 -32.85
CA GLU B 239 -13.08 -5.84 -31.83
C GLU B 239 -14.57 -5.87 -32.18
N TYR B 240 -14.92 -5.35 -33.35
CA TYR B 240 -16.31 -5.19 -33.71
C TYR B 240 -17.01 -6.52 -33.83
N THR B 241 -16.45 -7.42 -34.63
CA THR B 241 -17.00 -8.76 -34.74
C THR B 241 -17.00 -9.46 -33.40
N LYS B 242 -16.05 -9.16 -32.52
CA LYS B 242 -16.05 -9.75 -31.19
C LYS B 242 -17.37 -9.48 -30.47
N HIS B 243 -17.70 -8.20 -30.29
CA HIS B 243 -18.90 -7.90 -29.51
C HIS B 243 -20.17 -8.32 -30.23
N LEU B 244 -20.25 -8.08 -31.55
CA LEU B 244 -21.45 -8.49 -32.27
C LEU B 244 -21.63 -9.99 -32.23
N ILE B 245 -20.54 -10.75 -32.26
CA ILE B 245 -20.65 -12.21 -32.24
C ILE B 245 -21.15 -12.68 -30.89
N ARG B 246 -20.64 -12.11 -29.80
CA ARG B 246 -21.16 -12.51 -28.49
C ARG B 246 -22.66 -12.27 -28.40
N VAL B 247 -23.10 -11.07 -28.76
CA VAL B 247 -24.53 -10.74 -28.63
C VAL B 247 -25.37 -11.63 -29.53
N GLU B 248 -24.96 -11.78 -30.78
CA GLU B 248 -25.73 -12.57 -31.73
C GLU B 248 -25.83 -14.03 -31.30
N ASN B 249 -24.73 -14.60 -30.83
CA ASN B 249 -24.76 -16.00 -30.40
C ASN B 249 -25.68 -16.19 -29.21
N TRP B 250 -25.59 -15.31 -28.21
CA TRP B 250 -26.46 -15.48 -27.06
C TRP B 250 -27.93 -15.34 -27.45
N ILE B 251 -28.27 -14.36 -28.28
CA ILE B 251 -29.66 -14.19 -28.67
C ILE B 251 -30.14 -15.38 -29.50
N PHE B 252 -29.27 -15.92 -30.36
CA PHE B 252 -29.66 -17.06 -31.17
C PHE B 252 -29.90 -18.29 -30.31
N ARG B 253 -29.17 -18.42 -29.20
CA ARG B 253 -29.40 -19.56 -28.32
C ARG B 253 -30.62 -19.37 -27.42
N ASN B 254 -31.01 -18.13 -27.12
CA ASN B 254 -32.10 -17.84 -26.19
C ASN B 254 -33.06 -16.81 -26.77
N PRO B 255 -34.09 -17.26 -27.52
CA PRO B 255 -35.10 -16.32 -28.02
C PRO B 255 -36.20 -15.98 -27.02
N GLY B 256 -36.51 -16.94 -26.15
CA GLY B 256 -37.50 -16.70 -25.13
C GLY B 256 -37.21 -15.43 -24.34
N PHE B 257 -35.94 -15.16 -24.08
CA PHE B 257 -35.63 -13.92 -23.41
C PHE B 257 -35.84 -12.72 -24.32
N ALA B 258 -35.76 -12.90 -25.63
CA ALA B 258 -36.15 -11.79 -26.50
C ALA B 258 -37.61 -11.43 -26.26
N LEU B 259 -38.48 -12.44 -26.14
CA LEU B 259 -39.87 -12.17 -25.80
C LEU B 259 -40.00 -11.49 -24.45
N ALA B 260 -39.31 -12.01 -23.43
CA ALA B 260 -39.42 -11.47 -22.09
C ALA B 260 -38.92 -10.03 -22.03
N ALA B 261 -37.84 -9.73 -22.75
CA ALA B 261 -37.31 -8.38 -22.77
C ALA B 261 -38.22 -7.42 -23.51
N ALA B 262 -38.85 -7.90 -24.59
CA ALA B 262 -39.87 -7.08 -25.25
C ALA B 262 -40.97 -6.72 -24.28
N ALA B 263 -41.45 -7.69 -23.51
CA ALA B 263 -42.53 -7.41 -22.56
C ALA B 263 -42.11 -6.44 -21.47
N ILE B 264 -40.95 -6.69 -20.85
CA ILE B 264 -40.48 -5.84 -19.77
C ILE B 264 -40.23 -4.42 -20.27
N ALA B 265 -39.71 -4.29 -21.49
CA ALA B 265 -39.49 -2.97 -22.06
C ALA B 265 -40.82 -2.29 -22.36
N TRP B 266 -41.84 -3.05 -22.74
CA TRP B 266 -43.15 -2.47 -22.98
C TRP B 266 -43.75 -1.94 -21.68
N LEU B 267 -43.51 -2.63 -20.56
CA LEU B 267 -44.06 -2.14 -19.31
C LEU B 267 -43.35 -0.88 -18.82
N LEU B 268 -42.14 -0.63 -19.29
CA LEU B 268 -41.40 0.57 -18.90
C LEU B 268 -41.45 1.61 -20.02
N GLY B 269 -41.44 2.88 -19.64
CA GLY B 269 -41.30 3.92 -20.63
C GLY B 269 -42.61 4.28 -21.32
N SER B 270 -42.92 5.57 -21.35
CA SER B 270 -44.18 6.02 -21.92
C SER B 270 -44.14 5.99 -23.44
N SER B 271 -43.26 6.78 -24.04
CA SER B 271 -43.23 6.90 -25.48
C SER B 271 -42.64 5.65 -26.12
N THR B 272 -42.87 5.50 -27.42
CA THR B 272 -42.37 4.33 -28.13
C THR B 272 -40.85 4.32 -28.16
N SER B 273 -40.23 5.49 -28.31
CA SER B 273 -38.77 5.55 -28.35
C SER B 273 -38.16 5.05 -27.06
N GLN B 274 -38.74 5.41 -25.92
CA GLN B 274 -38.21 4.93 -24.65
C GLN B 274 -38.32 3.42 -24.55
N LYS B 275 -39.41 2.85 -25.05
CA LYS B 275 -39.58 1.41 -24.97
C LYS B 275 -38.61 0.68 -25.90
N VAL B 276 -38.36 1.23 -27.08
CA VAL B 276 -37.39 0.60 -27.98
C VAL B 276 -35.99 0.69 -27.40
N ILE B 277 -35.65 1.82 -26.79
CA ILE B 277 -34.34 1.96 -26.17
C ILE B 277 -34.19 1.00 -25.00
N TYR B 278 -35.25 0.84 -24.20
CA TYR B 278 -35.20 -0.14 -23.11
C TYR B 278 -35.01 -1.55 -23.65
N LEU B 279 -35.71 -1.89 -24.74
CA LEU B 279 -35.54 -3.22 -25.33
C LEU B 279 -34.10 -3.45 -25.75
N VAL B 280 -33.50 -2.47 -26.44
CA VAL B 280 -32.13 -2.63 -26.90
C VAL B 280 -31.17 -2.74 -25.71
N MET B 281 -31.38 -1.93 -24.68
CA MET B 281 -30.46 -1.96 -23.54
C MET B 281 -30.60 -3.25 -22.74
N ILE B 282 -31.80 -3.81 -22.63
CA ILE B 282 -31.96 -5.11 -21.96
C ILE B 282 -31.28 -6.20 -22.79
N LEU B 283 -31.47 -6.18 -24.10
CA LEU B 283 -30.85 -7.19 -24.94
C LEU B 283 -29.35 -7.03 -25.06
N LEU B 284 -28.80 -5.89 -24.63
CA LEU B 284 -27.36 -5.77 -24.53
C LEU B 284 -26.83 -6.15 -23.15
N ILE B 285 -27.59 -5.87 -22.10
CA ILE B 285 -27.15 -6.20 -20.74
C ILE B 285 -27.21 -7.70 -20.50
N ALA B 286 -28.21 -8.37 -21.07
CA ALA B 286 -28.38 -9.79 -20.76
C ALA B 286 -27.25 -10.67 -21.26
N PRO B 287 -26.80 -10.59 -22.52
CA PRO B 287 -25.72 -11.50 -22.95
C PRO B 287 -24.43 -11.32 -22.18
N ALA B 288 -24.15 -10.13 -21.68
CA ALA B 288 -22.95 -9.90 -20.88
C ALA B 288 -23.15 -10.23 -19.42
N TYR B 289 -24.40 -10.39 -18.97
CA TYR B 289 -24.72 -10.52 -17.54
C TYR B 289 -24.04 -9.43 -16.73
N SER B 290 -23.92 -8.24 -17.28
CA SER B 290 -22.95 -7.26 -16.80
C SER B 290 -23.24 -6.79 -15.39
N GLU C 1 39.36 -0.46 -47.95
CA GLU C 1 37.93 -0.20 -47.85
C GLU C 1 37.16 -1.47 -47.51
N VAL C 2 36.09 -1.74 -48.25
CA VAL C 2 35.28 -2.92 -48.02
C VAL C 2 36.09 -4.16 -48.38
N GLN C 3 36.20 -5.10 -47.44
CA GLN C 3 36.98 -6.31 -47.62
C GLN C 3 36.26 -7.47 -46.95
N LEU C 4 35.92 -8.49 -47.73
CA LEU C 4 35.35 -9.73 -47.22
C LEU C 4 36.41 -10.82 -47.36
N VAL C 5 36.81 -11.41 -46.24
CA VAL C 5 37.89 -12.40 -46.22
C VAL C 5 37.32 -13.70 -45.68
N GLU C 6 37.47 -14.78 -46.44
CA GLU C 6 36.96 -16.08 -46.04
C GLU C 6 38.09 -16.98 -45.57
N SER C 7 37.71 -18.07 -44.91
CA SER C 7 38.66 -19.09 -44.52
C SER C 7 39.26 -19.78 -45.75
N GLY C 8 40.39 -20.45 -45.55
CA GLY C 8 41.05 -21.15 -46.63
C GLY C 8 40.29 -22.40 -47.04
N ALA C 9 40.83 -23.06 -48.05
CA ALA C 9 40.19 -24.26 -48.59
C ALA C 9 40.18 -25.38 -47.56
N GLU C 10 39.23 -26.30 -47.71
CA GLU C 10 39.10 -27.42 -46.79
C GLU C 10 38.63 -28.65 -47.56
N VAL C 11 39.15 -29.81 -47.17
CA VAL C 11 38.83 -31.09 -47.78
C VAL C 11 38.15 -31.96 -46.73
N LYS C 12 37.01 -32.54 -47.08
CA LYS C 12 36.24 -33.34 -46.15
C LYS C 12 35.72 -34.60 -46.84
N LYS C 13 35.66 -35.69 -46.08
CA LYS C 13 35.05 -36.91 -46.57
C LYS C 13 33.53 -36.75 -46.60
N PRO C 14 32.84 -37.51 -47.45
CA PRO C 14 31.37 -37.48 -47.45
C PRO C 14 30.82 -37.80 -46.07
N GLY C 15 29.68 -37.19 -45.76
CA GLY C 15 29.06 -37.32 -44.46
C GLY C 15 29.52 -36.32 -43.43
N ALA C 16 30.63 -35.63 -43.66
CA ALA C 16 31.15 -34.65 -42.72
C ALA C 16 30.34 -33.35 -42.82
N SER C 17 30.79 -32.32 -42.12
CA SER C 17 30.11 -31.03 -42.11
C SER C 17 31.15 -29.92 -42.13
N VAL C 18 30.96 -28.93 -42.99
CA VAL C 18 31.91 -27.84 -43.16
C VAL C 18 31.33 -26.56 -42.58
N LYS C 19 32.14 -25.82 -41.84
CA LYS C 19 31.76 -24.52 -41.28
C LYS C 19 32.75 -23.50 -41.81
N VAL C 20 32.31 -22.67 -42.75
CA VAL C 20 33.17 -21.71 -43.42
C VAL C 20 32.76 -20.31 -42.99
N SER C 21 33.76 -19.50 -42.62
CA SER C 21 33.53 -18.17 -42.10
C SER C 21 33.67 -17.11 -43.18
N CYS C 22 33.29 -15.87 -42.83
CA CYS C 22 33.40 -14.73 -43.73
C CYS C 22 33.52 -13.48 -42.87
N LYS C 23 34.74 -12.99 -42.69
CA LYS C 23 35.01 -11.83 -41.87
C LYS C 23 34.92 -10.57 -42.72
N ALA C 24 34.13 -9.61 -42.25
CA ALA C 24 33.88 -8.36 -42.95
C ALA C 24 34.68 -7.24 -42.31
N SER C 25 35.26 -6.38 -43.15
CA SER C 25 36.02 -5.24 -42.66
C SER C 25 35.80 -4.06 -43.58
N GLY C 26 35.93 -2.85 -43.02
CA GLY C 26 35.76 -1.64 -43.78
C GLY C 26 34.37 -1.05 -43.79
N TYR C 27 33.43 -1.63 -43.05
CA TYR C 27 32.08 -1.08 -42.98
C TYR C 27 31.40 -1.60 -41.72
N THR C 28 30.26 -1.01 -41.40
CA THR C 28 29.47 -1.41 -40.24
C THR C 28 28.82 -2.75 -40.53
N PHE C 29 29.34 -3.81 -39.91
CA PHE C 29 28.84 -5.15 -40.18
C PHE C 29 27.40 -5.32 -39.73
N THR C 30 27.02 -4.68 -38.63
CA THR C 30 25.71 -4.90 -38.03
C THR C 30 24.56 -4.31 -38.86
N SER C 31 24.86 -3.51 -39.89
CA SER C 31 23.83 -2.90 -40.71
C SER C 31 23.76 -3.51 -42.11
N TYR C 32 24.17 -4.77 -42.24
CA TYR C 32 24.16 -5.44 -43.54
C TYR C 32 23.69 -6.88 -43.35
N ALA C 33 23.22 -7.46 -44.45
CA ALA C 33 22.83 -8.87 -44.51
C ALA C 33 23.82 -9.61 -45.40
N MET C 34 24.24 -10.79 -44.96
CA MET C 34 25.25 -11.57 -45.64
C MET C 34 24.59 -12.72 -46.39
N HIS C 35 24.85 -12.81 -47.69
CA HIS C 35 24.36 -13.88 -48.55
C HIS C 35 25.48 -14.85 -48.86
N TRP C 36 25.11 -16.11 -49.06
CA TRP C 36 26.06 -17.17 -49.40
C TRP C 36 25.71 -17.74 -50.77
N VAL C 37 26.70 -17.82 -51.65
CA VAL C 37 26.50 -18.26 -53.02
C VAL C 37 27.48 -19.39 -53.31
N ARG C 38 26.97 -20.50 -53.84
CA ARG C 38 27.77 -21.69 -54.08
C ARG C 38 27.87 -21.93 -55.58
N GLN C 39 29.08 -21.88 -56.11
CA GLN C 39 29.33 -22.08 -57.54
C GLN C 39 30.03 -23.41 -57.75
N ALA C 40 29.37 -24.32 -58.47
CA ALA C 40 29.96 -25.59 -58.82
C ALA C 40 31.06 -25.38 -59.86
N PRO C 41 32.00 -26.33 -59.98
CA PRO C 41 33.09 -26.17 -60.94
C PRO C 41 32.59 -26.09 -62.39
N GLY C 42 32.81 -24.93 -63.01
CA GLY C 42 32.37 -24.72 -64.38
C GLY C 42 30.87 -24.81 -64.57
N GLN C 43 30.10 -24.28 -63.62
CA GLN C 43 28.64 -24.33 -63.69
C GLN C 43 28.08 -23.02 -63.16
N ARG C 44 26.75 -22.94 -63.13
CA ARG C 44 26.06 -21.74 -62.67
C ARG C 44 26.24 -21.55 -61.17
N LEU C 45 25.97 -20.33 -60.71
CA LEU C 45 26.00 -20.03 -59.29
C LEU C 45 24.66 -20.38 -58.66
N GLU C 46 24.70 -20.74 -57.37
CA GLU C 46 23.50 -21.08 -56.63
C GLU C 46 23.46 -20.26 -55.35
N TRP C 47 22.35 -19.57 -55.12
CA TRP C 47 22.14 -18.82 -53.90
C TRP C 47 21.70 -19.76 -52.79
N MET C 48 22.41 -19.74 -51.67
CA MET C 48 22.14 -20.66 -50.57
C MET C 48 21.29 -20.06 -49.46
N GLY C 49 21.48 -18.78 -49.14
CA GLY C 49 20.69 -18.14 -48.12
C GLY C 49 21.32 -16.83 -47.70
N TRP C 50 20.65 -16.16 -46.77
CA TRP C 50 21.16 -14.92 -46.20
C TRP C 50 20.88 -14.90 -44.71
N ILE C 51 21.63 -14.05 -44.03
CA ILE C 51 21.46 -13.80 -42.60
C ILE C 51 21.48 -12.29 -42.38
N ASN C 52 20.49 -11.79 -41.65
CA ASN C 52 20.44 -10.37 -41.28
C ASN C 52 21.33 -10.18 -40.06
N ALA C 53 22.49 -9.56 -40.24
CA ALA C 53 23.45 -9.43 -39.16
C ALA C 53 22.97 -8.52 -38.04
N GLY C 54 21.93 -7.73 -38.28
CA GLY C 54 21.41 -6.86 -37.24
C GLY C 54 20.77 -7.62 -36.11
N ASN C 55 19.64 -8.26 -36.38
CA ASN C 55 18.94 -9.01 -35.35
C ASN C 55 19.25 -10.50 -35.36
N GLY C 56 19.51 -11.08 -36.53
CA GLY C 56 19.87 -12.48 -36.62
C GLY C 56 18.91 -13.34 -37.44
N ASN C 57 17.84 -12.79 -38.00
CA ASN C 57 16.95 -13.58 -38.82
C ASN C 57 17.70 -14.12 -40.04
N THR C 58 17.29 -15.31 -40.48
CA THR C 58 17.95 -15.99 -41.59
C THR C 58 16.90 -16.50 -42.56
N LYS C 59 17.33 -16.72 -43.80
CA LYS C 59 16.46 -17.33 -44.81
C LYS C 59 17.31 -18.23 -45.70
N TYR C 60 16.87 -19.46 -45.88
CA TYR C 60 17.59 -20.43 -46.69
C TYR C 60 16.76 -20.83 -47.91
N SER C 61 17.45 -21.27 -48.95
CA SER C 61 16.78 -21.73 -50.16
C SER C 61 16.14 -23.09 -49.91
N GLN C 62 15.14 -23.40 -50.75
CA GLN C 62 14.46 -24.69 -50.62
C GLN C 62 15.43 -25.85 -50.78
N LYS C 63 16.47 -25.68 -51.59
CA LYS C 63 17.39 -26.78 -51.87
C LYS C 63 18.25 -27.12 -50.66
N PHE C 64 18.53 -26.14 -49.80
CA PHE C 64 19.41 -26.35 -48.64
C PHE C 64 18.73 -26.00 -47.33
N GLN C 65 17.40 -26.09 -47.26
CA GLN C 65 16.69 -25.63 -46.07
C GLN C 65 16.98 -26.51 -44.86
N ASP C 66 17.25 -27.80 -45.06
CA ASP C 66 17.45 -28.73 -43.95
C ASP C 66 18.88 -29.24 -43.90
N ARG C 67 19.82 -28.49 -44.46
CA ARG C 67 21.24 -28.84 -44.37
C ARG C 67 22.15 -27.67 -44.02
N VAL C 68 21.73 -26.43 -44.26
CA VAL C 68 22.58 -25.25 -44.06
C VAL C 68 22.09 -24.50 -42.83
N THR C 69 23.03 -24.02 -42.02
CA THR C 69 22.73 -23.16 -40.89
C THR C 69 23.72 -22.01 -40.90
N ILE C 70 23.19 -20.78 -40.92
CA ILE C 70 24.03 -19.58 -40.98
C ILE C 70 23.92 -18.85 -39.64
N THR C 71 25.06 -18.43 -39.11
CA THR C 71 25.12 -17.71 -37.85
C THR C 71 26.10 -16.55 -37.98
N ARG C 72 26.14 -15.71 -36.95
CA ARG C 72 26.92 -14.49 -36.98
C ARG C 72 27.62 -14.27 -35.64
N ASP C 73 28.72 -13.53 -35.68
CA ASP C 73 29.44 -13.11 -34.49
C ASP C 73 29.73 -11.62 -34.67
N THR C 74 28.91 -10.79 -34.01
CA THR C 74 29.03 -9.35 -34.18
C THR C 74 30.35 -8.83 -33.62
N SER C 75 30.66 -9.18 -32.37
CA SER C 75 31.90 -8.72 -31.75
C SER C 75 33.12 -9.12 -32.57
N ALA C 76 33.06 -10.28 -33.22
CA ALA C 76 34.13 -10.72 -34.11
C ALA C 76 33.87 -10.32 -35.56
N SER C 77 32.70 -9.78 -35.88
CA SER C 77 32.36 -9.32 -37.22
C SER C 77 32.57 -10.43 -38.26
N THR C 78 31.97 -11.58 -38.00
CA THR C 78 32.12 -12.73 -38.88
C THR C 78 30.76 -13.38 -39.12
N ALA C 79 30.63 -14.04 -40.26
CA ALA C 79 29.42 -14.77 -40.62
C ALA C 79 29.82 -16.19 -41.00
N TYR C 80 29.28 -17.16 -40.28
CA TYR C 80 29.63 -18.57 -40.46
C TYR C 80 28.48 -19.30 -41.15
N MET C 81 28.82 -20.20 -42.06
CA MET C 81 27.86 -21.03 -42.76
C MET C 81 28.26 -22.48 -42.57
N GLU C 82 27.35 -23.30 -42.05
CA GLU C 82 27.63 -24.69 -41.73
C GLU C 82 26.73 -25.58 -42.57
N LEU C 83 27.36 -26.44 -43.38
CA LEU C 83 26.66 -27.40 -44.23
C LEU C 83 26.97 -28.79 -43.72
N SER C 84 25.92 -29.52 -43.33
CA SER C 84 26.05 -30.88 -42.82
C SER C 84 25.59 -31.89 -43.86
N SER C 85 25.96 -33.14 -43.65
CA SER C 85 25.64 -34.24 -44.56
C SER C 85 26.18 -33.94 -45.96
N LEU C 86 27.50 -33.78 -46.05
CA LEU C 86 28.13 -33.46 -47.30
C LEU C 86 28.02 -34.61 -48.29
N ARG C 87 27.98 -34.25 -49.58
CA ARG C 87 27.94 -35.22 -50.67
C ARG C 87 28.96 -34.83 -51.72
N SER C 88 29.07 -35.68 -52.75
CA SER C 88 29.98 -35.39 -53.85
C SER C 88 29.56 -34.15 -54.62
N GLU C 89 28.26 -33.86 -54.66
CA GLU C 89 27.77 -32.70 -55.40
C GLU C 89 28.16 -31.40 -54.72
N ASP C 90 28.38 -31.44 -53.40
CA ASP C 90 28.69 -30.23 -52.63
C ASP C 90 30.10 -29.71 -52.89
N THR C 91 30.85 -30.27 -53.82
CA THR C 91 32.17 -29.76 -54.15
C THR C 91 32.01 -28.48 -54.97
N ALA C 92 32.27 -27.33 -54.36
CA ALA C 92 32.06 -26.05 -55.02
C ALA C 92 32.80 -24.95 -54.29
N ILE C 93 32.84 -23.77 -54.91
CA ILE C 93 33.46 -22.58 -54.33
C ILE C 93 32.37 -21.74 -53.69
N TYR C 94 32.62 -21.31 -52.45
CA TYR C 94 31.62 -20.62 -51.65
C TYR C 94 32.00 -19.15 -51.50
N TYR C 95 31.11 -18.25 -51.89
CA TYR C 95 31.30 -16.82 -51.78
C TYR C 95 30.31 -16.23 -50.78
N CYS C 96 30.71 -15.16 -50.12
CA CYS C 96 29.82 -14.35 -49.29
C CYS C 96 29.72 -12.95 -49.86
N ALA C 97 28.50 -12.42 -49.89
CA ALA C 97 28.22 -11.13 -50.49
C ALA C 97 27.36 -10.29 -49.58
N ARG C 98 27.67 -9.01 -49.45
CA ARG C 98 26.92 -8.15 -48.56
C ARG C 98 25.66 -7.63 -49.22
N ASP C 99 24.78 -7.04 -48.43
CA ASP C 99 23.59 -6.39 -48.95
C ASP C 99 23.04 -5.42 -47.90
N LYS C 100 22.63 -4.24 -48.34
CA LYS C 100 22.17 -3.22 -47.40
C LYS C 100 20.87 -3.64 -46.72
N VAL C 101 20.77 -3.33 -45.43
CA VAL C 101 19.57 -3.57 -44.64
C VAL C 101 18.79 -2.27 -44.52
N ASP C 102 17.47 -2.37 -44.51
CA ASP C 102 16.61 -1.20 -44.44
C ASP C 102 16.91 -0.38 -43.19
N ASP C 103 16.48 0.88 -43.22
CA ASP C 103 16.77 1.78 -42.10
C ASP C 103 16.03 1.38 -40.83
N TYR C 104 14.91 0.67 -40.98
CA TYR C 104 14.16 0.17 -39.83
C TYR C 104 14.83 -1.04 -39.17
N GLY C 105 15.91 -1.55 -39.73
CA GLY C 105 16.56 -2.73 -39.22
C GLY C 105 15.98 -4.05 -39.71
N ASP C 106 14.96 -4.01 -40.56
CA ASP C 106 14.37 -5.21 -41.14
C ASP C 106 14.95 -5.45 -42.52
N TYR C 107 14.88 -6.71 -42.97
CA TYR C 107 15.42 -7.06 -44.29
C TYR C 107 14.32 -7.62 -45.18
N TRP C 108 13.18 -6.93 -45.22
CA TRP C 108 12.07 -7.40 -46.04
C TRP C 108 12.41 -7.33 -47.52
N PHE C 109 12.69 -6.13 -48.02
CA PHE C 109 13.02 -5.95 -49.42
C PHE C 109 14.51 -5.67 -49.55
N PRO C 110 15.21 -6.34 -50.47
CA PRO C 110 16.63 -6.04 -50.69
C PRO C 110 16.80 -4.71 -51.40
N THR C 111 18.04 -4.24 -51.42
CA THR C 111 18.38 -3.03 -52.14
C THR C 111 18.64 -3.36 -53.59
N LEU C 112 18.48 -2.35 -54.46
CA LEU C 112 18.61 -2.57 -55.90
C LEU C 112 19.95 -3.21 -56.27
N TRP C 113 21.02 -2.79 -55.60
CA TRP C 113 22.37 -3.30 -55.86
C TRP C 113 22.69 -4.33 -54.79
N TYR C 114 22.29 -5.58 -55.01
CA TYR C 114 22.44 -6.51 -53.90
C TYR C 114 23.88 -6.93 -53.69
N PHE C 115 24.51 -7.59 -54.66
CA PHE C 115 25.81 -8.20 -54.46
C PHE C 115 26.91 -7.32 -55.02
N ASP C 116 27.13 -6.19 -54.35
CA ASP C 116 28.16 -5.25 -54.81
C ASP C 116 29.57 -5.72 -54.43
N TYR C 117 29.72 -6.36 -53.28
CA TYR C 117 31.02 -6.86 -52.82
C TYR C 117 30.92 -8.34 -52.51
N TRP C 118 31.92 -9.09 -52.95
CA TRP C 118 31.99 -10.54 -52.76
C TRP C 118 33.25 -10.90 -51.99
N GLY C 119 33.33 -12.17 -51.58
CA GLY C 119 34.54 -12.71 -51.02
C GLY C 119 35.41 -13.39 -52.06
N GLN C 120 36.61 -13.80 -51.64
CA GLN C 120 37.54 -14.40 -52.58
C GLN C 120 37.16 -15.82 -52.95
N GLY C 121 36.45 -16.52 -52.08
CA GLY C 121 36.05 -17.89 -52.33
C GLY C 121 36.77 -18.87 -51.41
N THR C 122 36.13 -20.02 -51.22
CA THR C 122 36.68 -21.05 -50.34
C THR C 122 36.28 -22.40 -50.91
N LEU C 123 37.25 -23.14 -51.42
CA LEU C 123 36.98 -24.40 -52.11
C LEU C 123 36.81 -25.51 -51.08
N VAL C 124 35.64 -26.14 -51.08
CA VAL C 124 35.35 -27.29 -50.22
C VAL C 124 35.40 -28.52 -51.11
N THR C 125 36.39 -29.38 -50.89
CA THR C 125 36.60 -30.56 -51.71
C THR C 125 36.07 -31.80 -51.00
N VAL C 126 35.08 -32.44 -51.61
CA VAL C 126 34.50 -33.67 -51.09
C VAL C 126 35.06 -34.83 -51.89
N SER C 127 35.83 -35.69 -51.23
CA SER C 127 36.43 -36.84 -51.88
C SER C 127 35.56 -38.09 -51.70
N ALA D 3 17.58 -21.38 -63.55
CA ALA D 3 16.25 -20.79 -63.42
C ALA D 3 16.02 -19.73 -64.50
N LEU D 4 17.12 -19.15 -64.98
CA LEU D 4 17.08 -18.16 -66.05
C LEU D 4 17.84 -18.70 -67.25
N THR D 5 17.26 -18.57 -68.43
CA THR D 5 17.83 -19.13 -69.65
C THR D 5 18.76 -18.12 -70.31
N GLN D 6 20.04 -18.45 -70.37
CA GLN D 6 21.06 -17.68 -71.06
C GLN D 6 21.67 -18.51 -72.18
N PRO D 7 22.20 -17.87 -73.22
CA PRO D 7 22.94 -18.61 -74.24
C PRO D 7 24.21 -19.21 -73.65
N ALA D 8 24.65 -20.31 -74.25
CA ALA D 8 25.83 -21.01 -73.75
C ALA D 8 27.09 -20.17 -73.92
N SER D 9 27.33 -19.68 -75.14
CA SER D 9 28.50 -18.87 -75.42
C SER D 9 28.17 -17.84 -76.49
N VAL D 10 28.88 -16.72 -76.45
CA VAL D 10 28.71 -15.63 -77.39
C VAL D 10 30.08 -15.16 -77.85
N SER D 11 30.27 -14.98 -79.15
CA SER D 11 31.54 -14.56 -79.71
C SER D 11 31.34 -13.36 -80.62
N GLY D 12 32.27 -12.41 -80.52
CA GLY D 12 32.21 -11.22 -81.35
C GLY D 12 33.60 -10.68 -81.60
N SER D 13 33.77 -10.03 -82.75
CA SER D 13 35.06 -9.47 -83.11
C SER D 13 35.35 -8.21 -82.29
N PRO D 14 36.63 -7.93 -82.04
CA PRO D 14 36.96 -6.71 -81.27
C PRO D 14 36.56 -5.45 -82.04
N GLY D 15 35.98 -4.51 -81.30
CA GLY D 15 35.51 -3.27 -81.89
C GLY D 15 34.05 -3.25 -82.27
N GLN D 16 33.32 -4.34 -82.05
CA GLN D 16 31.90 -4.42 -82.35
C GLN D 16 31.08 -4.51 -81.06
N SER D 17 29.77 -4.34 -81.22
CA SER D 17 28.83 -4.49 -80.13
C SER D 17 28.25 -5.90 -80.11
N ILE D 18 27.91 -6.38 -78.91
CA ILE D 18 27.40 -7.74 -78.75
C ILE D 18 26.32 -7.72 -77.67
N THR D 19 25.43 -8.72 -77.72
CA THR D 19 24.26 -8.78 -76.86
C THR D 19 24.15 -10.14 -76.21
N ILE D 20 23.92 -10.16 -74.90
CA ILE D 20 23.70 -11.38 -74.12
C ILE D 20 22.31 -11.31 -73.53
N SER D 21 21.46 -12.27 -73.87
CA SER D 21 20.09 -12.27 -73.39
C SER D 21 19.98 -13.07 -72.09
N CYS D 22 18.83 -12.91 -71.42
CA CYS D 22 18.56 -13.60 -70.16
C CYS D 22 17.06 -13.66 -69.99
N THR D 23 16.47 -14.84 -70.17
CA THR D 23 15.02 -15.00 -70.12
C THR D 23 14.60 -15.62 -68.79
N GLY D 24 13.59 -15.03 -68.17
CA GLY D 24 13.01 -15.54 -66.95
C GLY D 24 11.50 -15.67 -67.08
N THR D 25 10.83 -15.64 -65.94
CA THR D 25 9.38 -15.77 -65.87
C THR D 25 8.77 -14.47 -65.37
N SER D 26 7.44 -14.47 -65.25
CA SER D 26 6.70 -13.31 -64.78
C SER D 26 6.88 -13.06 -63.29
N SER D 27 7.65 -13.89 -62.59
CA SER D 27 7.88 -13.71 -61.17
C SER D 27 9.27 -13.22 -60.82
N ASP D 28 10.25 -13.39 -61.70
CA ASP D 28 11.62 -12.99 -61.42
C ASP D 28 12.10 -11.86 -62.33
N VAL D 29 11.98 -12.02 -63.64
CA VAL D 29 12.44 -11.01 -64.59
C VAL D 29 11.29 -10.16 -65.11
N GLY D 30 10.12 -10.76 -65.29
CA GLY D 30 9.02 -10.03 -65.88
C GLY D 30 8.34 -9.07 -64.92
N GLY D 31 8.46 -9.30 -63.62
CA GLY D 31 7.69 -8.54 -62.67
C GLY D 31 8.45 -7.47 -61.89
N PHE D 32 9.76 -7.61 -61.78
CA PHE D 32 10.56 -6.76 -60.91
C PHE D 32 11.74 -6.18 -61.67
N ASN D 33 12.26 -5.06 -61.17
CA ASN D 33 13.46 -4.44 -61.71
C ASN D 33 14.73 -4.92 -61.01
N TYR D 34 14.64 -5.95 -60.17
CA TYR D 34 15.82 -6.58 -59.59
C TYR D 34 16.44 -7.50 -60.63
N VAL D 35 17.17 -6.91 -61.56
CA VAL D 35 17.85 -7.66 -62.61
C VAL D 35 19.27 -7.16 -62.69
N SER D 36 20.23 -8.03 -62.34
CA SER D 36 21.62 -7.63 -62.23
C SER D 36 22.48 -8.49 -63.14
N TRP D 37 23.58 -7.90 -63.61
CA TRP D 37 24.56 -8.57 -64.45
C TRP D 37 25.92 -8.50 -63.77
N PHE D 38 26.51 -9.67 -63.54
CA PHE D 38 27.82 -9.82 -62.90
C PHE D 38 28.83 -10.35 -63.89
N GLN D 39 30.03 -9.80 -63.86
CA GLN D 39 31.14 -10.27 -64.66
C GLN D 39 32.14 -10.97 -63.75
N GLN D 40 32.61 -12.15 -64.16
CA GLN D 40 33.55 -12.94 -63.39
C GLN D 40 34.67 -13.39 -64.29
N HIS D 41 35.85 -12.80 -64.11
CA HIS D 41 37.05 -13.33 -64.72
C HIS D 41 37.49 -14.56 -63.95
N PRO D 42 38.08 -15.55 -64.63
CA PRO D 42 38.46 -16.79 -63.95
C PRO D 42 39.41 -16.53 -62.78
N GLY D 43 39.11 -17.14 -61.64
CA GLY D 43 39.89 -16.92 -60.44
C GLY D 43 39.33 -15.85 -59.54
N LYS D 44 39.10 -14.66 -60.09
CA LYS D 44 38.55 -13.58 -59.30
C LYS D 44 37.06 -13.81 -59.02
N ALA D 45 36.55 -13.08 -58.02
CA ALA D 45 35.15 -13.14 -57.66
C ALA D 45 34.32 -12.34 -58.64
N PRO D 46 33.01 -12.63 -58.74
CA PRO D 46 32.16 -11.86 -59.64
C PRO D 46 32.12 -10.40 -59.28
N LYS D 47 31.96 -9.55 -60.28
CA LYS D 47 31.92 -8.10 -60.11
C LYS D 47 30.60 -7.59 -60.66
N LEU D 48 29.84 -6.88 -59.83
CA LEU D 48 28.56 -6.33 -60.25
C LEU D 48 28.74 -5.32 -61.37
N MET D 49 28.31 -5.67 -62.57
CA MET D 49 28.41 -4.74 -63.70
C MET D 49 27.16 -3.90 -63.88
N LEU D 50 25.99 -4.47 -63.65
CA LEU D 50 24.76 -3.69 -63.76
C LEU D 50 23.77 -4.12 -62.69
N TYR D 51 23.11 -3.15 -62.10
CA TYR D 51 21.97 -3.37 -61.22
C TYR D 51 20.87 -2.43 -61.68
N ASP D 52 19.71 -2.83 -61.22
CA ASP D 52 18.47 -2.17 -61.41
C ASP D 52 18.28 -2.01 -62.84
N VAL D 53 18.64 -3.01 -63.62
CA VAL D 53 18.47 -2.86 -65.04
C VAL D 53 19.38 -1.76 -65.53
N THR D 54 18.77 -0.74 -66.12
CA THR D 54 19.54 0.35 -66.74
C THR D 54 20.71 0.89 -65.90
N SER D 55 20.57 1.04 -64.58
CA SER D 55 21.70 1.54 -63.78
C SER D 55 22.93 0.59 -63.63
N ARG D 56 24.13 1.19 -63.61
CA ARG D 56 25.41 0.52 -63.42
C ARG D 56 26.17 1.21 -62.29
N PRO D 57 27.09 0.50 -61.62
CA PRO D 57 27.86 1.13 -60.54
C PRO D 57 28.78 2.25 -61.01
N SER D 58 29.54 2.82 -60.07
CA SER D 58 30.36 3.99 -60.37
C SER D 58 31.54 3.63 -61.27
N GLY D 59 32.40 2.73 -60.80
CA GLY D 59 33.63 2.42 -61.51
C GLY D 59 33.48 1.39 -62.61
N VAL D 60 32.46 1.55 -63.45
CA VAL D 60 32.21 0.64 -64.57
C VAL D 60 32.14 1.47 -65.85
N SER D 61 32.82 1.01 -66.89
CA SER D 61 32.84 1.75 -68.15
C SER D 61 31.44 1.83 -68.73
N SER D 62 31.16 2.94 -69.42
CA SER D 62 29.84 3.19 -69.97
C SER D 62 29.53 2.31 -71.17
N ARG D 63 30.41 1.39 -71.56
CA ARG D 63 30.12 0.54 -72.70
C ARG D 63 29.01 -0.46 -72.39
N PHE D 64 28.86 -0.85 -71.14
CA PHE D 64 27.85 -1.83 -70.75
C PHE D 64 26.50 -1.16 -70.62
N SER D 65 25.50 -1.71 -71.31
CA SER D 65 24.14 -1.19 -71.26
C SER D 65 23.18 -2.33 -70.94
N GLY D 66 22.03 -1.98 -70.41
CA GLY D 66 21.04 -2.96 -70.02
C GLY D 66 19.66 -2.57 -70.52
N SER D 67 18.85 -3.60 -70.80
CA SER D 67 17.48 -3.38 -71.22
C SER D 67 16.63 -4.54 -70.74
N LYS D 68 15.32 -4.33 -70.73
CA LYS D 68 14.38 -5.39 -70.37
C LYS D 68 13.10 -5.23 -71.16
N SER D 69 12.59 -6.34 -71.67
CA SER D 69 11.32 -6.36 -72.39
C SER D 69 10.60 -7.64 -72.03
N GLY D 70 9.38 -7.50 -71.51
CA GLY D 70 8.61 -8.66 -71.08
C GLY D 70 9.34 -9.47 -70.03
N ASN D 71 9.73 -10.69 -70.39
CA ASN D 71 10.44 -11.58 -69.48
C ASN D 71 11.90 -11.76 -69.86
N THR D 72 12.44 -10.89 -70.72
CA THR D 72 13.80 -11.05 -71.23
C THR D 72 14.58 -9.78 -70.98
N ALA D 73 15.66 -9.90 -70.20
CA ALA D 73 16.63 -8.82 -70.04
C ALA D 73 17.78 -9.05 -70.99
N SER D 74 18.54 -7.97 -71.24
CA SER D 74 19.62 -8.05 -72.22
C SER D 74 20.74 -7.11 -71.81
N LEU D 75 21.97 -7.64 -71.81
CA LEU D 75 23.18 -6.88 -71.62
C LEU D 75 23.83 -6.62 -72.98
N THR D 76 24.32 -5.40 -73.17
CA THR D 76 24.90 -5.00 -74.45
C THR D 76 26.27 -4.40 -74.21
N ILE D 77 27.28 -4.96 -74.85
CA ILE D 77 28.66 -4.48 -74.73
C ILE D 77 29.04 -3.91 -76.09
N SER D 78 29.06 -2.60 -76.19
CA SER D 78 29.49 -1.92 -77.41
C SER D 78 31.00 -1.68 -77.37
N GLY D 79 31.66 -1.94 -78.49
CA GLY D 79 33.09 -1.77 -78.55
C GLY D 79 33.83 -2.80 -77.73
N LEU D 80 33.80 -4.06 -78.15
CA LEU D 80 34.44 -5.15 -77.43
C LEU D 80 35.93 -4.88 -77.24
N GLN D 81 36.35 -4.65 -76.01
CA GLN D 81 37.74 -4.39 -75.69
C GLN D 81 38.46 -5.71 -75.46
N ALA D 82 39.74 -5.62 -75.10
CA ALA D 82 40.51 -6.82 -74.80
C ALA D 82 40.01 -7.49 -73.53
N GLU D 83 40.04 -6.76 -72.40
CA GLU D 83 39.72 -7.32 -71.10
C GLU D 83 38.20 -7.44 -70.90
N ASP D 84 37.57 -8.19 -71.79
CA ASP D 84 36.16 -8.48 -71.70
C ASP D 84 35.86 -9.98 -71.74
N GLU D 85 36.89 -10.82 -71.89
CA GLU D 85 36.70 -12.27 -71.88
C GLU D 85 36.46 -12.77 -70.47
N ALA D 86 35.19 -12.95 -70.09
CA ALA D 86 34.85 -13.42 -68.76
C ALA D 86 33.48 -14.09 -68.82
N ASP D 87 33.01 -14.56 -67.67
CA ASP D 87 31.69 -15.16 -67.57
C ASP D 87 30.69 -14.12 -67.09
N TYR D 88 29.58 -14.00 -67.80
CA TYR D 88 28.54 -13.04 -67.45
C TYR D 88 27.32 -13.80 -66.93
N TYR D 89 26.83 -13.40 -65.76
CA TYR D 89 25.70 -14.05 -65.13
C TYR D 89 24.61 -13.02 -64.86
N CYS D 90 23.37 -13.37 -65.19
CA CYS D 90 22.22 -12.56 -64.84
C CYS D 90 21.53 -13.14 -63.61
N SER D 91 21.14 -12.27 -62.69
CA SER D 91 20.50 -12.69 -61.45
C SER D 91 19.26 -11.83 -61.23
N SER D 92 18.31 -12.40 -60.50
CA SER D 92 17.06 -11.71 -60.25
C SER D 92 16.49 -12.12 -58.91
N HIS D 93 15.85 -11.17 -58.23
CA HIS D 93 15.19 -11.42 -56.97
C HIS D 93 13.76 -11.83 -57.25
N THR D 94 13.45 -13.11 -57.05
CA THR D 94 12.12 -13.62 -57.35
C THR D 94 11.09 -13.01 -56.42
N SER D 95 9.82 -13.25 -56.75
CA SER D 95 8.75 -12.71 -55.91
C SER D 95 8.73 -13.34 -54.54
N ARG D 96 9.09 -14.62 -54.44
CA ARG D 96 9.01 -15.35 -53.18
C ARG D 96 10.07 -14.93 -52.17
N GLY D 97 10.94 -13.98 -52.51
CA GLY D 97 11.99 -13.57 -51.60
C GLY D 97 13.28 -14.33 -51.76
N THR D 98 13.52 -14.95 -52.90
CA THR D 98 14.74 -15.69 -53.17
C THR D 98 15.43 -15.11 -54.40
N TRP D 99 16.71 -15.44 -54.55
CA TRP D 99 17.51 -15.01 -55.68
C TRP D 99 17.74 -16.18 -56.62
N VAL D 100 17.71 -15.91 -57.92
CA VAL D 100 17.98 -16.91 -58.94
C VAL D 100 19.07 -16.37 -59.87
N PHE D 101 19.95 -17.25 -60.31
CA PHE D 101 21.03 -16.91 -61.22
C PHE D 101 20.81 -17.57 -62.57
N GLY D 102 21.55 -17.10 -63.56
CA GLY D 102 21.44 -17.64 -64.90
C GLY D 102 22.46 -18.74 -65.18
N GLY D 103 22.34 -19.32 -66.37
CA GLY D 103 23.26 -20.38 -66.75
C GLY D 103 24.69 -19.91 -66.85
N GLY D 104 24.89 -18.77 -67.49
CA GLY D 104 26.22 -18.23 -67.68
C GLY D 104 26.61 -18.21 -69.15
N THR D 105 27.40 -17.20 -69.52
CA THR D 105 27.84 -17.02 -70.89
C THR D 105 29.33 -16.71 -70.90
N LYS D 106 30.09 -17.49 -71.66
CA LYS D 106 31.53 -17.30 -71.79
C LYS D 106 31.78 -16.49 -73.06
N LEU D 107 32.18 -15.23 -72.89
CA LEU D 107 32.40 -14.34 -74.02
C LEU D 107 33.82 -14.49 -74.54
N THR D 108 33.95 -14.62 -75.86
CA THR D 108 35.23 -14.81 -76.52
C THR D 108 35.56 -13.56 -77.32
N VAL D 109 36.64 -12.88 -76.94
CA VAL D 109 36.98 -11.60 -77.54
C VAL D 109 37.56 -11.75 -78.94
N LEU D 110 38.14 -12.90 -79.28
CA LEU D 110 38.78 -13.12 -80.58
C LEU D 110 39.87 -12.10 -80.84
N ILE E 136 17.98 24.27 -1.65
CA ILE E 136 18.74 23.33 -0.85
C ILE E 136 18.08 23.17 0.52
N ARG E 137 18.01 21.91 0.97
CA ARG E 137 17.36 21.50 2.22
C ARG E 137 15.85 21.62 2.12
N CYS E 138 15.37 22.20 1.03
CA CYS E 138 13.95 22.35 0.81
C CYS E 138 13.46 21.69 -0.46
N ILE E 139 14.36 21.24 -1.32
CA ILE E 139 14.00 20.83 -2.68
C ILE E 139 13.00 19.69 -2.65
N GLY E 140 13.41 18.54 -2.12
CA GLY E 140 12.57 17.37 -2.17
C GLY E 140 11.62 17.19 -1.01
N VAL E 141 11.24 18.27 -0.32
CA VAL E 141 10.54 18.12 0.94
C VAL E 141 9.06 17.81 0.75
N SER E 142 8.47 18.20 -0.37
CA SER E 142 7.08 17.92 -0.73
C SER E 142 6.06 18.60 0.15
N ASN E 143 6.50 19.33 1.17
CA ASN E 143 5.60 20.15 1.98
C ASN E 143 6.24 21.51 2.20
N ARG E 144 6.92 22.02 1.19
CA ARG E 144 7.55 23.32 1.30
C ARG E 144 6.65 24.37 0.66
N ASP E 145 6.73 25.58 1.19
CA ASP E 145 5.90 26.68 0.73
C ASP E 145 6.78 27.86 0.38
N PHE E 146 6.38 28.60 -0.64
CA PHE E 146 7.14 29.75 -1.12
C PHE E 146 6.54 31.03 -0.54
N VAL E 147 7.39 31.89 -0.01
CA VAL E 147 6.95 33.13 0.61
C VAL E 147 7.43 34.29 -0.25
N GLU E 148 7.47 34.07 -1.56
CA GLU E 148 7.77 35.12 -2.52
C GLU E 148 7.06 36.40 -2.16
N GLY E 149 7.82 37.49 -2.09
CA GLY E 149 7.23 38.78 -1.79
C GLY E 149 7.77 39.41 -0.54
N MET E 150 8.00 40.71 -0.61
CA MET E 150 8.42 41.51 0.53
C MET E 150 8.02 42.96 0.24
N SER E 151 6.95 43.43 0.86
CA SER E 151 6.42 44.76 0.55
C SER E 151 6.93 45.83 1.50
N GLY E 152 7.75 45.46 2.48
CA GLY E 152 8.42 46.41 3.33
C GLY E 152 9.89 46.63 3.02
N GLY E 153 10.43 45.96 1.99
CA GLY E 153 11.85 46.01 1.71
C GLY E 153 12.66 45.42 2.84
N THR E 154 11.95 44.72 3.73
CA THR E 154 12.43 44.33 5.04
C THR E 154 11.76 43.06 5.50
N TRP E 155 11.70 42.89 6.82
CA TRP E 155 11.10 41.73 7.47
C TRP E 155 9.85 41.21 6.77
N VAL E 156 9.75 39.88 6.71
CA VAL E 156 8.54 39.16 6.32
C VAL E 156 8.21 38.16 7.42
N ASP E 157 6.97 38.13 7.87
CA ASP E 157 6.57 37.13 8.86
C ASP E 157 6.44 35.76 8.21
N VAL E 158 6.77 34.73 8.97
CA VAL E 158 6.73 33.36 8.47
C VAL E 158 6.51 32.42 9.64
N VAL E 159 5.58 31.49 9.48
CA VAL E 159 5.27 30.50 10.49
C VAL E 159 5.94 29.19 10.09
N LEU E 160 6.85 28.72 10.93
CA LEU E 160 7.62 27.52 10.66
C LEU E 160 6.96 26.33 11.33
N GLU E 161 6.94 25.20 10.64
CA GLU E 161 6.33 24.00 11.15
C GLU E 161 7.30 22.85 11.04
N HIS E 162 7.06 21.81 11.84
CA HIS E 162 7.96 20.66 11.82
C HIS E 162 7.84 19.88 10.52
N GLY E 163 6.64 19.77 9.98
CA GLY E 163 6.44 19.03 8.76
C GLY E 163 7.24 19.58 7.60
N GLY E 164 7.02 20.84 7.24
CA GLY E 164 7.64 21.39 6.05
C GLY E 164 8.62 22.51 6.28
N CYS E 165 8.98 23.20 5.20
CA CYS E 165 10.00 24.23 5.23
C CYS E 165 9.57 25.36 4.31
N VAL E 166 10.30 26.47 4.38
CA VAL E 166 9.89 27.72 3.76
C VAL E 166 11.04 28.27 2.95
N THR E 167 10.80 28.57 1.68
CA THR E 167 11.79 29.23 0.83
C THR E 167 11.38 30.68 0.66
N VAL E 168 12.23 31.60 1.09
CA VAL E 168 11.97 33.02 1.06
C VAL E 168 12.75 33.61 -0.10
N MET E 169 12.04 34.25 -1.02
CA MET E 169 12.64 34.86 -2.19
C MET E 169 12.17 36.30 -2.28
N ALA E 170 13.10 37.23 -2.19
CA ALA E 170 12.83 38.66 -2.20
C ALA E 170 13.28 39.25 -3.53
N GLN E 171 13.21 40.57 -3.64
CA GLN E 171 13.57 41.23 -4.89
C GLN E 171 15.06 41.09 -5.19
N ASP E 172 15.89 41.69 -4.35
CA ASP E 172 17.33 41.76 -4.61
C ASP E 172 18.12 40.95 -3.59
N LYS E 173 17.54 39.88 -3.08
CA LYS E 173 18.15 39.07 -2.05
C LYS E 173 18.16 37.61 -2.47
N PRO E 174 19.12 36.83 -1.98
CA PRO E 174 19.19 35.42 -2.35
C PRO E 174 18.11 34.60 -1.68
N THR E 175 17.67 33.55 -2.38
CA THR E 175 16.64 32.68 -1.84
C THR E 175 17.18 31.93 -0.64
N VAL E 176 16.49 32.02 0.49
CA VAL E 176 16.91 31.35 1.72
C VAL E 176 15.89 30.30 2.08
N ASP E 177 16.37 29.11 2.41
CA ASP E 177 15.54 28.00 2.85
C ASP E 177 15.62 27.88 4.37
N ILE E 178 14.48 27.91 5.04
CA ILE E 178 14.40 27.91 6.49
C ILE E 178 13.56 26.73 6.92
N GLU E 179 14.01 26.03 7.96
CA GLU E 179 13.27 24.88 8.45
C GLU E 179 13.42 24.78 9.96
N LEU E 180 12.33 24.44 10.63
CA LEU E 180 12.36 24.10 12.04
C LEU E 180 12.69 22.62 12.16
N VAL E 181 13.70 22.29 12.96
CA VAL E 181 14.29 20.97 12.96
C VAL E 181 13.94 20.20 14.23
N THR E 182 14.28 20.73 15.40
CA THR E 182 14.00 20.07 16.66
C THR E 182 13.57 21.09 17.70
N THR E 183 12.69 20.67 18.60
CA THR E 183 12.39 21.41 19.84
C THR E 183 12.59 20.45 21.01
N THR E 184 13.59 20.72 21.83
CA THR E 184 13.87 19.90 23.00
C THR E 184 13.36 20.58 24.26
N VAL E 185 12.85 19.79 25.19
CA VAL E 185 12.44 20.27 26.50
C VAL E 185 13.37 19.63 27.54
N SER E 186 13.79 20.42 28.52
CA SER E 186 14.80 19.96 29.45
C SER E 186 14.41 20.32 30.88
N ASN E 187 14.95 19.54 31.82
CA ASN E 187 14.74 19.71 33.27
C ASN E 187 13.30 20.07 33.60
N MET E 188 12.38 19.19 33.19
CA MET E 188 10.98 19.35 33.54
C MET E 188 10.73 18.92 34.97
N ALA E 189 9.85 19.65 35.65
CA ALA E 189 9.46 19.30 37.01
C ALA E 189 8.41 18.21 37.01
N GLU E 190 8.39 17.41 38.07
CA GLU E 190 7.59 16.21 38.13
C GLU E 190 6.28 16.49 38.86
N VAL E 191 5.17 16.00 38.30
CA VAL E 191 3.82 16.26 38.81
C VAL E 191 2.99 14.99 38.72
N ARG E 192 2.49 14.51 39.86
CA ARG E 192 1.43 13.51 39.87
C ARG E 192 1.77 12.24 39.10
N SER E 193 2.65 11.40 39.63
CA SER E 193 2.87 10.10 39.03
C SER E 193 1.68 9.19 39.33
N TYR E 194 1.29 8.39 38.33
CA TYR E 194 0.20 7.43 38.43
C TYR E 194 0.73 6.01 38.48
N CYS E 195 -0.06 5.11 39.04
CA CYS E 195 0.30 3.70 39.18
C CYS E 195 -0.60 2.87 38.29
N TYR E 196 -0.03 2.28 37.23
CA TYR E 196 -0.84 1.49 36.31
C TYR E 196 -0.63 -0.01 36.45
N GLU E 197 0.21 -0.46 37.37
CA GLU E 197 0.33 -1.90 37.65
C GLU E 197 0.52 -2.09 39.15
N ALA E 198 -0.55 -2.45 39.84
CA ALA E 198 -0.53 -2.64 41.27
C ALA E 198 -0.27 -4.09 41.64
N SER E 199 -0.04 -4.33 42.92
CA SER E 199 0.13 -5.68 43.43
C SER E 199 -0.20 -5.70 44.92
N ILE E 200 -0.94 -6.71 45.34
CA ILE E 200 -1.45 -6.82 46.70
C ILE E 200 -0.68 -7.89 47.45
N SER E 201 -0.24 -7.56 48.67
CA SER E 201 0.76 -8.38 49.34
C SER E 201 0.17 -9.45 50.25
N ASP E 202 -0.54 -9.05 51.30
CA ASP E 202 -1.02 -10.01 52.30
C ASP E 202 -2.41 -9.62 52.76
N MET E 203 -3.37 -10.51 52.55
CA MET E 203 -4.74 -10.25 52.92
C MET E 203 -5.04 -10.75 54.31
N ALA E 204 -5.95 -10.06 54.98
CA ALA E 204 -6.40 -10.48 56.30
C ALA E 204 -7.84 -10.03 56.47
N SER E 205 -8.54 -10.65 57.41
CA SER E 205 -9.97 -10.39 57.54
C SER E 205 -10.41 -10.62 58.97
N ASP E 206 -11.59 -10.11 59.27
CA ASP E 206 -12.18 -10.24 60.60
C ASP E 206 -13.70 -10.19 60.48
N SER E 207 -14.37 -11.01 61.30
CA SER E 207 -15.84 -11.15 61.39
C SER E 207 -16.32 -11.05 62.86
N ARG E 208 -17.51 -10.57 63.08
CA ARG E 208 -18.02 -10.50 64.40
C ARG E 208 -19.40 -11.07 64.37
N CYS E 209 -19.92 -11.70 65.42
CA CYS E 209 -21.28 -12.26 65.30
C CYS E 209 -22.32 -11.15 65.22
N PRO E 210 -23.53 -11.42 64.79
CA PRO E 210 -24.44 -10.35 64.44
C PRO E 210 -24.77 -9.29 65.38
N THR E 211 -24.65 -9.45 66.66
CA THR E 211 -24.91 -8.33 67.52
C THR E 211 -23.69 -8.14 68.38
N GLN E 212 -22.64 -7.60 67.77
CA GLN E 212 -21.36 -7.19 68.38
C GLN E 212 -20.93 -5.89 67.68
N GLY E 213 -19.80 -5.31 67.98
CA GLY E 213 -19.56 -4.00 67.41
C GLY E 213 -19.34 -4.13 65.92
N GLU E 214 -18.20 -3.65 65.44
CA GLU E 214 -17.84 -3.80 64.04
C GLU E 214 -16.54 -4.59 63.96
N ALA E 215 -16.32 -5.21 62.80
CA ALA E 215 -15.07 -5.92 62.58
C ALA E 215 -13.91 -4.94 62.60
N TYR E 216 -12.87 -5.28 63.35
CA TYR E 216 -11.74 -4.38 63.57
C TYR E 216 -10.45 -5.08 63.17
N LEU E 217 -9.70 -4.44 62.28
CA LEU E 217 -8.35 -4.86 61.93
C LEU E 217 -7.39 -3.75 62.32
N ASP E 218 -6.27 -4.13 62.96
CA ASP E 218 -5.29 -3.13 63.34
C ASP E 218 -4.69 -2.46 62.11
N LYS E 219 -4.72 -3.12 60.96
CA LYS E 219 -4.18 -2.60 59.72
C LYS E 219 -5.10 -1.61 59.04
N GLN E 220 -6.22 -1.25 59.67
CA GLN E 220 -7.12 -0.27 59.07
C GLN E 220 -6.51 1.12 59.10
N SER E 221 -5.90 1.50 60.21
CA SER E 221 -5.28 2.80 60.34
C SER E 221 -3.97 2.92 59.56
N ASP E 222 -3.50 1.83 58.96
CA ASP E 222 -2.31 1.90 58.11
C ASP E 222 -2.73 2.35 56.72
N THR E 223 -2.11 3.41 56.24
CA THR E 223 -2.48 4.01 54.96
C THR E 223 -1.84 3.31 53.77
N GLN E 224 -1.18 2.18 53.99
CA GLN E 224 -0.69 1.36 52.89
C GLN E 224 -1.62 0.21 52.54
N TYR E 225 -2.71 0.03 53.28
CA TYR E 225 -3.60 -1.10 53.13
C TYR E 225 -4.95 -0.64 52.62
N VAL E 226 -5.46 -1.34 51.62
CA VAL E 226 -6.81 -1.15 51.13
C VAL E 226 -7.72 -2.03 51.97
N CYS E 227 -8.75 -1.42 52.57
CA CYS E 227 -9.66 -2.13 53.45
C CYS E 227 -11.08 -1.97 52.95
N LYS E 228 -11.85 -3.05 53.05
CA LYS E 228 -13.24 -3.07 52.63
C LYS E 228 -14.09 -3.72 53.70
N ARG E 229 -15.24 -3.14 53.97
CA ARG E 229 -16.17 -3.65 54.97
C ARG E 229 -17.50 -4.00 54.34
N THR E 230 -18.04 -5.15 54.70
CA THR E 230 -19.31 -5.63 54.14
C THR E 230 -20.05 -6.41 55.20
N LEU E 231 -21.18 -6.99 54.80
CA LEU E 231 -22.01 -7.81 55.66
C LEU E 231 -22.01 -9.25 55.18
N VAL E 232 -22.03 -10.18 56.13
CA VAL E 232 -21.86 -11.60 55.84
C VAL E 232 -22.88 -12.39 56.66
N ASP E 233 -23.35 -13.51 56.09
CA ASP E 233 -24.29 -14.37 56.80
C ASP E 233 -23.58 -15.11 57.93
N ARG E 234 -24.13 -15.03 59.13
CA ARG E 234 -23.52 -15.62 60.30
C ARG E 234 -24.59 -16.20 61.21
N GLY E 235 -24.24 -17.27 61.92
CA GLY E 235 -25.06 -17.71 63.02
C GLY E 235 -25.28 -19.20 63.20
N TRP E 236 -24.99 -19.68 64.41
CA TRP E 236 -25.38 -20.99 64.91
C TRP E 236 -24.59 -22.11 64.23
N GLY E 237 -23.89 -21.78 63.17
CA GLY E 237 -23.04 -22.74 62.47
C GLY E 237 -21.61 -22.30 62.56
N ASN E 238 -21.42 -20.97 62.59
CA ASN E 238 -20.13 -20.33 62.72
C ASN E 238 -19.75 -20.08 64.17
N GLY E 239 -20.39 -20.76 65.11
CA GLY E 239 -20.06 -20.64 66.51
C GLY E 239 -20.53 -19.39 67.20
N CYS E 240 -21.26 -18.53 66.51
CA CYS E 240 -21.76 -17.28 67.06
C CYS E 240 -23.28 -17.35 67.08
N GLY E 241 -23.87 -17.38 68.27
CA GLY E 241 -25.28 -17.68 68.35
C GLY E 241 -26.22 -16.49 68.24
N LEU E 242 -26.59 -16.18 67.01
CA LEU E 242 -27.64 -15.25 66.58
C LEU E 242 -27.63 -15.26 65.06
N PHE E 243 -28.73 -14.83 64.45
CA PHE E 243 -28.90 -15.05 63.01
C PHE E 243 -28.93 -13.75 62.21
N GLY E 244 -28.44 -12.66 62.74
CA GLY E 244 -28.34 -11.44 61.98
C GLY E 244 -27.25 -11.53 60.93
N LYS E 245 -27.06 -10.43 60.21
CA LYS E 245 -25.87 -10.23 59.40
C LYS E 245 -24.73 -9.73 60.28
N GLY E 246 -23.53 -10.25 60.04
CA GLY E 246 -22.34 -9.81 60.74
C GLY E 246 -21.50 -8.94 59.83
N SER E 247 -20.51 -8.29 60.42
CA SER E 247 -19.63 -7.39 59.68
C SER E 247 -18.33 -8.11 59.36
N LEU E 248 -17.84 -7.91 58.15
CA LEU E 248 -16.61 -8.53 57.68
C LEU E 248 -15.71 -7.44 57.12
N VAL E 249 -14.46 -7.39 57.61
CA VAL E 249 -13.48 -6.43 57.16
C VAL E 249 -12.31 -7.19 56.55
N THR E 250 -11.86 -6.77 55.37
CA THR E 250 -10.69 -7.36 54.73
C THR E 250 -9.73 -6.26 54.34
N CYS E 251 -8.46 -6.43 54.70
CA CYS E 251 -7.43 -5.46 54.40
C CYS E 251 -6.27 -6.15 53.70
N ALA E 252 -5.67 -5.45 52.74
CA ALA E 252 -4.59 -5.99 51.94
C ALA E 252 -3.58 -4.90 51.63
N LYS E 253 -2.30 -5.23 51.72
CA LYS E 253 -1.26 -4.24 51.50
C LYS E 253 -1.13 -3.90 50.02
N PHE E 254 -0.92 -2.62 49.74
CA PHE E 254 -0.84 -2.12 48.37
C PHE E 254 0.61 -1.85 48.00
N ALA E 255 1.04 -2.31 46.84
CA ALA E 255 2.38 -2.05 46.34
C ALA E 255 2.31 -1.82 44.85
N CYS E 256 2.93 -0.73 44.39
CA CYS E 256 2.79 -0.31 43.00
C CYS E 256 3.81 -0.98 42.10
N SER E 257 3.80 -0.56 40.83
CA SER E 257 4.82 -0.92 39.86
C SER E 257 4.61 -0.07 38.61
N LYS E 258 5.70 0.30 37.95
CA LYS E 258 5.67 1.17 36.76
C LYS E 258 5.55 2.68 37.06
N LYS E 259 4.49 3.10 37.75
CA LYS E 259 4.32 4.52 38.14
C LYS E 259 4.40 5.61 37.04
N MET E 260 3.68 5.42 35.93
CA MET E 260 3.69 6.37 34.82
C MET E 260 3.65 7.78 35.37
N THR E 261 4.49 8.66 34.83
CA THR E 261 4.73 9.97 35.43
C THR E 261 4.53 11.08 34.41
N GLY E 262 3.86 12.14 34.84
CA GLY E 262 3.73 13.35 34.04
C GLY E 262 4.56 14.48 34.60
N LYS E 263 4.95 15.40 33.73
CA LYS E 263 5.86 16.48 34.07
C LYS E 263 5.38 17.77 33.42
N SER E 264 5.68 18.90 34.05
CA SER E 264 5.18 20.19 33.60
C SER E 264 6.21 20.88 32.71
N ILE E 265 5.75 21.40 31.58
CA ILE E 265 6.59 22.11 30.63
C ILE E 265 6.39 23.60 30.85
N GLN E 266 7.36 24.26 31.42
CA GLN E 266 7.30 25.70 31.62
C GLN E 266 7.80 26.41 30.37
N PRO E 267 7.49 27.71 30.22
CA PRO E 267 7.98 28.41 29.03
C PRO E 267 9.49 28.43 28.92
N GLU E 268 10.18 28.50 30.05
CA GLU E 268 11.63 28.37 30.04
C GLU E 268 12.01 26.93 29.70
N ASN E 269 13.31 26.65 29.73
CA ASN E 269 13.87 25.30 29.51
C ASN E 269 13.34 24.65 28.22
N LEU E 270 12.84 25.46 27.29
CA LEU E 270 12.35 25.01 26.00
C LEU E 270 13.14 25.68 24.90
N GLU E 271 13.55 24.93 23.88
CA GLU E 271 14.48 25.45 22.89
C GLU E 271 14.18 24.90 21.50
N TYR E 272 14.09 25.78 20.51
CA TYR E 272 13.89 25.41 19.12
C TYR E 272 15.19 25.55 18.34
N ARG E 273 15.38 24.69 17.36
CA ARG E 273 16.54 24.72 16.49
C ARG E 273 16.07 24.94 15.06
N ILE E 274 16.66 25.92 14.39
CA ILE E 274 16.25 26.32 13.05
C ILE E 274 17.46 26.20 12.14
N MET E 275 17.29 25.51 11.02
CA MET E 275 18.35 25.32 10.05
C MET E 275 18.08 26.20 8.85
N LEU E 276 19.10 26.92 8.41
CA LEU E 276 19.04 27.80 7.26
C LEU E 276 20.01 27.31 6.21
N SER E 277 19.60 27.43 4.95
CA SER E 277 20.49 27.21 3.82
C SER E 277 20.21 28.32 2.83
N VAL E 278 21.15 28.52 1.92
CA VAL E 278 21.05 29.61 0.94
C VAL E 278 21.26 29.02 -0.44
N HIS E 279 20.37 29.35 -1.37
CA HIS E 279 20.54 28.88 -2.74
C HIS E 279 21.78 29.52 -3.34
N GLY E 280 22.12 29.08 -4.54
CA GLY E 280 23.26 29.66 -5.22
C GLY E 280 24.32 28.64 -5.61
N SER E 281 25.53 28.88 -5.15
CA SER E 281 26.68 28.12 -5.62
C SER E 281 26.70 26.68 -5.15
N GLN E 282 25.77 26.27 -4.29
CA GLN E 282 25.89 24.98 -3.63
C GLN E 282 25.80 23.84 -4.63
N HIS E 283 26.68 22.87 -4.44
CA HIS E 283 26.68 21.63 -5.20
C HIS E 283 25.46 20.80 -4.82
N SER E 284 25.17 19.80 -5.66
CA SER E 284 24.01 18.95 -5.42
C SER E 284 24.05 18.30 -4.05
N GLY E 285 25.23 17.92 -3.58
CA GLY E 285 25.38 17.35 -2.26
C GLY E 285 25.66 18.42 -1.21
N ASP E 296 30.27 26.48 6.98
CA ASP E 296 30.02 26.18 5.58
C ASP E 296 29.82 27.46 4.80
N GLU E 297 29.36 28.50 5.50
CA GLU E 297 29.20 29.83 4.94
C GLU E 297 28.01 29.89 3.98
N ASN E 298 27.44 28.73 3.66
CA ASN E 298 26.18 28.64 2.93
C ASN E 298 25.03 28.13 3.79
N ARG E 299 25.32 27.62 4.99
CA ARG E 299 24.31 27.06 5.87
C ARG E 299 24.56 27.54 7.28
N ALA E 300 23.49 27.63 8.06
CA ALA E 300 23.59 28.12 9.43
C ALA E 300 22.61 27.39 10.33
N LYS E 301 22.87 27.44 11.63
CA LYS E 301 22.02 26.85 12.65
C LYS E 301 21.76 27.88 13.73
N VAL E 302 20.49 28.08 14.07
CA VAL E 302 20.06 29.11 15.01
C VAL E 302 19.30 28.45 16.15
N GLU E 303 19.72 28.71 17.37
CA GLU E 303 19.00 28.26 18.56
C GLU E 303 18.13 29.40 19.08
N ILE E 304 16.87 29.12 19.34
CA ILE E 304 15.94 30.13 19.80
C ILE E 304 15.25 29.60 21.06
N THR E 305 15.46 30.29 22.18
CA THR E 305 14.84 29.98 23.44
C THR E 305 14.15 31.24 23.95
N PRO E 306 13.12 31.11 24.77
CA PRO E 306 12.47 32.30 25.32
C PRO E 306 13.40 33.23 26.05
N ASN E 307 14.60 32.77 26.45
CA ASN E 307 15.59 33.68 27.00
C ASN E 307 16.24 34.54 25.92
N SER E 308 16.30 34.03 24.68
CA SER E 308 16.90 34.75 23.56
C SER E 308 16.01 34.57 22.35
N PRO E 309 14.88 35.28 22.28
CA PRO E 309 13.91 35.02 21.21
C PRO E 309 14.42 35.39 19.84
N ARG E 310 15.26 36.41 19.71
CA ARG E 310 15.74 36.87 18.42
C ARG E 310 17.22 36.56 18.26
N ALA E 311 17.61 36.22 17.03
CA ALA E 311 18.99 35.87 16.73
C ALA E 311 19.33 36.35 15.34
N GLU E 312 20.61 36.30 15.01
CA GLU E 312 21.10 36.60 13.67
C GLU E 312 21.96 35.45 13.18
N ALA E 313 21.64 34.94 12.00
CA ALA E 313 22.45 33.92 11.35
C ALA E 313 23.40 34.61 10.39
N THR E 314 24.70 34.43 10.61
CA THR E 314 25.72 35.06 9.79
C THR E 314 26.06 34.12 8.63
N LEU E 315 25.67 34.51 7.42
CA LEU E 315 26.00 33.79 6.21
C LEU E 315 27.12 34.55 5.52
N GLY E 316 28.34 34.06 5.63
CA GLY E 316 29.49 34.74 5.10
C GLY E 316 29.36 35.10 3.63
N GLY E 317 29.55 36.36 3.28
CA GLY E 317 29.42 36.82 1.93
C GLY E 317 28.01 37.20 1.52
N PHE E 318 26.99 36.57 2.11
CA PHE E 318 25.62 36.98 1.89
C PHE E 318 25.14 37.96 2.95
N GLY E 319 25.92 38.19 4.00
CA GLY E 319 25.53 39.08 5.07
C GLY E 319 25.01 38.31 6.28
N SER E 320 23.85 38.72 6.78
CA SER E 320 23.27 38.09 7.95
C SER E 320 21.76 38.24 7.91
N LEU E 321 21.07 37.18 8.26
CA LEU E 321 19.62 37.15 8.29
C LEU E 321 19.15 37.23 9.74
N GLY E 322 18.25 38.15 10.04
CA GLY E 322 17.74 38.30 11.39
C GLY E 322 16.43 37.56 11.55
N LEU E 323 16.29 36.85 12.67
CA LEU E 323 15.04 36.20 13.02
C LEU E 323 14.57 36.73 14.37
N ASP E 324 13.43 37.41 14.38
CA ASP E 324 12.80 37.87 15.60
C ASP E 324 11.58 36.99 15.83
N CYS E 325 11.65 36.13 16.82
CA CYS E 325 10.71 35.02 16.91
C CYS E 325 9.95 35.06 18.22
N GLU E 326 8.80 34.38 18.22
CA GLU E 326 7.91 34.29 19.37
C GLU E 326 7.92 32.88 19.92
N PRO E 327 8.87 32.52 20.79
CA PRO E 327 8.92 31.14 21.27
C PRO E 327 7.80 30.80 22.23
N ARG E 328 7.37 31.75 23.05
CA ARG E 328 6.45 31.42 24.14
C ARG E 328 5.08 31.01 23.61
N THR E 329 4.59 31.67 22.56
CA THR E 329 3.27 31.38 22.02
C THR E 329 3.31 30.37 20.88
N GLY E 330 4.28 29.46 20.88
CA GLY E 330 4.38 28.49 19.80
C GLY E 330 3.28 27.47 19.73
N LEU E 331 3.23 26.55 20.69
CA LEU E 331 2.28 25.45 20.67
C LEU E 331 1.35 25.47 21.87
N ASP E 332 1.36 26.56 22.64
CA ASP E 332 0.54 26.69 23.85
C ASP E 332 0.85 25.56 24.84
N PHE E 333 2.12 25.51 25.22
CA PHE E 333 2.51 24.74 26.40
C PHE E 333 1.92 25.46 27.61
N SER E 334 2.14 24.92 28.81
CA SER E 334 1.44 25.27 30.04
C SER E 334 0.01 24.75 30.02
N ASP E 335 -0.43 24.15 28.91
CA ASP E 335 -1.55 23.24 28.91
C ASP E 335 -1.12 21.80 28.67
N LEU E 336 0.13 21.56 28.30
CA LEU E 336 0.61 20.24 27.93
C LEU E 336 1.59 19.74 28.98
N TYR E 337 1.46 18.47 29.33
CA TYR E 337 2.38 17.74 30.17
C TYR E 337 3.20 16.75 29.35
N TYR E 338 4.38 16.44 29.85
CA TYR E 338 5.25 15.43 29.27
C TYR E 338 5.09 14.14 30.06
N LEU E 339 4.57 13.09 29.41
CA LEU E 339 4.20 11.86 30.09
C LEU E 339 5.14 10.75 29.65
N THR E 340 5.60 9.95 30.61
CA THR E 340 6.36 8.73 30.30
C THR E 340 5.74 7.55 31.01
N MET E 341 5.72 6.40 30.35
CA MET E 341 5.23 5.16 30.96
C MET E 341 6.35 4.15 31.15
N ASN E 342 6.99 3.69 30.07
CA ASN E 342 8.23 2.92 30.23
C ASN E 342 9.05 3.11 28.96
N ASN E 343 9.96 4.09 28.99
CA ASN E 343 10.79 4.40 27.84
C ASN E 343 9.96 4.74 26.61
N LYS E 344 8.77 5.30 26.84
CA LYS E 344 7.93 5.87 25.79
C LYS E 344 7.35 7.16 26.32
N HIS E 345 7.44 8.24 25.54
CA HIS E 345 7.08 9.57 26.03
C HIS E 345 6.10 10.23 25.09
N TRP E 346 5.17 10.99 25.67
CA TRP E 346 4.12 11.67 24.94
C TRP E 346 4.00 13.11 25.42
N LEU E 347 3.44 13.94 24.56
CA LEU E 347 2.87 15.23 24.92
C LEU E 347 1.38 15.04 25.07
N VAL E 348 0.86 15.46 26.23
CA VAL E 348 -0.48 15.11 26.67
C VAL E 348 -1.14 16.36 27.23
N HIS E 349 -2.46 16.41 27.22
CA HIS E 349 -3.16 17.59 27.71
C HIS E 349 -3.21 17.59 29.23
N LYS E 350 -3.29 18.77 29.82
CA LYS E 350 -3.41 18.88 31.27
C LYS E 350 -4.68 18.20 31.77
N GLU E 351 -5.82 18.48 31.13
CA GLU E 351 -7.09 18.02 31.64
C GLU E 351 -7.22 16.50 31.52
N TRP E 352 -6.80 15.94 30.39
CA TRP E 352 -6.77 14.50 30.25
C TRP E 352 -5.96 13.86 31.36
N PHE E 353 -4.81 14.45 31.70
CA PHE E 353 -3.95 13.86 32.70
C PHE E 353 -4.52 14.01 34.09
N HIS E 354 -5.30 15.06 34.34
CA HIS E 354 -5.91 15.21 35.65
C HIS E 354 -7.27 14.54 35.76
N ASP E 355 -7.77 13.92 34.69
CA ASP E 355 -9.06 13.25 34.72
C ASP E 355 -8.95 11.73 34.62
N ILE E 356 -7.78 11.15 34.81
CA ILE E 356 -7.55 9.74 34.57
C ILE E 356 -7.66 8.99 35.89
N PRO E 357 -8.56 8.01 36.02
CA PRO E 357 -8.74 7.32 37.30
C PRO E 357 -7.76 6.19 37.56
N LEU E 358 -6.77 6.43 38.41
CA LEU E 358 -5.79 5.44 38.82
C LEU E 358 -5.17 5.92 40.12
N PRO E 359 -4.55 5.04 40.89
CA PRO E 359 -3.84 5.50 42.08
C PRO E 359 -2.76 6.50 41.68
N TRP E 360 -2.62 7.57 42.48
CA TRP E 360 -1.71 8.64 42.09
C TRP E 360 -1.03 9.20 43.32
N HIS E 361 0.06 9.93 43.08
CA HIS E 361 0.62 10.78 44.12
C HIS E 361 1.37 11.91 43.45
N ALA E 362 1.13 13.13 43.94
CA ALA E 362 1.74 14.32 43.38
C ALA E 362 3.19 14.46 43.86
N GLY E 363 3.96 15.23 43.10
CA GLY E 363 5.33 15.51 43.45
C GLY E 363 6.29 14.43 43.00
N ALA E 364 7.58 14.71 43.20
CA ALA E 364 8.62 13.76 42.83
C ALA E 364 8.60 12.57 43.76
N ASP E 365 8.92 11.40 43.21
CA ASP E 365 8.91 10.18 43.98
C ASP E 365 10.27 9.91 44.60
N THR E 366 10.26 9.17 45.69
CA THR E 366 11.45 8.70 46.39
C THR E 366 11.00 7.68 47.42
N GLY E 367 11.80 6.64 47.59
CA GLY E 367 11.44 5.59 48.52
C GLY E 367 10.08 4.99 48.20
N THR E 368 9.36 4.59 49.25
CA THR E 368 8.03 4.02 49.08
C THR E 368 7.02 5.15 49.17
N PRO E 369 6.34 5.50 48.08
CA PRO E 369 5.38 6.61 48.12
C PRO E 369 4.09 6.20 48.84
N HIS E 370 3.27 7.20 49.08
CA HIS E 370 1.94 7.02 49.67
C HIS E 370 0.93 7.17 48.54
N TRP E 371 0.37 6.06 48.08
CA TRP E 371 -0.52 6.08 46.94
C TRP E 371 -1.90 6.54 47.34
N ASN E 372 -2.53 7.31 46.47
CA ASN E 372 -3.80 7.95 46.75
C ASN E 372 -4.92 7.26 45.97
N ASN E 373 -6.11 7.30 46.57
CA ASN E 373 -7.30 6.68 46.03
C ASN E 373 -7.30 5.22 46.45
N LYS E 374 -6.19 4.55 46.15
CA LYS E 374 -5.99 3.15 46.52
C LYS E 374 -7.09 2.22 46.00
N GLU E 375 -7.60 2.49 44.81
CA GLU E 375 -8.61 1.63 44.21
C GLU E 375 -8.56 1.83 42.71
N ALA E 376 -9.53 1.27 42.00
CA ALA E 376 -9.53 1.25 40.54
C ALA E 376 -8.41 0.33 40.07
N LEU E 377 -7.65 -0.19 41.03
CA LEU E 377 -6.71 -1.27 40.82
C LEU E 377 -6.95 -2.43 41.77
N VAL E 378 -7.89 -2.29 42.71
CA VAL E 378 -8.20 -3.33 43.69
C VAL E 378 -9.70 -3.57 43.67
N GLU E 379 -10.10 -4.83 43.57
CA GLU E 379 -11.50 -5.22 43.52
C GLU E 379 -11.78 -6.21 44.64
N PHE E 380 -12.71 -5.84 45.52
CA PHE E 380 -13.14 -6.70 46.63
C PHE E 380 -14.39 -7.44 46.20
N LYS E 381 -14.20 -8.63 45.64
CA LYS E 381 -15.31 -9.45 45.22
C LYS E 381 -15.85 -10.25 46.39
N ASP E 382 -17.15 -10.56 46.32
CA ASP E 382 -17.85 -11.22 47.41
C ASP E 382 -18.14 -12.67 47.02
N ALA E 383 -17.88 -13.59 47.94
CA ALA E 383 -18.08 -15.02 47.74
C ALA E 383 -19.50 -15.38 48.17
N HIS E 384 -19.76 -16.66 48.42
CA HIS E 384 -21.11 -17.13 48.71
C HIS E 384 -21.58 -16.60 50.06
N ALA E 385 -21.77 -15.28 50.14
CA ALA E 385 -22.33 -14.58 51.29
C ALA E 385 -21.57 -14.85 52.59
N LYS E 386 -20.37 -15.43 52.53
CA LYS E 386 -19.63 -15.68 53.76
C LYS E 386 -18.14 -15.40 53.65
N ARG E 387 -17.65 -14.92 52.50
CA ARG E 387 -16.23 -14.63 52.33
C ARG E 387 -16.06 -13.35 51.55
N GLN E 388 -14.83 -12.83 51.53
CA GLN E 388 -14.44 -11.73 50.68
C GLN E 388 -13.07 -12.00 50.09
N THR E 389 -12.94 -11.83 48.79
CA THR E 389 -11.67 -12.02 48.10
C THR E 389 -11.23 -10.70 47.51
N VAL E 390 -9.92 -10.50 47.45
CA VAL E 390 -9.33 -9.26 46.95
C VAL E 390 -8.46 -9.59 45.75
N VAL E 391 -8.69 -8.90 44.64
CA VAL E 391 -7.87 -9.10 43.44
C VAL E 391 -7.43 -7.74 42.92
N VAL E 392 -6.43 -7.75 42.05
CA VAL E 392 -5.94 -6.54 41.40
C VAL E 392 -6.17 -6.64 39.90
N LEU E 393 -6.48 -5.50 39.29
CA LEU E 393 -6.68 -5.45 37.85
C LEU E 393 -5.34 -5.36 37.14
N GLY E 394 -5.21 -6.09 36.03
CA GLY E 394 -3.91 -6.29 35.45
C GLY E 394 -3.34 -5.19 34.57
N SER E 395 -2.37 -4.46 35.11
CA SER E 395 -1.34 -3.77 34.35
C SER E 395 -1.79 -2.57 33.52
N GLN E 396 -3.09 -2.40 33.29
CA GLN E 396 -3.67 -1.10 32.92
C GLN E 396 -2.89 -0.31 31.89
N GLU E 397 -2.01 -0.94 31.13
CA GLU E 397 -1.09 -0.20 30.28
C GLU E 397 -1.57 -0.08 28.85
N GLY E 398 -2.11 -1.16 28.27
CA GLY E 398 -2.72 -1.04 26.97
C GLY E 398 -3.99 -0.22 27.00
N ALA E 399 -4.70 -0.23 28.13
CA ALA E 399 -5.84 0.65 28.29
C ALA E 399 -5.42 2.10 28.21
N VAL E 400 -4.30 2.46 28.83
CA VAL E 400 -3.80 3.83 28.72
C VAL E 400 -3.30 4.11 27.32
N HIS E 401 -2.66 3.12 26.68
CA HIS E 401 -2.18 3.32 25.33
C HIS E 401 -3.32 3.64 24.36
N THR E 402 -4.46 2.97 24.52
CA THR E 402 -5.60 3.33 23.68
C THR E 402 -6.30 4.59 24.16
N ALA E 403 -6.18 4.92 25.44
CA ALA E 403 -6.72 6.19 25.92
C ALA E 403 -5.93 7.37 25.37
N LEU E 404 -4.66 7.18 25.06
CA LEU E 404 -3.81 8.26 24.58
C LEU E 404 -3.92 8.45 23.07
N ALA E 405 -5.12 8.42 22.52
CA ALA E 405 -5.30 8.61 21.08
C ALA E 405 -5.50 10.09 20.82
N GLY E 406 -4.64 10.67 20.00
CA GLY E 406 -4.62 12.09 19.78
C GLY E 406 -3.56 12.84 20.56
N ALA E 407 -2.70 12.15 21.29
CA ALA E 407 -1.60 12.76 22.01
C ALA E 407 -0.34 12.58 21.20
N LEU E 408 0.60 13.52 21.32
CA LEU E 408 1.75 13.53 20.43
C LEU E 408 2.85 12.63 20.95
N GLU E 409 3.52 11.92 20.05
CA GLU E 409 4.70 11.18 20.48
C GLU E 409 5.84 12.14 20.77
N ALA E 410 6.85 11.64 21.48
CA ALA E 410 8.07 12.38 21.74
C ALA E 410 9.15 11.37 22.07
N GLU E 411 10.40 11.78 21.92
CA GLU E 411 11.51 10.85 22.13
C GLU E 411 12.55 11.53 23.00
N MET E 412 12.96 10.88 24.07
CA MET E 412 13.82 11.50 25.06
C MET E 412 15.19 10.84 25.02
N ASP E 413 16.23 11.67 24.97
CA ASP E 413 17.62 11.21 25.05
C ASP E 413 18.30 11.99 26.17
N GLY E 414 18.74 11.28 27.20
CA GLY E 414 19.20 12.00 28.35
C GLY E 414 18.02 12.62 29.07
N ALA E 415 18.30 13.70 29.80
CA ALA E 415 17.22 14.43 30.46
C ALA E 415 16.35 15.17 29.45
N LYS E 416 16.90 15.52 28.29
CA LYS E 416 16.18 16.30 27.30
C LYS E 416 15.30 15.41 26.43
N GLY E 417 14.07 15.85 26.24
CA GLY E 417 13.14 15.14 25.38
C GLY E 417 12.74 15.96 24.18
N ARG E 418 12.94 15.42 22.99
CA ARG E 418 12.70 16.13 21.75
C ARG E 418 11.30 15.81 21.24
N LEU E 419 10.55 16.86 20.92
CA LEU E 419 9.28 16.71 20.24
C LEU E 419 9.50 16.63 18.74
N SER E 420 8.61 15.95 18.06
CA SER E 420 8.68 15.80 16.61
C SER E 420 7.56 16.52 15.89
N SER E 421 6.78 17.33 16.59
CA SER E 421 5.73 18.12 15.96
C SER E 421 5.48 19.37 16.79
N GLY E 422 5.23 20.47 16.10
CA GLY E 422 5.03 21.74 16.76
C GLY E 422 4.88 22.83 15.72
N HIS E 423 5.05 24.07 16.16
CA HIS E 423 5.16 25.18 15.22
C HIS E 423 5.66 26.40 15.97
N LEU E 424 6.22 27.33 15.19
CA LEU E 424 6.83 28.55 15.70
C LEU E 424 6.51 29.66 14.71
N LYS E 425 6.71 30.91 15.12
CA LYS E 425 6.46 32.05 14.24
C LYS E 425 7.62 33.02 14.34
N CYS E 426 8.41 33.12 13.28
CA CYS E 426 9.53 34.07 13.24
C CYS E 426 9.25 35.14 12.19
N ARG E 427 9.74 36.34 12.46
CA ARG E 427 9.76 37.42 11.49
C ARG E 427 11.19 37.55 10.98
N LEU E 428 11.36 37.64 9.67
CA LEU E 428 12.66 37.56 9.01
C LEU E 428 13.06 38.95 8.57
N LYS E 429 14.06 39.50 9.24
CA LYS E 429 14.64 40.78 8.85
C LYS E 429 15.74 40.51 7.83
N MET E 430 15.39 40.69 6.56
CA MET E 430 16.31 40.55 5.43
C MET E 430 16.79 41.93 4.95
N ASP E 431 17.37 42.71 5.85
CA ASP E 431 17.91 44.00 5.47
C ASP E 431 19.43 44.02 5.50
N LYS E 432 20.07 42.95 5.94
CA LYS E 432 21.51 42.79 5.83
C LYS E 432 21.88 41.63 4.92
N LEU E 433 20.93 41.12 4.15
CA LEU E 433 21.18 40.09 3.16
C LEU E 433 21.65 40.75 1.87
N ARG E 434 22.82 40.37 1.40
CA ARG E 434 23.36 40.86 0.15
C ARG E 434 23.31 39.76 -0.90
N LEU E 435 23.83 40.07 -2.08
CA LEU E 435 24.00 39.08 -3.14
C LEU E 435 25.49 38.92 -3.37
N LYS E 436 25.99 37.71 -3.16
CA LYS E 436 27.41 37.46 -3.31
C LYS E 436 27.87 37.59 -4.75
N GLY E 437 26.97 37.30 -5.69
CA GLY E 437 27.36 37.13 -7.08
C GLY E 437 27.48 38.38 -7.93
N VAL E 438 26.61 39.37 -7.73
CA VAL E 438 26.58 40.51 -8.63
C VAL E 438 27.96 41.17 -8.69
N SER E 439 28.25 41.82 -9.82
CA SER E 439 29.56 42.36 -10.16
C SER E 439 30.56 41.28 -10.55
N TYR E 440 30.07 40.12 -10.98
CA TYR E 440 30.90 39.10 -11.61
C TYR E 440 30.61 39.10 -13.10
N SER E 441 31.65 38.99 -13.91
CA SER E 441 31.44 38.88 -15.35
C SER E 441 30.87 37.51 -15.67
N LEU E 442 30.14 37.42 -16.79
CA LEU E 442 29.53 36.16 -17.17
C LEU E 442 30.60 35.13 -17.50
N CYS E 443 30.27 33.86 -17.29
CA CYS E 443 31.16 32.77 -17.66
C CYS E 443 31.11 32.59 -19.17
N THR E 444 32.27 32.52 -19.80
CA THR E 444 32.35 32.24 -21.24
C THR E 444 33.10 30.92 -21.41
N ALA E 445 32.36 29.82 -21.31
CA ALA E 445 32.88 28.50 -21.59
C ALA E 445 31.70 27.61 -21.94
N ALA E 446 31.89 26.29 -21.88
CA ALA E 446 30.84 25.34 -22.16
C ALA E 446 30.40 24.66 -20.88
N PHE E 447 29.08 24.46 -20.77
CA PHE E 447 28.47 23.78 -19.63
C PHE E 447 28.02 22.40 -20.08
N THR E 448 27.98 21.46 -19.15
CA THR E 448 27.40 20.14 -19.40
C THR E 448 26.34 19.84 -18.35
N PHE E 449 25.40 18.99 -18.71
CA PHE E 449 24.37 18.51 -17.79
C PHE E 449 24.88 17.25 -17.11
N THR E 450 25.22 17.37 -15.82
CA THR E 450 25.75 16.21 -15.10
C THR E 450 24.71 15.11 -14.94
N LYS E 451 23.52 15.44 -14.45
CA LYS E 451 22.56 14.35 -14.37
C LYS E 451 21.37 14.52 -15.30
N ILE E 452 20.47 15.45 -14.95
CA ILE E 452 19.30 15.79 -15.75
C ILE E 452 18.72 17.07 -15.15
N PRO E 453 17.71 17.66 -15.74
CA PRO E 453 16.88 18.61 -15.01
C PRO E 453 15.66 17.99 -14.33
N ALA E 454 15.84 17.37 -13.17
CA ALA E 454 14.75 16.75 -12.43
C ALA E 454 13.60 17.70 -12.10
N GLU E 455 12.40 17.17 -11.88
CA GLU E 455 11.22 17.97 -11.53
C GLU E 455 10.81 17.65 -10.10
N THR E 456 10.74 18.69 -9.26
CA THR E 456 10.25 18.52 -7.91
C THR E 456 8.73 18.37 -7.91
N LEU E 457 8.16 18.09 -6.74
CA LEU E 457 6.73 17.85 -6.65
C LEU E 457 5.91 19.10 -6.97
N HIS E 458 6.45 20.29 -6.72
CA HIS E 458 5.70 21.52 -6.88
C HIS E 458 5.86 22.15 -8.25
N GLY E 459 6.60 21.50 -9.16
CA GLY E 459 6.76 21.99 -10.51
C GLY E 459 8.10 22.60 -10.82
N THR E 460 8.88 22.97 -9.81
CA THR E 460 10.18 23.58 -10.08
C THR E 460 11.16 22.52 -10.58
N VAL E 461 12.11 22.97 -11.40
CA VAL E 461 13.11 22.11 -12.01
C VAL E 461 14.42 22.31 -11.27
N THR E 462 15.11 21.22 -10.97
CA THR E 462 16.46 21.31 -10.46
C THR E 462 17.43 20.82 -11.52
N VAL E 463 18.40 21.68 -11.85
CA VAL E 463 19.39 21.44 -12.87
C VAL E 463 20.75 21.45 -12.20
N GLU E 464 21.58 20.46 -12.54
CA GLU E 464 22.95 20.40 -12.05
C GLU E 464 23.87 20.48 -13.25
N VAL E 465 24.72 21.50 -13.27
CA VAL E 465 25.56 21.80 -14.42
C VAL E 465 27.01 21.63 -14.01
N GLN E 466 27.86 21.38 -15.00
CA GLN E 466 29.30 21.30 -14.82
C GLN E 466 29.98 22.28 -15.75
N TYR E 467 30.94 23.03 -15.23
CA TYR E 467 31.63 24.08 -15.95
C TYR E 467 33.05 23.62 -16.30
N ALA E 468 33.42 23.80 -17.57
CA ALA E 468 34.69 23.31 -18.11
C ALA E 468 35.77 24.39 -18.15
N GLY E 469 35.39 25.65 -18.37
CA GLY E 469 36.37 26.71 -18.39
C GLY E 469 36.88 27.06 -16.99
N THR E 470 37.87 27.96 -16.95
CA THR E 470 38.44 28.47 -15.71
C THR E 470 38.41 30.00 -15.81
N ASP E 471 37.28 30.60 -15.45
CA ASP E 471 37.12 32.04 -15.45
C ASP E 471 37.03 32.62 -14.05
N GLY E 472 37.22 31.78 -13.02
CA GLY E 472 37.03 32.22 -11.66
C GLY E 472 35.56 32.35 -11.35
N PRO E 473 35.24 33.02 -10.25
CA PRO E 473 33.83 33.26 -9.91
C PRO E 473 33.16 34.11 -10.98
N CYS E 474 32.15 33.53 -11.64
CA CYS E 474 31.51 34.19 -12.75
C CYS E 474 30.03 33.81 -12.79
N LYS E 475 29.20 34.72 -13.28
CA LYS E 475 27.77 34.48 -13.38
C LYS E 475 27.47 33.34 -14.35
N VAL E 476 26.43 32.59 -14.05
CA VAL E 476 25.94 31.53 -14.94
C VAL E 476 24.79 32.09 -15.75
N PRO E 477 24.92 32.21 -17.06
CA PRO E 477 23.77 32.65 -17.87
C PRO E 477 22.78 31.52 -18.08
N ALA E 478 21.64 31.58 -17.40
CA ALA E 478 20.65 30.52 -17.47
C ALA E 478 19.27 31.14 -17.61
N GLN E 479 18.44 30.54 -18.45
CA GLN E 479 17.08 31.04 -18.63
C GLN E 479 16.18 29.91 -19.12
N MET E 480 14.88 30.19 -19.08
CA MET E 480 13.85 29.30 -19.61
C MET E 480 13.27 29.99 -20.83
N ALA E 481 13.31 29.32 -21.97
CA ALA E 481 12.94 29.98 -23.23
C ALA E 481 12.17 29.04 -24.14
N VAL E 482 11.34 29.64 -24.98
CA VAL E 482 10.79 28.98 -26.16
C VAL E 482 11.20 29.83 -27.36
N ASP E 483 11.14 29.23 -28.55
CA ASP E 483 11.51 29.91 -29.78
C ASP E 483 12.97 30.37 -29.73
N MET E 484 13.85 29.37 -29.81
CA MET E 484 15.30 29.56 -29.81
C MET E 484 15.78 30.68 -30.73
N GLN E 485 15.00 31.02 -31.75
CA GLN E 485 15.34 32.17 -32.59
C GLN E 485 15.41 33.44 -31.75
N THR E 486 14.30 33.80 -31.13
CA THR E 486 14.21 34.98 -30.26
C THR E 486 14.18 34.48 -28.83
N LEU E 487 15.33 34.50 -28.17
CA LEU E 487 15.44 33.98 -26.82
C LEU E 487 14.80 34.98 -25.86
N THR E 488 13.50 34.85 -25.68
CA THR E 488 12.77 35.72 -24.76
C THR E 488 12.57 34.99 -23.45
N PRO E 489 13.05 35.54 -22.33
CA PRO E 489 12.95 34.82 -21.06
C PRO E 489 11.52 34.64 -20.60
N VAL E 490 11.07 33.39 -20.53
CA VAL E 490 9.74 33.06 -20.03
C VAL E 490 9.90 32.27 -18.74
N GLY E 491 8.99 32.47 -17.80
CA GLY E 491 9.09 31.83 -16.52
C GLY E 491 9.92 32.66 -15.56
N ARG E 492 10.20 32.05 -14.42
CA ARG E 492 10.96 32.69 -13.35
C ARG E 492 12.01 31.72 -12.86
N LEU E 493 13.18 32.24 -12.51
CA LEU E 493 14.28 31.44 -12.03
C LEU E 493 14.37 31.63 -10.52
N ILE E 494 13.90 30.64 -9.76
CA ILE E 494 13.99 30.71 -8.31
C ILE E 494 15.30 30.07 -7.88
N THR E 495 16.32 30.89 -8.10
CA THR E 495 17.72 30.70 -7.81
C THR E 495 18.32 32.13 -7.82
N ALA E 496 19.57 32.25 -7.42
CA ALA E 496 20.22 33.54 -7.39
C ALA E 496 20.74 33.86 -8.79
N ASN E 497 21.49 34.94 -8.92
CA ASN E 497 22.05 35.27 -10.22
C ASN E 497 23.12 34.23 -10.10
N PRO E 498 22.72 33.00 -10.46
CA PRO E 498 23.53 31.78 -10.28
C PRO E 498 24.99 32.04 -10.60
N VAL E 499 25.89 31.53 -9.76
CA VAL E 499 27.31 31.79 -9.87
C VAL E 499 28.06 30.49 -9.63
N ILE E 500 29.23 30.36 -10.25
CA ILE E 500 30.18 29.29 -9.95
C ILE E 500 31.27 29.88 -9.07
N THR E 501 31.53 29.23 -7.94
CA THR E 501 32.43 29.81 -6.95
C THR E 501 33.89 29.47 -7.25
N GLU E 502 34.18 28.18 -7.44
CA GLU E 502 35.56 27.74 -7.57
C GLU E 502 36.17 28.25 -8.87
N SER E 503 37.49 28.16 -8.96
CA SER E 503 38.22 28.43 -10.19
C SER E 503 39.13 27.23 -10.45
N THR E 504 38.56 26.19 -11.07
CA THR E 504 39.28 24.99 -11.45
C THR E 504 38.78 24.57 -12.82
N GLU E 505 39.29 23.44 -13.30
CA GLU E 505 38.91 22.98 -14.63
C GLU E 505 37.42 22.69 -14.70
N ASN E 506 36.96 21.69 -13.94
CA ASN E 506 35.55 21.31 -13.94
C ASN E 506 34.96 21.59 -12.57
N SER E 507 33.94 22.45 -12.52
CA SER E 507 33.21 22.74 -11.30
C SER E 507 31.76 22.31 -11.48
N LYS E 508 31.01 22.29 -10.39
CA LYS E 508 29.62 21.89 -10.42
C LYS E 508 28.72 22.94 -9.80
N MET E 509 27.47 22.97 -10.25
CA MET E 509 26.48 23.94 -9.82
C MET E 509 25.12 23.28 -9.79
N MET E 510 24.27 23.76 -8.89
CA MET E 510 22.88 23.33 -8.86
C MET E 510 22.01 24.57 -8.75
N LEU E 511 21.12 24.74 -9.72
CA LEU E 511 20.16 25.84 -9.69
C LEU E 511 18.78 25.30 -9.98
N GLU E 512 17.78 25.96 -9.41
CA GLU E 512 16.40 25.55 -9.58
C GLU E 512 15.61 26.68 -10.22
N LEU E 513 14.64 26.29 -11.04
CA LEU E 513 13.92 27.18 -11.93
C LEU E 513 12.42 26.95 -11.77
N ASP E 514 11.65 28.02 -12.01
CA ASP E 514 10.18 27.91 -11.97
C ASP E 514 9.64 28.12 -13.37
N PRO E 515 9.46 27.07 -14.15
CA PRO E 515 9.21 27.22 -15.57
C PRO E 515 7.75 27.54 -15.86
N PRO E 516 7.44 27.99 -17.07
CA PRO E 516 6.03 28.19 -17.45
C PRO E 516 5.35 26.87 -17.73
N PHE E 517 4.02 26.93 -17.82
CA PHE E 517 3.23 25.70 -17.86
C PHE E 517 3.35 24.97 -19.19
N GLY E 518 3.72 25.66 -20.26
CA GLY E 518 3.90 25.01 -21.54
C GLY E 518 5.16 24.17 -21.60
N ASP E 519 5.44 23.67 -22.79
CA ASP E 519 6.75 23.14 -23.11
C ASP E 519 7.76 24.29 -23.19
N SER E 520 9.00 24.00 -22.83
CA SER E 520 10.04 25.02 -22.86
C SER E 520 11.40 24.36 -22.96
N TYR E 521 12.44 25.19 -23.02
CA TYR E 521 13.82 24.76 -23.10
C TYR E 521 14.61 25.46 -22.01
N ILE E 522 15.38 24.69 -21.26
CA ILE E 522 16.38 25.26 -20.36
C ILE E 522 17.59 25.61 -21.21
N VAL E 523 17.92 26.90 -21.26
CA VAL E 523 19.02 27.42 -22.06
C VAL E 523 20.13 27.86 -21.12
N ILE E 524 21.29 27.23 -21.21
CA ILE E 524 22.42 27.55 -20.36
C ILE E 524 23.62 27.81 -21.24
N GLY E 525 24.28 28.94 -21.05
CA GLY E 525 25.37 29.36 -21.89
C GLY E 525 25.02 30.59 -22.71
N VAL E 526 26.03 31.13 -23.36
CA VAL E 526 25.91 32.43 -24.00
C VAL E 526 25.56 32.26 -25.48
N GLY E 527 26.47 31.65 -26.24
CA GLY E 527 26.24 31.52 -27.66
C GLY E 527 27.06 30.43 -28.32
N GLU E 528 26.41 29.61 -29.15
CA GLU E 528 27.07 28.60 -29.97
C GLU E 528 27.65 27.47 -29.13
N LYS E 529 27.59 27.63 -27.80
CA LYS E 529 27.96 26.57 -26.87
C LYS E 529 26.88 26.36 -25.82
N LYS E 530 25.74 27.02 -25.97
CA LYS E 530 24.70 26.95 -24.95
C LYS E 530 24.02 25.59 -25.02
N ILE E 531 24.16 24.80 -23.97
CA ILE E 531 23.41 23.57 -23.90
C ILE E 531 21.95 23.89 -23.61
N THR E 532 21.07 23.03 -24.10
CA THR E 532 19.65 23.20 -23.90
C THR E 532 19.03 21.86 -23.57
N HIS E 533 17.97 21.90 -22.77
CA HIS E 533 17.23 20.71 -22.40
C HIS E 533 15.75 20.96 -22.61
N HIS E 534 15.04 19.92 -23.03
CA HIS E 534 13.60 20.05 -23.26
C HIS E 534 12.88 19.74 -21.97
N TRP E 535 11.90 20.56 -21.62
CA TRP E 535 11.19 20.36 -20.37
C TRP E 535 9.71 20.69 -20.53
N HIS E 536 8.87 19.83 -19.96
CA HIS E 536 7.42 19.95 -20.08
C HIS E 536 6.80 20.01 -18.69
N ARG E 537 5.91 20.96 -18.47
CA ARG E 537 5.21 21.15 -17.21
C ARG E 537 3.73 20.89 -17.42
N SER E 538 3.08 20.27 -16.43
CA SER E 538 1.77 19.69 -16.66
C SER E 538 0.60 20.65 -16.37
N GLY E 539 0.61 21.28 -15.22
CA GLY E 539 -0.57 21.99 -14.74
C GLY E 539 -0.96 23.20 -15.57
N SER E 540 -2.00 23.87 -15.10
CA SER E 540 -2.43 25.16 -15.60
C SER E 540 -2.62 26.13 -14.44
N THR E 541 -2.70 27.42 -14.76
CA THR E 541 -2.79 28.43 -13.70
C THR E 541 -4.03 28.25 -12.85
N ILE E 542 -5.13 27.78 -13.43
CA ILE E 542 -6.34 27.53 -12.66
C ILE E 542 -6.11 26.43 -11.64
N GLY E 543 -5.50 25.32 -12.08
CA GLY E 543 -5.16 24.26 -11.15
C GLY E 543 -4.19 24.70 -10.08
N LYS E 544 -3.25 25.57 -10.45
CA LYS E 544 -2.30 26.10 -9.47
C LYS E 544 -3.01 26.94 -8.42
N ALA E 545 -3.94 27.79 -8.84
CA ALA E 545 -4.69 28.59 -7.88
C ALA E 545 -5.57 27.72 -6.99
N PHE E 546 -6.16 26.67 -7.56
CA PHE E 546 -6.97 25.78 -6.73
C PHE E 546 -6.12 25.06 -5.70
N GLU E 547 -4.95 24.57 -6.09
CA GLU E 547 -4.06 23.92 -5.13
C GLU E 547 -3.56 24.91 -4.08
N ALA E 548 -3.36 26.17 -4.47
CA ALA E 548 -2.96 27.16 -3.48
C ALA E 548 -4.06 27.41 -2.47
N THR E 549 -5.32 27.45 -2.92
CA THR E 549 -6.43 27.61 -1.98
C THR E 549 -6.54 26.40 -1.06
N VAL E 550 -6.32 25.19 -1.60
CA VAL E 550 -6.37 23.99 -0.78
C VAL E 550 -5.29 24.02 0.29
N ARG E 551 -4.06 24.40 -0.10
CA ARG E 551 -2.98 24.48 0.87
C ARG E 551 -3.26 25.53 1.93
N GLY E 552 -3.81 26.68 1.52
CA GLY E 552 -4.15 27.70 2.51
C GLY E 552 -5.22 27.23 3.46
N ALA E 553 -6.21 26.50 2.97
CA ALA E 553 -7.27 25.97 3.83
C ALA E 553 -6.70 24.97 4.83
N LYS E 554 -5.83 24.08 4.37
CA LYS E 554 -5.23 23.13 5.30
C LYS E 554 -4.37 23.83 6.33
N ARG E 555 -3.60 24.85 5.91
CA ARG E 555 -2.80 25.61 6.86
C ARG E 555 -3.69 26.29 7.89
N MET E 556 -4.84 26.80 7.48
CA MET E 556 -5.76 27.40 8.44
C MET E 556 -6.29 26.37 9.42
N ALA E 557 -6.71 25.21 8.90
CA ALA E 557 -7.24 24.16 9.76
C ALA E 557 -6.21 23.72 10.79
N VAL E 558 -4.93 23.72 10.41
CA VAL E 558 -3.89 23.28 11.34
C VAL E 558 -3.50 24.39 12.30
N LEU E 559 -3.48 25.64 11.84
CA LEU E 559 -2.84 26.74 12.56
C LEU E 559 -3.80 27.88 12.91
N GLY E 560 -5.10 27.59 13.05
CA GLY E 560 -6.00 28.57 13.66
C GLY E 560 -5.86 29.97 13.10
N ASP E 561 -5.61 30.93 14.00
CA ASP E 561 -5.41 32.31 13.61
C ASP E 561 -4.01 32.56 13.08
N THR E 562 -3.00 31.92 13.67
CA THR E 562 -1.63 32.10 13.25
C THR E 562 -1.45 31.83 11.76
N ALA E 563 -2.40 31.14 11.15
CA ALA E 563 -2.37 30.95 9.70
C ALA E 563 -2.30 32.28 8.96
N TRP E 564 -2.90 33.32 9.54
CA TRP E 564 -2.90 34.64 8.92
C TRP E 564 -1.54 35.33 8.98
N ASP E 565 -0.56 34.74 9.65
CA ASP E 565 0.76 35.35 9.78
C ASP E 565 1.79 34.74 8.84
N PHE E 566 1.36 34.02 7.80
CA PHE E 566 2.33 33.38 6.93
C PHE E 566 2.94 34.37 5.94
N GLY E 567 2.12 35.23 5.35
CA GLY E 567 2.63 36.30 4.50
C GLY E 567 2.29 37.65 5.10
N SER E 568 2.58 37.78 6.39
CA SER E 568 1.98 38.82 7.23
C SER E 568 2.62 40.19 7.06
N VAL E 569 3.19 40.46 5.89
CA VAL E 569 3.86 41.73 5.60
C VAL E 569 3.12 42.89 6.27
N GLY E 570 1.79 42.85 6.25
CA GLY E 570 1.04 43.65 7.19
C GLY E 570 0.30 44.81 6.60
N GLY E 571 -1.03 44.73 6.59
CA GLY E 571 -1.84 45.83 6.12
C GLY E 571 -2.94 46.17 7.11
N ALA E 572 -4.17 46.21 6.62
CA ALA E 572 -5.31 46.40 7.50
C ALA E 572 -6.34 45.32 7.21
N LEU E 573 -6.33 44.81 5.98
CA LEU E 573 -7.18 43.67 5.66
C LEU E 573 -6.67 42.40 6.35
N ASN E 574 -5.36 42.24 6.41
CA ASN E 574 -4.78 41.08 7.09
C ASN E 574 -5.10 41.12 8.58
N SER E 575 -4.93 42.28 9.21
CA SER E 575 -5.19 42.37 10.65
C SER E 575 -6.67 42.23 10.95
N LEU E 576 -7.54 42.77 10.10
CA LEU E 576 -8.98 42.60 10.30
C LEU E 576 -9.37 41.14 10.16
N GLY E 577 -8.86 40.47 9.13
CA GLY E 577 -9.13 39.05 8.98
C GLY E 577 -8.64 38.26 10.18
N LYS E 578 -7.45 38.58 10.68
CA LYS E 578 -6.93 37.87 11.84
C LYS E 578 -7.78 38.11 13.07
N GLY E 579 -8.27 39.33 13.26
CA GLY E 579 -9.11 39.62 14.41
C GLY E 579 -10.43 38.87 14.37
N ILE E 580 -11.13 38.93 13.23
CA ILE E 580 -12.40 38.22 13.14
C ILE E 580 -12.17 36.71 13.20
N HIS E 581 -11.02 36.24 12.72
CA HIS E 581 -10.72 34.83 12.82
C HIS E 581 -10.47 34.42 14.26
N GLN E 582 -9.79 35.27 15.04
CA GLN E 582 -9.64 35.00 16.46
C GLN E 582 -10.99 34.90 17.15
N ILE E 583 -11.89 35.84 16.84
CA ILE E 583 -13.19 35.84 17.50
C ILE E 583 -13.97 34.57 17.15
N PHE E 584 -14.06 34.25 15.85
CA PHE E 584 -14.81 33.07 15.45
C PHE E 584 -14.15 31.80 15.94
N GLY E 585 -12.82 31.76 16.02
CA GLY E 585 -12.15 30.58 16.52
C GLY E 585 -12.38 30.36 17.99
N ALA E 586 -12.37 31.44 18.78
CA ALA E 586 -12.70 31.32 20.19
C ALA E 586 -14.12 30.81 20.38
N ALA E 587 -15.07 31.38 19.63
CA ALA E 587 -16.45 30.92 19.76
C ALA E 587 -16.59 29.46 19.35
N PHE E 588 -15.92 29.06 18.27
CA PHE E 588 -16.02 27.68 17.79
C PHE E 588 -15.37 26.71 18.76
N LYS E 589 -14.20 27.05 19.29
CA LYS E 589 -13.54 26.20 20.27
C LYS E 589 -14.35 26.10 21.55
N SER E 590 -15.09 27.16 21.91
CA SER E 590 -15.94 27.08 23.08
C SER E 590 -17.14 26.18 22.83
N LEU E 591 -17.80 26.34 21.68
CA LEU E 591 -18.99 25.54 21.40
C LEU E 591 -18.64 24.11 21.03
N PHE E 592 -17.96 23.94 19.91
CA PHE E 592 -17.48 22.64 19.46
C PHE E 592 -16.05 22.47 19.98
N GLY E 593 -15.31 21.51 19.44
CA GLY E 593 -13.95 21.31 19.90
C GLY E 593 -13.84 20.42 21.11
N GLY E 594 -14.76 19.48 21.26
CA GLY E 594 -14.68 18.44 22.26
C GLY E 594 -15.06 17.13 21.58
N MET E 595 -14.74 17.13 20.35
CA MET E 595 -15.20 16.13 19.51
C MET E 595 -14.14 15.68 18.61
N SER E 596 -14.15 14.41 18.17
CA SER E 596 -13.02 13.96 17.36
C SER E 596 -13.22 13.14 16.08
N TRP E 597 -13.78 13.76 15.05
CA TRP E 597 -13.99 13.22 13.68
C TRP E 597 -15.10 12.18 13.50
N PHE E 598 -15.81 11.87 14.59
CA PHE E 598 -16.93 10.95 14.55
C PHE E 598 -18.07 11.82 15.01
N SER E 599 -17.84 12.46 16.16
CA SER E 599 -18.77 13.39 16.74
C SER E 599 -18.88 14.58 15.80
N GLN E 600 -17.74 14.98 15.22
CA GLN E 600 -17.75 16.13 14.34
C GLN E 600 -18.42 15.81 13.01
N ILE E 601 -18.13 14.66 12.42
CA ILE E 601 -18.80 14.29 11.17
C ILE E 601 -20.29 14.13 11.37
N LEU E 602 -20.69 13.49 12.47
CA LEU E 602 -22.11 13.31 12.76
C LEU E 602 -22.80 14.65 12.92
N ILE E 603 -22.31 15.49 13.84
CA ILE E 603 -22.96 16.76 14.07
C ILE E 603 -22.84 17.69 12.87
N GLY E 604 -21.84 17.48 12.02
CA GLY E 604 -21.75 18.28 10.81
C GLY E 604 -22.83 17.91 9.81
N THR E 605 -23.00 16.61 9.56
CA THR E 605 -24.09 16.18 8.69
C THR E 605 -25.44 16.58 9.26
N LEU E 606 -25.58 16.53 10.58
CA LEU E 606 -26.84 16.94 11.19
C LEU E 606 -27.11 18.41 10.98
N LEU E 607 -26.10 19.26 11.21
CA LEU E 607 -26.26 20.68 10.94
C LEU E 607 -26.46 20.95 9.46
N MET E 608 -25.89 20.12 8.60
CA MET E 608 -26.11 20.24 7.16
C MET E 608 -27.59 20.08 6.82
N TRP E 609 -28.17 18.95 7.23
CA TRP E 609 -29.60 18.74 7.01
C TRP E 609 -30.43 19.83 7.66
N LEU E 610 -30.10 20.18 8.92
CA LEU E 610 -30.88 21.16 9.66
C LEU E 610 -30.90 22.50 8.95
N GLY E 611 -29.73 23.00 8.55
CA GLY E 611 -29.67 24.24 7.81
C GLY E 611 -30.31 24.13 6.44
N LEU E 612 -30.34 22.93 5.86
CA LEU E 612 -30.98 22.76 4.57
C LEU E 612 -32.49 22.94 4.69
N ASN E 613 -33.10 22.47 5.78
CA ASN E 613 -34.55 22.47 5.85
C ASN E 613 -35.14 23.39 6.92
N THR E 614 -34.34 24.22 7.60
CA THR E 614 -34.89 24.96 8.73
C THR E 614 -35.71 26.17 8.31
N LYS E 615 -35.52 26.69 7.09
CA LYS E 615 -36.39 27.71 6.52
C LYS E 615 -36.41 28.98 7.38
N ASN E 616 -35.25 29.63 7.45
CA ASN E 616 -35.12 30.91 8.14
C ASN E 616 -33.82 31.57 7.66
N GLY E 617 -33.40 32.61 8.36
CA GLY E 617 -32.08 33.18 8.14
C GLY E 617 -30.95 32.44 8.81
N SER E 618 -31.26 31.50 9.71
CA SER E 618 -30.26 30.67 10.33
C SER E 618 -29.73 29.58 9.40
N ILE E 619 -30.35 29.40 8.23
CA ILE E 619 -29.86 28.44 7.25
C ILE E 619 -28.37 28.66 6.98
N SER E 620 -27.99 29.90 6.68
CA SER E 620 -26.60 30.21 6.39
C SER E 620 -25.72 29.92 7.60
N LEU E 621 -26.21 30.26 8.80
CA LEU E 621 -25.43 30.03 10.01
C LEU E 621 -25.11 28.55 10.19
N MET E 622 -26.13 27.71 10.08
CA MET E 622 -25.93 26.28 10.28
C MET E 622 -25.08 25.69 9.16
N CYS E 623 -25.25 26.16 7.92
CA CYS E 623 -24.43 25.65 6.83
C CYS E 623 -22.97 26.05 6.99
N LEU E 624 -22.70 27.24 7.51
CA LEU E 624 -21.32 27.66 7.71
C LEU E 624 -20.68 26.89 8.86
N ALA E 625 -21.42 26.72 9.96
CA ALA E 625 -20.91 25.90 11.06
C ALA E 625 -20.64 24.48 10.58
N LEU E 626 -21.54 23.91 9.78
CA LEU E 626 -21.27 22.60 9.18
C LEU E 626 -19.97 22.63 8.39
N GLY E 627 -19.86 23.53 7.41
CA GLY E 627 -18.69 23.54 6.56
C GLY E 627 -17.40 23.64 7.34
N GLY E 628 -17.36 24.52 8.33
CA GLY E 628 -16.21 24.58 9.22
C GLY E 628 -15.90 23.22 9.80
N VAL E 629 -16.89 22.58 10.41
CA VAL E 629 -16.67 21.29 11.07
C VAL E 629 -16.17 20.25 10.08
N LEU E 630 -16.89 20.08 8.97
CA LEU E 630 -16.60 18.98 8.06
C LEU E 630 -15.31 19.21 7.27
N ILE E 631 -14.92 20.46 7.02
CA ILE E 631 -13.61 20.70 6.43
C ILE E 631 -12.52 20.38 7.45
N PHE E 632 -12.69 20.84 8.70
CA PHE E 632 -11.76 20.44 9.75
C PHE E 632 -11.59 18.94 9.81
N LEU E 633 -12.63 18.20 9.44
CA LEU E 633 -12.56 16.74 9.42
C LEU E 633 -11.82 16.20 8.20
N SER E 634 -12.30 16.54 7.00
CA SER E 634 -11.76 15.97 5.78
C SER E 634 -10.38 16.52 5.43
N THR E 635 -9.86 17.48 6.19
CA THR E 635 -8.46 17.85 6.05
C THR E 635 -7.56 16.66 6.40
N ALA E 636 -7.80 16.05 7.55
CA ALA E 636 -7.07 14.86 8.00
C ALA E 636 -5.57 15.05 7.97
N ALA F 216 -8.54 2.26 35.69
CA ALA F 216 -9.91 1.93 36.07
C ALA F 216 -10.73 1.53 34.87
N VAL F 217 -12.02 1.81 34.96
CA VAL F 217 -12.94 1.43 33.90
C VAL F 217 -13.25 2.58 32.96
N THR F 218 -13.19 3.83 33.45
CA THR F 218 -13.60 4.95 32.62
C THR F 218 -12.50 5.39 31.66
N LEU F 219 -11.36 5.86 32.20
CA LEU F 219 -10.20 6.22 31.40
C LEU F 219 -10.55 7.17 30.26
N PRO F 220 -10.71 8.47 30.55
CA PRO F 220 -11.15 9.40 29.52
C PRO F 220 -10.25 9.39 28.31
N SER F 221 -10.86 9.42 27.13
CA SER F 221 -10.12 9.42 25.89
C SER F 221 -9.48 10.78 25.64
N HIS F 222 -8.32 10.76 24.99
CA HIS F 222 -7.61 11.98 24.64
C HIS F 222 -8.01 12.52 23.29
N SER F 223 -8.75 11.76 22.48
CA SER F 223 -9.20 12.27 21.20
C SER F 223 -10.12 13.48 21.37
N THR F 224 -10.66 13.69 22.56
CA THR F 224 -11.36 14.93 22.86
C THR F 224 -10.42 16.13 22.69
N ARG F 225 -9.24 16.05 23.28
CA ARG F 225 -8.26 17.14 23.26
C ARG F 225 -7.19 16.90 22.22
N LYS F 226 -7.55 16.36 21.06
CA LYS F 226 -6.58 16.00 20.03
C LYS F 226 -5.66 17.17 19.71
N LEU F 227 -4.36 16.94 19.90
CA LEU F 227 -3.36 17.96 19.60
C LEU F 227 -3.20 18.06 18.09
N GLN F 228 -3.42 19.26 17.54
CA GLN F 228 -3.41 19.45 16.10
C GLN F 228 -2.06 19.98 15.65
N THR F 229 -1.44 19.26 14.72
CA THR F 229 -0.11 19.57 14.21
C THR F 229 -0.02 18.97 12.82
N ARG F 230 1.12 19.23 12.16
CA ARG F 230 1.34 18.66 10.83
C ARG F 230 1.51 17.14 10.90
N SER F 231 2.19 16.65 11.93
CA SER F 231 2.50 15.24 12.06
C SER F 231 1.30 14.47 12.62
N GLN F 232 1.32 13.15 12.43
CA GLN F 232 0.26 12.30 12.92
C GLN F 232 0.28 12.22 14.44
N THR F 233 -0.88 11.92 15.01
CA THR F 233 -1.02 11.78 16.45
C THR F 233 -0.68 10.34 16.85
N TRP F 234 -0.97 9.96 18.09
CA TRP F 234 -0.49 8.67 18.59
C TRP F 234 -1.08 7.52 17.79
N LEU F 235 -2.40 7.37 17.81
CA LEU F 235 -3.06 6.30 17.07
C LEU F 235 -4.07 6.97 16.15
N GLU F 236 -3.60 7.39 14.99
CA GLU F 236 -4.44 8.18 14.09
C GLU F 236 -5.20 7.31 13.11
N SER F 237 -4.55 6.26 12.59
CA SER F 237 -5.17 5.45 11.55
C SER F 237 -6.37 4.67 12.04
N ARG F 238 -6.62 4.63 13.34
CA ARG F 238 -7.59 3.70 13.90
C ARG F 238 -8.91 4.31 14.35
N GLU F 239 -9.08 5.63 14.25
CA GLU F 239 -10.25 6.26 14.88
C GLU F 239 -11.55 5.90 14.16
N TYR F 240 -11.58 6.11 12.85
CA TYR F 240 -12.81 5.88 12.09
C TYR F 240 -13.24 4.42 12.16
N THR F 241 -12.32 3.52 11.82
CA THR F 241 -12.62 2.10 11.91
C THR F 241 -12.97 1.71 13.33
N LYS F 242 -12.37 2.35 14.33
CA LYS F 242 -12.69 2.06 15.72
C LYS F 242 -14.19 2.21 15.97
N HIS F 243 -14.71 3.40 15.72
CA HIS F 243 -16.12 3.62 16.07
C HIS F 243 -17.06 2.84 15.16
N LEU F 244 -16.76 2.80 13.85
CA LEU F 244 -17.64 2.06 12.95
C LEU F 244 -17.68 0.59 13.29
N ILE F 245 -16.53 0.01 13.66
CA ILE F 245 -16.46 -1.40 13.99
C ILE F 245 -17.24 -1.69 15.26
N ARG F 246 -17.12 -0.84 16.26
CA ARG F 246 -17.90 -1.04 17.49
C ARG F 246 -19.39 -1.08 17.18
N VAL F 247 -19.88 -0.07 16.46
CA VAL F 247 -21.32 0.00 16.17
C VAL F 247 -21.77 -1.19 15.33
N GLU F 248 -21.03 -1.47 14.26
CA GLU F 248 -21.43 -2.55 13.35
C GLU F 248 -21.44 -3.89 14.06
N ASN F 249 -20.44 -4.14 14.92
CA ASN F 249 -20.38 -5.41 15.62
C ASN F 249 -21.55 -5.56 16.58
N TRP F 250 -21.87 -4.52 17.34
CA TRP F 250 -23.01 -4.64 18.26
C TRP F 250 -24.29 -4.87 17.48
N ILE F 251 -24.49 -4.16 16.38
CA ILE F 251 -25.73 -4.32 15.62
C ILE F 251 -25.80 -5.72 15.01
N PHE F 252 -24.67 -6.25 14.56
CA PHE F 252 -24.68 -7.57 13.94
C PHE F 252 -24.95 -8.67 14.95
N ARG F 253 -24.46 -8.51 16.19
CA ARG F 253 -24.72 -9.53 17.20
C ARG F 253 -26.16 -9.49 17.69
N ASN F 254 -26.76 -8.30 17.73
CA ASN F 254 -28.12 -8.10 18.23
C ASN F 254 -28.98 -7.46 17.15
N PRO F 255 -29.59 -8.25 16.27
CA PRO F 255 -30.37 -7.65 15.17
C PRO F 255 -31.75 -7.18 15.60
N GLY F 256 -32.39 -7.88 16.54
CA GLY F 256 -33.75 -7.53 16.90
C GLY F 256 -33.90 -6.12 17.43
N PHE F 257 -32.83 -5.56 18.00
CA PHE F 257 -32.94 -4.20 18.46
C PHE F 257 -33.09 -3.22 17.32
N ALA F 258 -32.74 -3.60 16.09
CA ALA F 258 -33.09 -2.77 14.95
C ALA F 258 -34.60 -2.58 14.88
N LEU F 259 -35.34 -3.67 15.02
CA LEU F 259 -36.80 -3.58 15.01
C LEU F 259 -37.32 -2.80 16.20
N ALA F 260 -36.74 -3.05 17.39
CA ALA F 260 -37.18 -2.30 18.57
C ALA F 260 -36.97 -0.81 18.39
N ALA F 261 -35.80 -0.42 17.87
CA ALA F 261 -35.50 0.99 17.68
C ALA F 261 -36.36 1.60 16.59
N ALA F 262 -36.65 0.83 15.53
CA ALA F 262 -37.54 1.33 14.49
C ALA F 262 -38.92 1.65 15.07
N ALA F 263 -39.45 0.74 15.89
CA ALA F 263 -40.75 0.99 16.51
C ALA F 263 -40.70 2.21 17.42
N ILE F 264 -39.67 2.30 18.27
CA ILE F 264 -39.61 3.41 19.22
C ILE F 264 -39.40 4.73 18.50
N ALA F 265 -38.69 4.73 17.38
CA ALA F 265 -38.52 5.96 16.62
C ALA F 265 -39.78 6.33 15.88
N TRP F 266 -40.53 5.34 15.38
CA TRP F 266 -41.79 5.64 14.72
C TRP F 266 -42.80 6.25 15.68
N LEU F 267 -42.87 5.73 16.92
CA LEU F 267 -43.79 6.32 17.88
C LEU F 267 -43.36 7.70 18.36
N LEU F 268 -42.15 8.13 18.03
CA LEU F 268 -41.65 9.46 18.38
C LEU F 268 -41.53 10.31 17.13
N GLY F 269 -41.77 11.61 17.26
CA GLY F 269 -41.48 12.49 16.15
C GLY F 269 -42.58 12.54 15.11
N SER F 270 -43.01 13.75 14.76
CA SER F 270 -44.12 13.92 13.83
C SER F 270 -43.70 13.56 12.40
N SER F 271 -42.74 14.29 11.85
CA SER F 271 -42.38 14.13 10.46
C SER F 271 -41.53 12.88 10.26
N THR F 272 -41.27 12.56 8.99
CA THR F 272 -40.48 11.38 8.67
C THR F 272 -39.00 11.57 9.03
N SER F 273 -38.46 12.74 8.71
CA SER F 273 -37.04 12.97 8.98
C SER F 273 -36.75 12.96 10.46
N GLN F 274 -37.66 13.49 11.28
CA GLN F 274 -37.48 13.39 12.72
C GLN F 274 -37.45 11.94 13.17
N LYS F 275 -38.28 11.10 12.57
CA LYS F 275 -38.31 9.69 12.95
C LYS F 275 -37.03 8.97 12.53
N VAL F 276 -36.51 9.28 11.34
CA VAL F 276 -35.26 8.65 10.92
C VAL F 276 -34.09 9.12 11.77
N ILE F 277 -34.10 10.38 12.17
CA ILE F 277 -33.04 10.88 13.05
C ILE F 277 -33.14 10.22 14.42
N TYR F 278 -34.36 10.03 14.94
CA TYR F 278 -34.51 9.29 16.18
C TYR F 278 -34.00 7.86 16.04
N LEU F 279 -34.31 7.22 14.91
CA LEU F 279 -33.83 5.86 14.68
C LEU F 279 -32.32 5.80 14.71
N VAL F 280 -31.66 6.70 14.00
CA VAL F 280 -30.20 6.67 13.94
C VAL F 280 -29.60 6.99 15.29
N MET F 281 -30.16 7.96 16.01
CA MET F 281 -29.58 8.33 17.29
C MET F 281 -29.78 7.23 18.33
N ILE F 282 -30.89 6.49 18.28
CA ILE F 282 -31.05 5.34 19.16
C ILE F 282 -30.08 4.23 18.78
N LEU F 283 -29.98 3.94 17.49
CA LEU F 283 -29.09 2.89 17.01
C LEU F 283 -27.63 3.23 17.24
N LEU F 284 -27.31 4.48 17.55
CA LEU F 284 -25.96 4.85 17.94
C LEU F 284 -25.78 4.88 19.45
N ILE F 285 -26.78 5.34 20.20
CA ILE F 285 -26.66 5.44 21.63
C ILE F 285 -26.81 4.09 22.32
N ALA F 286 -27.29 3.07 21.62
CA ALA F 286 -27.40 1.76 22.26
C ALA F 286 -26.06 1.01 22.27
N PRO F 287 -25.36 0.86 21.15
CA PRO F 287 -24.10 0.07 21.19
C PRO F 287 -23.07 0.61 22.16
N ALA F 288 -23.10 1.89 22.47
CA ALA F 288 -22.19 2.45 23.47
C ALA F 288 -22.77 2.43 24.86
N TYR F 289 -24.07 2.17 25.01
CA TYR F 289 -24.77 2.26 26.30
C TYR F 289 -24.47 3.59 26.97
N SER F 290 -24.27 4.63 26.17
CA SER F 290 -23.66 5.87 26.63
C SER F 290 -24.48 6.56 27.70
N GLU G 1 43.26 18.61 11.36
CA GLU G 1 41.82 18.60 11.10
C GLU G 1 41.18 17.31 11.58
N VAL G 2 40.28 16.77 10.75
CA VAL G 2 39.60 15.51 11.09
C VAL G 2 40.63 14.41 11.17
N GLN G 3 40.67 13.72 12.32
CA GLN G 3 41.65 12.66 12.56
C GLN G 3 41.00 11.54 13.33
N LEU G 4 40.96 10.36 12.74
CA LEU G 4 40.47 9.15 13.39
C LEU G 4 41.68 8.24 13.64
N VAL G 5 41.97 7.95 14.90
CA VAL G 5 43.13 7.17 15.28
C VAL G 5 42.67 5.94 16.05
N GLU G 6 43.07 4.76 15.59
CA GLU G 6 42.69 3.51 16.24
C GLU G 6 43.82 3.00 17.12
N SER G 7 43.46 2.06 18.00
CA SER G 7 44.45 1.39 18.82
C SER G 7 45.41 0.57 17.97
N GLY G 8 46.54 0.20 18.56
CA GLY G 8 47.55 -0.54 17.85
C GLY G 8 47.12 -1.96 17.51
N ALA G 9 47.97 -2.62 16.73
CA ALA G 9 47.69 -3.98 16.28
C ALA G 9 47.65 -4.94 17.45
N GLU G 10 46.96 -6.06 17.26
CA GLU G 10 46.72 -7.01 18.33
C GLU G 10 46.71 -8.43 17.78
N VAL G 11 47.18 -9.37 18.60
CA VAL G 11 47.22 -10.79 18.25
C VAL G 11 46.39 -11.55 19.28
N LYS G 12 45.49 -12.41 18.79
CA LYS G 12 44.59 -13.16 19.67
C LYS G 12 44.43 -14.58 19.14
N LYS G 13 44.38 -15.54 20.06
CA LYS G 13 44.14 -16.92 19.68
C LYS G 13 42.66 -17.11 19.33
N PRO G 14 42.34 -18.11 18.51
CA PRO G 14 40.94 -18.35 18.15
C PRO G 14 40.08 -18.62 19.38
N GLY G 15 38.81 -18.21 19.29
CA GLY G 15 37.88 -18.30 20.39
C GLY G 15 37.84 -17.08 21.28
N ALA G 16 38.86 -16.23 21.25
CA ALA G 16 38.91 -15.03 22.07
C ALA G 16 38.06 -13.93 21.42
N SER G 17 38.15 -12.72 21.96
CA SER G 17 37.37 -11.59 21.47
C SER G 17 38.24 -10.35 21.46
N VAL G 18 38.19 -9.59 20.37
CA VAL G 18 38.98 -8.38 20.20
C VAL G 18 38.09 -7.17 20.44
N LYS G 19 38.68 -6.12 21.00
CA LYS G 19 37.99 -4.84 21.20
C LYS G 19 38.90 -3.74 20.70
N VAL G 20 38.49 -3.07 19.63
CA VAL G 20 39.31 -2.05 18.97
C VAL G 20 38.60 -0.72 19.08
N SER G 21 39.33 0.31 19.50
CA SER G 21 38.78 1.66 19.65
C SER G 21 39.07 2.49 18.41
N CYS G 22 38.44 3.67 18.36
CA CYS G 22 38.65 4.62 17.27
C CYS G 22 38.37 6.02 17.82
N LYS G 23 39.42 6.72 18.21
CA LYS G 23 39.29 8.05 18.79
C LYS G 23 39.19 9.09 17.68
N ALA G 24 38.19 9.95 17.77
CA ALA G 24 37.93 10.97 16.78
C ALA G 24 38.37 12.34 17.29
N SER G 25 38.90 13.15 16.40
CA SER G 25 39.34 14.50 16.75
C SER G 25 39.11 15.43 15.57
N GLY G 26 38.92 16.70 15.88
CA GLY G 26 38.77 17.73 14.86
C GLY G 26 37.35 18.03 14.44
N TYR G 27 36.35 17.41 15.06
CA TYR G 27 34.97 17.71 14.73
C TYR G 27 34.08 17.32 15.90
N THR G 28 32.80 17.67 15.79
CA THR G 28 31.82 17.34 16.81
C THR G 28 31.48 15.85 16.73
N PHE G 29 31.95 15.09 17.72
CA PHE G 29 31.76 13.65 17.70
C PHE G 29 30.28 13.26 17.79
N THR G 30 29.48 14.05 18.49
CA THR G 30 28.09 13.68 18.73
C THR G 30 27.23 13.75 17.47
N SER G 31 27.68 14.45 16.43
CA SER G 31 26.88 14.66 15.23
C SER G 31 27.38 13.82 14.05
N TYR G 32 28.01 12.69 14.31
CA TYR G 32 28.50 11.81 13.26
C TYR G 32 28.28 10.35 13.64
N ALA G 33 28.16 9.50 12.62
CA ALA G 33 28.01 8.07 12.78
C ALA G 33 29.30 7.40 12.34
N MET G 34 29.73 6.39 13.09
CA MET G 34 30.98 5.70 12.83
C MET G 34 30.70 4.32 12.24
N HIS G 35 31.26 4.05 11.07
CA HIS G 35 31.19 2.74 10.41
C HIS G 35 32.50 2.00 10.62
N TRP G 36 32.40 0.68 10.67
CA TRP G 36 33.55 -0.20 10.81
C TRP G 36 33.66 -1.10 9.59
N VAL G 37 34.81 -1.08 8.94
CA VAL G 37 35.04 -1.80 7.69
C VAL G 37 36.26 -2.69 7.85
N ARG G 38 36.11 -3.97 7.53
CA ARG G 38 37.20 -4.92 7.64
C ARG G 38 37.71 -5.27 6.25
N GLN G 39 39.04 -5.32 6.11
CA GLN G 39 39.69 -5.67 4.85
C GLN G 39 40.59 -6.87 5.10
N ALA G 40 40.27 -7.99 4.45
CA ALA G 40 41.12 -9.16 4.48
C ALA G 40 42.42 -8.87 3.73
N PRO G 41 43.48 -9.64 3.99
CA PRO G 41 44.75 -9.39 3.29
C PRO G 41 44.65 -9.59 1.80
N GLY G 42 44.80 -8.51 1.04
CA GLY G 42 44.68 -8.56 -0.41
C GLY G 42 43.33 -9.03 -0.90
N GLN G 43 42.25 -8.58 -0.26
CA GLN G 43 40.90 -8.95 -0.65
C GLN G 43 40.01 -7.72 -0.61
N ARG G 44 38.73 -7.93 -0.89
CA ARG G 44 37.76 -6.85 -0.88
C ARG G 44 37.56 -6.31 0.53
N LEU G 45 37.05 -5.09 0.60
CA LEU G 45 36.65 -4.53 1.88
C LEU G 45 35.29 -5.06 2.29
N GLU G 46 35.08 -5.20 3.60
CA GLU G 46 33.84 -5.74 4.13
C GLU G 46 33.27 -4.75 5.12
N TRP G 47 32.06 -4.26 4.84
CA TRP G 47 31.35 -3.40 5.78
C TRP G 47 30.75 -4.26 6.89
N MET G 48 31.00 -3.87 8.14
CA MET G 48 30.51 -4.63 9.28
C MET G 48 29.31 -3.98 9.96
N GLY G 49 29.27 -2.65 10.04
CA GLY G 49 28.16 -1.98 10.67
C GLY G 49 28.50 -0.55 10.99
N TRP G 50 27.54 0.12 11.60
CA TRP G 50 27.72 1.51 12.03
C TRP G 50 27.00 1.75 13.33
N ILE G 51 27.40 2.84 14.00
CA ILE G 51 26.78 3.30 15.23
C ILE G 51 26.57 4.80 15.13
N ASN G 52 25.37 5.25 15.48
CA ASN G 52 25.06 6.67 15.52
C ASN G 52 25.51 7.23 16.86
N ALA G 53 26.60 8.00 16.86
CA ALA G 53 27.17 8.49 18.11
C ALA G 53 26.25 9.44 18.84
N GLY G 54 25.22 9.97 18.19
CA GLY G 54 24.30 10.89 18.84
C GLY G 54 23.42 10.23 19.88
N ASN G 55 22.51 9.37 19.43
CA ASN G 55 21.60 8.69 20.35
C ASN G 55 22.09 7.30 20.74
N GLY G 56 22.79 6.61 19.86
CA GLY G 56 23.35 5.31 20.17
C GLY G 56 22.84 4.16 19.33
N ASN G 57 21.93 4.38 18.38
CA ASN G 57 21.45 3.29 17.56
C ASN G 57 22.59 2.68 16.75
N THR G 58 22.47 1.38 16.47
CA THR G 58 23.49 0.66 15.74
C THR G 58 22.83 -0.20 14.67
N LYS G 59 23.60 -0.53 13.64
CA LYS G 59 23.14 -1.47 12.61
C LYS G 59 24.33 -2.29 12.15
N TYR G 60 24.22 -3.61 12.27
CA TYR G 60 25.28 -4.52 11.86
C TYR G 60 24.87 -5.27 10.61
N SER G 61 25.87 -5.75 9.88
CA SER G 61 25.61 -6.53 8.67
C SER G 61 25.09 -7.91 9.06
N GLN G 62 24.39 -8.54 8.10
CA GLN G 62 23.88 -9.87 8.33
C GLN G 62 24.99 -10.87 8.63
N LYS G 63 26.17 -10.66 8.04
CA LYS G 63 27.29 -11.59 8.22
C LYS G 63 27.85 -11.54 9.64
N PHE G 64 27.65 -10.44 10.36
CA PHE G 64 28.17 -10.28 11.71
C PHE G 64 27.07 -9.91 12.71
N GLN G 65 25.82 -10.22 12.39
CA GLN G 65 24.68 -9.77 13.19
C GLN G 65 24.81 -10.21 14.65
N ASP G 66 25.32 -11.41 14.89
CA ASP G 66 25.40 -11.97 16.24
C ASP G 66 26.85 -12.28 16.63
N ARG G 67 27.79 -11.47 16.17
CA ARG G 67 29.19 -11.61 16.57
C ARG G 67 29.86 -10.29 16.92
N VAL G 68 29.24 -9.15 16.62
CA VAL G 68 29.87 -7.84 16.78
C VAL G 68 28.98 -6.96 17.65
N THR G 69 29.60 -6.19 18.53
CA THR G 69 28.90 -5.17 19.31
C THR G 69 29.69 -3.88 19.20
N ILE G 70 29.04 -2.82 18.75
CA ILE G 70 29.66 -1.50 18.63
C ILE G 70 29.06 -0.61 19.70
N THR G 71 29.93 0.10 20.43
CA THR G 71 29.50 1.04 21.46
C THR G 71 30.29 2.32 21.28
N ARG G 72 29.93 3.36 22.04
CA ARG G 72 30.63 4.63 21.96
C ARG G 72 30.76 5.26 23.34
N ASP G 73 31.70 6.20 23.44
CA ASP G 73 31.94 6.99 24.64
C ASP G 73 32.08 8.43 24.18
N THR G 74 31.01 9.21 24.34
CA THR G 74 31.00 10.58 23.83
C THR G 74 31.99 11.45 24.59
N SER G 75 31.97 11.37 25.93
CA SER G 75 32.86 12.19 26.74
C SER G 75 34.31 11.99 26.36
N ALA G 76 34.69 10.77 26.00
CA ALA G 76 36.05 10.47 25.56
C ALA G 76 36.20 10.52 24.05
N SER G 77 35.11 10.70 23.31
CA SER G 77 35.12 10.75 21.85
C SER G 77 35.76 9.49 21.27
N THR G 78 35.20 8.34 21.63
CA THR G 78 35.73 7.06 21.18
C THR G 78 34.59 6.16 20.71
N ALA G 79 34.89 5.29 19.75
CA ALA G 79 33.95 4.29 19.27
C ALA G 79 34.62 2.93 19.32
N TYR G 80 34.05 2.00 20.09
CA TYR G 80 34.62 0.69 20.29
C TYR G 80 33.85 -0.36 19.49
N MET G 81 34.58 -1.30 18.90
CA MET G 81 34.00 -2.42 18.20
C MET G 81 34.56 -3.69 18.82
N GLU G 82 33.69 -4.57 19.29
CA GLU G 82 34.07 -5.81 19.94
C GLU G 82 33.56 -6.99 19.12
N LEU G 83 34.47 -7.88 18.75
CA LEU G 83 34.16 -9.08 17.97
C LEU G 83 34.50 -10.29 18.82
N SER G 84 33.51 -11.16 19.03
CA SER G 84 33.67 -12.36 19.84
C SER G 84 33.71 -13.59 18.96
N SER G 85 34.21 -14.70 19.53
CA SER G 85 34.32 -15.99 18.86
C SER G 85 35.14 -15.86 17.57
N LEU G 86 36.41 -15.48 17.75
CA LEU G 86 37.29 -15.25 16.61
C LEU G 86 37.55 -16.53 15.84
N ARG G 87 37.73 -16.38 14.53
CA ARG G 87 38.09 -17.47 13.64
C ARG G 87 39.30 -17.06 12.83
N SER G 88 39.89 -18.04 12.14
CA SER G 88 41.07 -17.77 11.32
C SER G 88 40.74 -16.82 10.17
N GLU G 89 39.48 -16.80 9.73
CA GLU G 89 39.09 -15.89 8.67
C GLU G 89 39.13 -14.44 9.13
N ASP G 90 38.94 -14.19 10.44
CA ASP G 90 38.88 -12.84 10.96
C ASP G 90 40.24 -12.13 10.99
N THR G 91 41.30 -12.76 10.50
CA THR G 91 42.60 -12.09 10.43
C THR G 91 42.57 -11.06 9.32
N ALA G 92 42.43 -9.79 9.69
CA ALA G 92 42.24 -8.72 8.71
C ALA G 92 42.51 -7.39 9.40
N ILE G 93 42.42 -6.31 8.61
CA ILE G 93 42.67 -4.96 9.10
C ILE G 93 41.33 -4.24 9.27
N TYR G 94 41.17 -3.56 10.41
CA TYR G 94 39.91 -2.91 10.76
C TYR G 94 40.06 -1.40 10.66
N TYR G 95 39.23 -0.77 9.84
CA TYR G 95 39.19 0.67 9.67
C TYR G 95 37.89 1.24 10.22
N CYS G 96 37.94 2.48 10.69
CA CYS G 96 36.76 3.23 11.09
C CYS G 96 36.60 4.46 10.21
N ALA G 97 35.36 4.74 9.82
CA ALA G 97 35.06 5.83 8.91
C ALA G 97 33.89 6.65 9.43
N ARG G 98 33.96 7.97 9.31
CA ARG G 98 32.89 8.81 9.77
C ARG G 98 31.83 8.98 8.69
N ASP G 99 30.66 9.49 9.09
CA ASP G 99 29.62 9.86 8.14
C ASP G 99 28.66 10.81 8.85
N LYS G 100 28.23 11.86 8.15
CA LYS G 100 27.42 12.88 8.82
C LYS G 100 26.00 12.38 9.07
N VAL G 101 25.48 12.69 10.25
CA VAL G 101 24.15 12.32 10.67
C VAL G 101 23.19 13.45 10.32
N ASP G 102 21.96 13.09 9.92
CA ASP G 102 20.98 14.08 9.51
C ASP G 102 20.73 15.10 10.61
N ASP G 103 20.27 16.28 10.21
CA ASP G 103 20.08 17.39 11.16
C ASP G 103 18.99 17.10 12.18
N TYR G 104 18.08 16.18 11.89
CA TYR G 104 17.07 15.77 12.86
C TYR G 104 17.62 14.85 13.93
N GLY G 105 18.89 14.47 13.84
CA GLY G 105 19.48 13.56 14.79
C GLY G 105 19.34 12.08 14.45
N ASP G 106 18.70 11.75 13.33
CA ASP G 106 18.54 10.38 12.90
C ASP G 106 19.51 10.06 11.77
N TYR G 107 19.74 8.78 11.55
CA TYR G 107 20.68 8.31 10.53
C TYR G 107 19.98 7.33 9.58
N TRP G 108 18.80 7.72 9.09
CA TRP G 108 18.13 6.88 8.11
C TRP G 108 18.85 6.93 6.77
N PHE G 109 18.96 8.11 6.19
CA PHE G 109 19.67 8.12 4.92
C PHE G 109 21.08 8.66 5.11
N PRO G 110 22.08 7.99 4.57
CA PRO G 110 23.45 8.52 4.66
C PRO G 110 23.65 9.64 3.66
N THR G 111 24.65 10.47 3.93
CA THR G 111 24.97 11.56 3.03
C THR G 111 25.84 11.05 1.91
N LEU G 112 25.69 11.66 0.74
CA LEU G 112 26.31 11.19 -0.51
C LEU G 112 27.78 10.81 -0.35
N TRP G 113 28.52 11.58 0.43
CA TRP G 113 29.94 11.31 0.68
C TRP G 113 30.04 10.54 1.99
N TYR G 114 29.90 9.22 1.92
CA TYR G 114 29.82 8.49 3.18
C TYR G 114 31.17 8.47 3.89
N PHE G 115 32.18 7.87 3.28
CA PHE G 115 33.44 7.59 3.98
C PHE G 115 34.51 8.61 3.57
N ASP G 116 34.24 9.87 3.92
CA ASP G 116 35.15 10.94 3.53
C ASP G 116 36.47 10.87 4.31
N TYR G 117 36.44 10.39 5.55
CA TYR G 117 37.63 10.24 6.36
C TYR G 117 37.68 8.85 6.96
N TRP G 118 38.86 8.24 6.96
CA TRP G 118 39.06 6.90 7.46
C TRP G 118 40.07 6.89 8.59
N GLY G 119 40.17 5.74 9.27
CA GLY G 119 41.22 5.51 10.23
C GLY G 119 42.40 4.81 9.59
N GLN G 120 43.55 4.86 10.29
CA GLN G 120 44.77 4.33 9.71
C GLN G 120 44.76 2.82 9.60
N GLY G 121 44.01 2.14 10.47
CA GLY G 121 43.93 0.69 10.43
C GLY G 121 44.50 0.02 11.66
N THR G 122 44.08 -1.22 11.89
CA THR G 122 44.54 -1.99 13.05
C THR G 122 44.48 -3.47 12.71
N LEU G 123 45.65 -4.12 12.71
CA LEU G 123 45.74 -5.51 12.30
C LEU G 123 45.43 -6.43 13.47
N VAL G 124 44.42 -7.28 13.29
CA VAL G 124 44.05 -8.29 14.27
C VAL G 124 44.48 -9.65 13.72
N THR G 125 45.43 -10.29 14.38
CA THR G 125 46.00 -11.54 13.92
C THR G 125 45.41 -12.70 14.71
N VAL G 126 44.71 -13.59 14.04
CA VAL G 126 44.14 -14.78 14.65
C VAL G 126 45.08 -15.95 14.37
N SER G 127 45.70 -16.48 15.42
CA SER G 127 46.65 -17.57 15.28
C SER G 127 46.03 -18.90 15.68
N ALA H 3 30.27 -8.55 -3.90
CA ALA H 3 28.89 -8.20 -4.19
C ALA H 3 28.81 -7.31 -5.42
N LEU H 4 29.91 -6.62 -5.71
CA LEU H 4 30.03 -5.80 -6.91
C LEU H 4 31.11 -6.37 -7.81
N THR H 5 30.79 -6.57 -9.08
CA THR H 5 31.68 -7.21 -10.03
C THR H 5 32.69 -6.19 -10.55
N GLN H 6 33.95 -6.38 -10.19
CA GLN H 6 35.01 -5.49 -10.64
C GLN H 6 36.11 -6.28 -11.34
N PRO H 7 36.76 -5.69 -12.35
CA PRO H 7 37.85 -6.40 -13.02
C PRO H 7 39.03 -6.62 -12.08
N ALA H 8 39.74 -7.72 -12.31
CA ALA H 8 40.85 -8.09 -11.44
C ALA H 8 41.97 -7.06 -11.50
N SER H 9 42.40 -6.70 -12.70
CA SER H 9 43.49 -5.75 -12.86
C SER H 9 43.30 -4.99 -14.16
N VAL H 10 43.87 -3.79 -14.21
CA VAL H 10 43.84 -2.93 -15.39
C VAL H 10 45.18 -2.23 -15.52
N SER H 11 45.75 -2.22 -16.71
CA SER H 11 47.04 -1.59 -16.96
C SER H 11 46.95 -0.64 -18.14
N GLY H 12 47.75 0.42 -18.10
CA GLY H 12 47.78 1.40 -19.16
C GLY H 12 49.07 2.19 -19.13
N SER H 13 49.53 2.57 -20.31
CA SER H 13 50.76 3.35 -20.41
C SER H 13 50.50 4.79 -19.97
N PRO H 14 51.50 5.45 -19.40
CA PRO H 14 51.30 6.84 -18.94
C PRO H 14 50.98 7.77 -20.10
N GLY H 15 49.91 8.54 -19.95
CA GLY H 15 49.50 9.53 -20.92
C GLY H 15 48.17 9.25 -21.60
N GLN H 16 47.60 8.06 -21.41
CA GLN H 16 46.34 7.70 -22.03
C GLN H 16 45.26 7.49 -20.97
N SER H 17 44.01 7.49 -21.41
CA SER H 17 42.88 7.28 -20.53
C SER H 17 42.58 5.80 -20.36
N ILE H 18 41.92 5.46 -19.24
CA ILE H 18 41.52 4.09 -18.96
C ILE H 18 40.23 4.12 -18.14
N THR H 19 39.51 3.00 -18.15
CA THR H 19 38.21 2.90 -17.51
C THR H 19 38.13 1.65 -16.67
N ILE H 20 37.56 1.77 -15.46
CA ILE H 20 37.32 0.66 -14.56
C ILE H 20 35.81 0.59 -14.34
N SER H 21 35.22 -0.57 -14.63
CA SER H 21 33.78 -0.75 -14.50
C SER H 21 33.44 -1.40 -13.15
N CYS H 22 32.16 -1.32 -12.81
CA CYS H 22 31.66 -1.84 -11.53
C CYS H 22 30.19 -2.19 -11.74
N THR H 23 29.88 -3.47 -11.84
CA THR H 23 28.55 -3.93 -12.15
C THR H 23 27.84 -4.38 -10.88
N GLY H 24 26.65 -3.84 -10.64
CA GLY H 24 25.86 -4.21 -9.48
C GLY H 24 24.46 -4.64 -9.87
N THR H 25 23.54 -4.58 -8.91
CA THR H 25 22.16 -4.99 -9.14
C THR H 25 21.25 -3.77 -9.15
N SER H 26 19.96 -4.02 -9.34
CA SER H 26 18.97 -2.95 -9.36
C SER H 26 18.68 -2.39 -7.98
N SER H 27 19.32 -2.90 -6.93
CA SER H 27 19.08 -2.42 -5.58
C SER H 27 20.20 -1.57 -5.02
N ASP H 28 21.42 -1.65 -5.56
CA ASP H 28 22.54 -0.88 -5.04
C ASP H 28 23.10 0.12 -6.04
N VAL H 29 23.43 -0.31 -7.26
CA VAL H 29 24.03 0.58 -8.24
C VAL H 29 23.00 0.94 -9.29
N GLY H 30 22.07 0.04 -9.55
CA GLY H 30 21.09 0.27 -10.61
C GLY H 30 20.09 1.35 -10.28
N GLY H 31 19.70 1.48 -9.01
CA GLY H 31 18.62 2.36 -8.65
C GLY H 31 19.04 3.67 -8.00
N PHE H 32 20.21 3.67 -7.36
CA PHE H 32 20.65 4.78 -6.54
C PHE H 32 21.87 5.44 -7.13
N ASN H 33 22.00 6.75 -6.90
CA ASN H 33 23.23 7.46 -7.17
C ASN H 33 24.25 7.30 -6.05
N TYR H 34 24.03 6.32 -5.16
CA TYR H 34 24.98 6.00 -4.09
C TYR H 34 26.07 5.12 -4.66
N VAL H 35 27.00 5.74 -5.39
CA VAL H 35 28.15 5.05 -5.95
C VAL H 35 29.38 5.87 -5.63
N SER H 36 30.37 5.26 -5.00
CA SER H 36 31.60 5.93 -4.64
C SER H 36 32.79 5.11 -5.08
N TRP H 37 33.88 5.82 -5.39
CA TRP H 37 35.13 5.21 -5.79
C TRP H 37 36.23 5.66 -4.84
N PHE H 38 36.94 4.68 -4.27
CA PHE H 38 38.01 4.92 -3.31
C PHE H 38 39.34 4.43 -3.90
N GLN H 39 40.38 5.25 -3.74
CA GLN H 39 41.73 4.89 -4.11
C GLN H 39 42.54 4.59 -2.86
N GLN H 40 43.31 3.50 -2.89
CA GLN H 40 44.08 3.06 -1.73
C GLN H 40 45.48 2.70 -2.20
N HIS H 41 46.45 3.53 -1.86
CA HIS H 41 47.85 3.17 -2.03
C HIS H 41 48.24 2.17 -0.95
N PRO H 42 49.18 1.27 -1.25
CA PRO H 42 49.60 0.28 -0.25
C PRO H 42 50.12 0.95 1.02
N GLY H 43 49.66 0.45 2.16
CA GLY H 43 50.01 1.04 3.44
C GLY H 43 49.00 2.06 3.95
N LYS H 44 48.60 3.00 3.10
CA LYS H 44 47.65 4.02 3.51
C LYS H 44 46.23 3.46 3.53
N ALA H 45 45.34 4.22 4.19
CA ALA H 45 43.92 3.92 4.19
C ALA H 45 43.27 4.44 2.90
N PRO H 46 42.13 3.88 2.51
CA PRO H 46 41.46 4.35 1.30
C PRO H 46 41.14 5.83 1.37
N LYS H 47 41.13 6.48 0.20
CA LYS H 47 40.81 7.88 0.08
C LYS H 47 39.63 8.05 -0.87
N LEU H 48 38.61 8.78 -0.44
CA LEU H 48 37.44 9.00 -1.27
C LEU H 48 37.80 9.77 -2.52
N MET H 49 37.75 9.10 -3.68
CA MET H 49 38.04 9.78 -4.94
C MET H 49 36.79 10.32 -5.61
N LEU H 50 35.68 9.60 -5.53
CA LEU H 50 34.43 10.09 -6.10
C LEU H 50 33.26 9.67 -5.23
N TYR H 51 32.34 10.60 -5.03
CA TYR H 51 31.04 10.33 -4.41
C TYR H 51 29.98 10.95 -5.31
N ASP H 52 28.78 10.39 -5.19
CA ASP H 52 27.64 10.79 -5.93
C ASP H 52 27.83 10.49 -7.35
N VAL H 53 28.46 9.37 -7.67
CA VAL H 53 28.72 8.97 -9.06
C VAL H 53 29.68 9.96 -9.65
N THR H 54 29.21 10.90 -10.43
CA THR H 54 30.09 11.86 -11.02
C THR H 54 30.86 12.77 -10.11
N SER H 55 30.24 13.29 -9.07
CA SER H 55 30.87 14.29 -8.20
C SER H 55 32.05 13.82 -7.53
N ARG H 56 32.96 14.71 -7.29
CA ARG H 56 34.24 14.37 -6.68
C ARG H 56 34.57 15.40 -5.63
N PRO H 57 35.38 15.03 -4.62
CA PRO H 57 35.71 15.98 -3.53
C PRO H 57 36.49 17.20 -3.98
N SER H 58 36.87 18.04 -3.02
CA SER H 58 37.55 19.30 -3.34
C SER H 58 38.96 19.06 -3.85
N GLY H 59 39.82 18.48 -3.02
CA GLY H 59 41.23 18.36 -3.38
C GLY H 59 41.56 17.14 -4.22
N VAL H 60 40.78 16.91 -5.28
CA VAL H 60 40.99 15.76 -6.16
C VAL H 60 41.16 16.29 -7.59
N SER H 61 42.14 15.73 -8.30
CA SER H 61 42.41 16.16 -9.66
C SER H 61 41.23 15.89 -10.57
N SER H 62 40.97 16.82 -11.49
CA SER H 62 39.83 16.72 -12.40
C SER H 62 39.97 15.61 -13.42
N ARG H 63 41.03 14.80 -13.35
CA ARG H 63 41.19 13.70 -14.30
C ARG H 63 40.19 12.58 -14.04
N PHE H 64 39.83 12.35 -12.79
CA PHE H 64 38.90 11.30 -12.45
C PHE H 64 37.48 11.72 -12.81
N SER H 65 36.78 10.88 -13.57
CA SER H 65 35.41 11.13 -13.96
C SER H 65 34.56 9.91 -13.63
N GLY H 66 33.28 10.14 -13.44
CA GLY H 66 32.36 9.07 -13.13
C GLY H 66 31.21 9.01 -14.11
N SER H 67 30.74 7.79 -14.38
CA SER H 67 29.59 7.59 -15.25
C SER H 67 28.78 6.43 -14.74
N LYS H 68 27.53 6.34 -15.18
CA LYS H 68 26.66 5.26 -14.78
C LYS H 68 25.66 4.97 -15.88
N SER H 69 25.49 3.69 -16.21
CA SER H 69 24.49 3.25 -17.18
C SER H 69 23.86 1.98 -16.64
N GLY H 70 22.55 2.01 -16.45
CA GLY H 70 21.84 0.87 -15.94
C GLY H 70 22.40 0.40 -14.61
N ASN H 71 22.98 -0.80 -14.60
CA ASN H 71 23.51 -1.40 -13.39
C ASN H 71 25.03 -1.32 -13.31
N THR H 72 25.67 -0.50 -14.14
CA THR H 72 27.12 -0.46 -14.22
C THR H 72 27.61 0.97 -14.05
N ALA H 73 28.44 1.19 -13.03
CA ALA H 73 29.15 2.44 -12.87
C ALA H 73 30.55 2.31 -13.43
N SER H 74 31.18 3.45 -13.71
CA SER H 74 32.47 3.43 -14.38
C SER H 74 33.30 4.63 -13.98
N LEU H 75 34.54 4.38 -13.56
CA LEU H 75 35.52 5.41 -13.26
C LEU H 75 36.48 5.55 -14.43
N THR H 76 36.69 6.78 -14.88
CA THR H 76 37.53 7.06 -16.05
C THR H 76 38.68 7.96 -15.64
N ILE H 77 39.90 7.54 -15.93
CA ILE H 77 41.10 8.30 -15.62
C ILE H 77 41.72 8.71 -16.95
N SER H 78 41.57 9.99 -17.30
CA SER H 78 42.20 10.55 -18.49
C SER H 78 43.53 11.18 -18.11
N GLY H 79 44.54 10.99 -18.96
CA GLY H 79 45.86 11.48 -18.67
C GLY H 79 46.51 10.73 -17.52
N LEU H 80 46.76 9.44 -17.73
CA LEU H 80 47.28 8.58 -16.67
C LEU H 80 48.65 9.08 -16.21
N GLN H 81 48.72 9.50 -14.95
CA GLN H 81 49.95 10.03 -14.38
C GLN H 81 50.72 8.90 -13.69
N ALA H 82 51.85 9.26 -13.07
CA ALA H 82 52.67 8.28 -12.37
C ALA H 82 51.98 7.80 -11.09
N GLU H 83 51.62 8.74 -10.21
CA GLU H 83 51.06 8.41 -8.90
C GLU H 83 49.59 7.98 -9.02
N ASP H 84 49.37 6.92 -9.79
CA ASP H 84 48.04 6.37 -9.97
C ASP H 84 47.99 4.87 -9.76
N GLU H 85 49.12 4.22 -9.46
CA GLU H 85 49.15 2.78 -9.21
C GLU H 85 48.69 2.52 -7.79
N ALA H 86 47.43 2.10 -7.66
CA ALA H 86 46.85 1.79 -6.35
C ALA H 86 45.66 0.87 -6.57
N ASP H 87 44.95 0.57 -5.49
CA ASP H 87 43.75 -0.25 -5.54
C ASP H 87 42.53 0.66 -5.64
N TYR H 88 41.62 0.35 -6.55
CA TYR H 88 40.41 1.12 -6.73
C TYR H 88 39.19 0.27 -6.38
N TYR H 89 38.37 0.77 -5.46
CA TYR H 89 37.21 0.04 -4.97
C TYR H 89 35.95 0.85 -5.21
N CYS H 90 34.91 0.23 -5.74
CA CYS H 90 33.61 0.84 -5.85
C CYS H 90 32.73 0.37 -4.70
N SER H 91 31.96 1.29 -4.14
CA SER H 91 31.07 0.99 -3.04
C SER H 91 29.71 1.60 -3.33
N SER H 92 28.68 0.97 -2.78
CA SER H 92 27.31 1.41 -3.00
C SER H 92 26.48 1.14 -1.75
N HIS H 93 25.57 2.07 -1.45
CA HIS H 93 24.64 1.92 -0.34
C HIS H 93 23.39 1.23 -0.89
N THR H 94 23.15 0.00 -0.44
CA THR H 94 22.06 -0.80 -0.99
C THR H 94 20.71 -0.19 -0.61
N SER H 95 19.65 -0.75 -1.19
CA SER H 95 18.30 -0.27 -0.87
C SER H 95 17.91 -0.62 0.55
N ARG H 96 18.41 -1.73 1.07
CA ARG H 96 18.06 -2.19 2.40
C ARG H 96 18.83 -1.47 3.50
N GLY H 97 19.64 -0.48 3.17
CA GLY H 97 20.37 0.28 4.15
C GLY H 97 21.71 -0.26 4.54
N THR H 98 22.33 -1.11 3.71
CA THR H 98 23.66 -1.64 3.96
C THR H 98 24.62 -1.21 2.85
N TRP H 99 25.90 -1.34 3.13
CA TRP H 99 26.96 -0.96 2.22
C TRP H 99 27.59 -2.20 1.60
N VAL H 100 27.88 -2.13 0.30
CA VAL H 100 28.58 -3.19 -0.41
C VAL H 100 29.79 -2.57 -1.10
N PHE H 101 30.89 -3.32 -1.13
CA PHE H 101 32.11 -2.89 -1.78
C PHE H 101 32.39 -3.76 -2.99
N GLY H 102 33.34 -3.32 -3.80
CA GLY H 102 33.70 -4.06 -5.00
C GLY H 102 34.84 -5.04 -4.76
N GLY H 103 35.07 -5.89 -5.75
CA GLY H 103 36.13 -6.88 -5.63
C GLY H 103 37.50 -6.26 -5.53
N GLY H 104 37.74 -5.20 -6.30
CA GLY H 104 39.02 -4.53 -6.29
C GLY H 104 39.72 -4.58 -7.63
N THR H 105 40.40 -3.49 -7.98
CA THR H 105 41.14 -3.40 -9.24
C THR H 105 42.50 -2.80 -8.96
N LYS H 106 43.55 -3.52 -9.37
CA LYS H 106 44.92 -3.08 -9.21
C LYS H 106 45.34 -2.42 -10.53
N LEU H 107 45.48 -1.10 -10.51
CA LEU H 107 45.86 -0.36 -11.70
C LEU H 107 47.38 -0.22 -11.75
N THR H 108 47.96 -0.54 -12.91
CA THR H 108 49.40 -0.47 -13.12
C THR H 108 49.69 0.52 -14.23
N VAL H 109 50.45 1.56 -13.91
CA VAL H 109 50.79 2.59 -14.89
C VAL H 109 51.92 2.17 -15.82
N LEU H 110 52.58 1.05 -15.53
CA LEU H 110 53.70 0.57 -16.35
C LEU H 110 54.80 1.62 -16.48
N ILE I 136 -31.02 -27.99 59.52
CA ILE I 136 -29.60 -28.28 59.51
C ILE I 136 -29.11 -28.25 58.09
N ARG I 137 -27.96 -27.62 57.87
CA ARG I 137 -27.32 -27.30 56.61
C ARG I 137 -27.94 -26.09 55.92
N CYS I 138 -29.02 -25.55 56.44
CA CYS I 138 -29.65 -24.38 55.83
C CYS I 138 -30.13 -23.36 56.84
N ILE I 139 -29.85 -23.53 58.13
CA ILE I 139 -30.46 -22.69 59.15
C ILE I 139 -30.09 -21.22 58.93
N GLY I 140 -28.80 -20.94 58.77
CA GLY I 140 -28.33 -19.58 58.62
C GLY I 140 -28.08 -19.11 57.20
N VAL I 141 -28.66 -19.77 56.20
CA VAL I 141 -28.28 -19.48 54.82
C VAL I 141 -28.81 -18.13 54.36
N SER I 142 -29.96 -17.69 54.88
CA SER I 142 -30.58 -16.41 54.56
C SER I 142 -31.06 -16.31 53.12
N ASN I 143 -30.99 -17.39 52.36
CA ASN I 143 -31.56 -17.44 51.02
C ASN I 143 -32.22 -18.79 50.78
N ARG I 144 -32.74 -19.39 51.84
CA ARG I 144 -33.34 -20.70 51.73
C ARG I 144 -34.83 -20.60 51.50
N ASP I 145 -35.36 -21.54 50.73
CA ASP I 145 -36.78 -21.58 50.39
C ASP I 145 -37.41 -22.81 51.01
N PHE I 146 -38.64 -22.65 51.49
CA PHE I 146 -39.39 -23.73 52.08
C PHE I 146 -40.36 -24.28 51.04
N VAL I 147 -40.23 -25.55 50.73
CA VAL I 147 -41.12 -26.21 49.77
C VAL I 147 -41.95 -27.22 50.55
N GLU I 148 -43.24 -26.94 50.67
CA GLU I 148 -44.15 -27.77 51.43
C GLU I 148 -45.26 -28.27 50.51
N GLY I 149 -45.75 -29.46 50.80
CA GLY I 149 -46.86 -30.02 50.05
C GLY I 149 -46.40 -30.79 48.83
N MET I 150 -47.29 -31.67 48.37
CA MET I 150 -47.02 -32.56 47.24
C MET I 150 -48.31 -33.27 46.89
N SER I 151 -48.22 -34.18 45.92
CA SER I 151 -49.37 -34.97 45.48
C SER I 151 -49.51 -36.20 46.39
N GLY I 152 -49.92 -35.94 47.62
CA GLY I 152 -50.12 -37.01 48.59
C GLY I 152 -48.89 -37.83 48.87
N GLY I 153 -47.71 -37.24 48.75
CA GLY I 153 -46.48 -37.95 49.04
C GLY I 153 -45.77 -38.56 47.85
N THR I 154 -46.07 -38.13 46.63
CA THR I 154 -45.41 -38.71 45.47
C THR I 154 -44.07 -38.04 45.18
N TRP I 155 -44.06 -36.75 44.87
CA TRP I 155 -42.86 -36.08 44.40
C TRP I 155 -43.11 -34.58 44.33
N VAL I 156 -42.01 -33.82 44.29
CA VAL I 156 -42.06 -32.36 44.14
C VAL I 156 -40.95 -31.94 43.19
N ASP I 157 -41.28 -31.10 42.22
CA ASP I 157 -40.25 -30.50 41.37
C ASP I 157 -39.58 -29.38 42.13
N VAL I 158 -38.28 -29.16 41.89
CA VAL I 158 -37.55 -28.15 42.64
C VAL I 158 -36.34 -27.72 41.82
N VAL I 159 -36.09 -26.42 41.78
CA VAL I 159 -34.91 -25.86 41.13
C VAL I 159 -33.89 -25.49 42.20
N LEU I 160 -32.69 -26.06 42.08
CA LEU I 160 -31.60 -25.82 43.01
C LEU I 160 -30.66 -24.77 42.44
N GLU I 161 -30.15 -23.91 43.31
CA GLU I 161 -29.28 -22.84 42.89
C GLU I 161 -28.10 -22.75 43.85
N HIS I 162 -27.03 -22.13 43.36
CA HIS I 162 -25.80 -22.07 44.14
C HIS I 162 -25.95 -21.15 45.35
N GLY I 163 -26.74 -20.09 45.21
CA GLY I 163 -26.84 -19.13 46.29
C GLY I 163 -27.38 -19.73 47.57
N GLY I 164 -28.58 -20.30 47.50
CA GLY I 164 -29.22 -20.80 48.71
C GLY I 164 -29.57 -22.26 48.65
N CYS I 165 -30.43 -22.71 49.56
CA CYS I 165 -30.84 -24.10 49.60
C CYS I 165 -32.34 -24.20 49.86
N VAL I 166 -32.83 -25.43 49.71
CA VAL I 166 -34.26 -25.72 49.74
C VAL I 166 -34.51 -26.68 50.90
N THR I 167 -35.37 -26.28 51.83
CA THR I 167 -35.86 -27.21 52.84
C THR I 167 -37.21 -27.74 52.38
N VAL I 168 -37.29 -29.04 52.16
CA VAL I 168 -38.48 -29.70 51.66
C VAL I 168 -39.14 -30.41 52.83
N MET I 169 -40.42 -30.09 53.04
CA MET I 169 -41.18 -30.61 54.16
C MET I 169 -42.45 -31.27 53.63
N ALA I 170 -42.62 -32.54 53.89
CA ALA I 170 -43.78 -33.29 53.43
C ALA I 170 -44.76 -33.47 54.59
N GLN I 171 -45.82 -34.25 54.35
CA GLN I 171 -46.86 -34.41 55.36
C GLN I 171 -46.34 -35.16 56.59
N ASP I 172 -45.94 -36.41 56.40
CA ASP I 172 -45.44 -37.25 57.49
C ASP I 172 -44.09 -37.83 57.13
N LYS I 173 -43.21 -36.97 56.63
CA LYS I 173 -41.87 -37.35 56.19
C LYS I 173 -40.87 -36.33 56.69
N PRO I 174 -39.61 -36.73 56.88
CA PRO I 174 -38.65 -35.84 57.51
C PRO I 174 -38.25 -34.67 56.62
N THR I 175 -38.05 -33.51 57.23
CA THR I 175 -37.64 -32.32 56.50
C THR I 175 -36.22 -32.50 55.99
N VAL I 176 -36.01 -32.34 54.70
CA VAL I 176 -34.70 -32.55 54.08
C VAL I 176 -34.21 -31.23 53.50
N ASP I 177 -32.98 -30.87 53.83
CA ASP I 177 -32.35 -29.66 53.30
C ASP I 177 -31.40 -30.04 52.18
N ILE I 178 -31.64 -29.47 51.01
CA ILE I 178 -30.95 -29.83 49.77
C ILE I 178 -30.23 -28.59 49.27
N GLU I 179 -28.96 -28.76 48.90
CA GLU I 179 -28.20 -27.64 48.37
C GLU I 179 -27.32 -28.10 47.22
N LEU I 180 -27.16 -27.26 46.21
CA LEU I 180 -26.16 -27.49 45.18
C LEU I 180 -24.86 -26.82 45.60
N VAL I 181 -23.74 -27.54 45.48
CA VAL I 181 -22.48 -27.11 46.06
C VAL I 181 -21.49 -26.65 44.99
N THR I 182 -21.15 -27.52 44.04
CA THR I 182 -20.19 -27.19 43.00
C THR I 182 -20.67 -27.72 41.66
N THR I 183 -20.20 -27.11 40.56
CA THR I 183 -20.31 -27.76 39.26
C THR I 183 -18.93 -27.77 38.62
N THR I 184 -18.36 -28.96 38.44
CA THR I 184 -17.05 -29.08 37.79
C THR I 184 -17.22 -29.47 36.33
N VAL I 185 -16.50 -28.79 35.46
CA VAL I 185 -16.45 -29.11 34.04
C VAL I 185 -15.13 -29.82 33.77
N SER I 186 -15.17 -30.85 32.92
CA SER I 186 -14.03 -31.73 32.75
C SER I 186 -13.65 -31.85 31.29
N ASN I 187 -12.35 -32.04 31.05
CA ASN I 187 -11.73 -32.24 29.74
C ASN I 187 -12.25 -31.26 28.69
N MET I 188 -12.01 -29.97 28.91
CA MET I 188 -12.36 -28.97 27.92
C MET I 188 -11.32 -28.94 26.81
N ALA I 189 -11.73 -28.45 25.64
CA ALA I 189 -10.92 -28.47 24.43
C ALA I 189 -10.49 -27.06 24.10
N GLU I 190 -9.18 -26.85 23.98
CA GLU I 190 -8.66 -25.51 23.76
C GLU I 190 -9.03 -24.98 22.39
N VAL I 191 -9.38 -23.70 22.33
CA VAL I 191 -9.82 -23.02 21.13
C VAL I 191 -9.21 -21.61 21.13
N ARG I 192 -8.40 -21.29 20.12
CA ARG I 192 -8.08 -19.91 19.84
C ARG I 192 -7.44 -19.15 21.00
N SER I 193 -6.21 -19.45 21.35
CA SER I 193 -5.49 -18.62 22.31
C SER I 193 -5.18 -17.26 21.72
N TYR I 194 -5.39 -16.20 22.51
CA TYR I 194 -5.10 -14.83 22.12
C TYR I 194 -3.80 -14.33 22.74
N CYS I 195 -3.35 -13.17 22.30
CA CYS I 195 -2.21 -12.48 22.90
C CYS I 195 -2.70 -11.20 23.56
N TYR I 196 -2.19 -10.91 24.75
CA TYR I 196 -2.41 -9.59 25.30
C TYR I 196 -1.12 -8.81 25.51
N GLU I 197 0.04 -9.44 25.41
CA GLU I 197 1.30 -8.73 25.63
C GLU I 197 2.30 -9.17 24.57
N ALA I 198 2.58 -8.29 23.62
CA ALA I 198 3.51 -8.60 22.55
C ALA I 198 4.90 -8.06 22.86
N SER I 199 5.87 -8.54 22.10
CA SER I 199 7.24 -8.03 22.17
C SER I 199 7.79 -7.97 20.76
N ILE I 200 8.52 -6.90 20.46
CA ILE I 200 9.02 -6.65 19.13
C ILE I 200 10.54 -6.78 19.13
N SER I 201 11.10 -6.92 17.93
CA SER I 201 12.49 -7.32 17.77
C SER I 201 13.10 -6.65 16.55
N ASP I 202 14.14 -7.25 15.99
CA ASP I 202 15.02 -6.56 15.05
C ASP I 202 14.26 -6.00 13.84
N MET I 203 14.06 -4.69 13.83
CA MET I 203 13.43 -4.04 12.71
C MET I 203 14.38 -3.96 11.52
N ALA I 204 13.80 -3.80 10.34
CA ALA I 204 14.58 -3.62 9.13
C ALA I 204 13.69 -2.87 8.14
N SER I 205 14.31 -2.33 7.10
CA SER I 205 13.56 -1.51 6.17
C SER I 205 14.20 -1.60 4.78
N ASP I 206 13.43 -1.16 3.79
CA ASP I 206 13.84 -1.22 2.39
C ASP I 206 13.16 -0.07 1.67
N SER I 207 13.91 0.68 0.87
CA SER I 207 13.39 1.88 0.23
C SER I 207 13.78 1.88 -1.24
N ARG I 208 12.96 2.55 -2.05
CA ARG I 208 13.23 2.62 -3.48
C ARG I 208 12.91 4.01 -4.03
N CYS I 209 13.51 4.30 -5.18
CA CYS I 209 13.39 5.60 -5.80
C CYS I 209 11.94 5.83 -6.28
N PRO I 210 11.52 7.09 -6.42
CA PRO I 210 10.17 7.38 -6.93
C PRO I 210 9.68 6.55 -8.09
N THR I 211 10.49 6.34 -9.12
CA THR I 211 10.05 5.57 -10.29
C THR I 211 10.85 4.26 -10.29
N GLN I 212 10.35 3.32 -9.53
CA GLN I 212 10.86 1.96 -9.46
C GLN I 212 9.65 1.10 -9.14
N GLY I 213 9.88 -0.10 -8.64
CA GLY I 213 8.75 -0.92 -8.26
C GLY I 213 8.27 -0.51 -6.88
N GLU I 214 8.16 -1.48 -5.98
CA GLU I 214 7.87 -1.20 -4.59
C GLU I 214 8.93 -1.89 -3.76
N ALA I 215 9.14 -1.39 -2.54
CA ALA I 215 10.17 -1.95 -1.70
C ALA I 215 9.79 -3.37 -1.33
N TYR I 216 10.80 -4.22 -1.17
CA TYR I 216 10.54 -5.60 -0.76
C TYR I 216 11.69 -6.07 0.12
N LEU I 217 11.37 -6.40 1.37
CA LEU I 217 12.32 -7.05 2.25
C LEU I 217 12.18 -8.57 2.15
N ASP I 218 13.31 -9.26 2.26
CA ASP I 218 13.26 -10.71 2.25
C ASP I 218 12.48 -11.27 3.43
N LYS I 219 12.27 -10.46 4.46
CA LYS I 219 11.53 -10.84 5.65
C LYS I 219 10.05 -10.54 5.53
N GLN I 220 9.55 -10.31 4.33
CA GLN I 220 8.12 -10.29 4.09
C GLN I 220 7.58 -11.66 3.76
N SER I 221 8.43 -12.58 3.32
CA SER I 221 8.06 -13.96 3.09
C SER I 221 8.22 -14.80 4.34
N ASP I 222 8.23 -14.17 5.50
CA ASP I 222 8.34 -14.84 6.78
C ASP I 222 7.11 -14.50 7.60
N THR I 223 6.40 -15.51 8.08
CA THR I 223 5.15 -15.32 8.79
C THR I 223 5.36 -15.04 10.27
N GLN I 224 6.53 -14.53 10.63
CA GLN I 224 6.86 -14.16 11.99
C GLN I 224 7.18 -12.69 12.11
N TYR I 225 6.99 -11.93 11.04
CA TYR I 225 7.34 -10.52 10.98
C TYR I 225 6.10 -9.71 10.59
N VAL I 226 5.95 -8.55 11.21
CA VAL I 226 4.92 -7.60 10.84
C VAL I 226 5.55 -6.56 9.93
N CYS I 227 4.95 -6.34 8.77
CA CYS I 227 5.53 -5.46 7.77
C CYS I 227 4.49 -4.43 7.33
N LYS I 228 4.95 -3.20 7.12
CA LYS I 228 4.10 -2.11 6.68
C LYS I 228 4.78 -1.35 5.55
N ARG I 229 4.01 -0.97 4.54
CA ARG I 229 4.50 -0.32 3.35
C ARG I 229 3.87 1.07 3.22
N THR I 230 4.70 2.09 3.06
CA THR I 230 4.22 3.47 2.95
C THR I 230 5.07 4.21 1.91
N LEU I 231 4.77 5.50 1.76
CA LEU I 231 5.45 6.36 0.80
C LEU I 231 6.29 7.39 1.55
N VAL I 232 7.46 7.68 1.01
CA VAL I 232 8.49 8.46 1.68
C VAL I 232 9.02 9.50 0.70
N ASP I 233 9.33 10.70 1.19
CA ASP I 233 9.94 11.71 0.35
C ASP I 233 11.34 11.26 -0.05
N ARG I 234 11.66 11.39 -1.34
CA ARG I 234 12.95 10.96 -1.85
C ARG I 234 13.43 11.95 -2.90
N GLY I 235 14.67 11.74 -3.29
CA GLY I 235 15.23 12.49 -4.38
C GLY I 235 16.41 13.39 -4.26
N TRP I 236 17.37 13.05 -5.11
CA TRP I 236 18.59 13.85 -5.28
C TRP I 236 19.44 14.06 -4.08
N GLY I 237 18.98 14.69 -3.05
CA GLY I 237 19.72 14.77 -1.84
C GLY I 237 19.88 13.49 -1.12
N ASN I 238 18.77 12.76 -1.02
CA ASN I 238 18.69 11.48 -0.33
C ASN I 238 19.62 10.52 -1.04
N GLY I 239 19.84 10.77 -2.32
CA GLY I 239 20.71 9.93 -3.14
C GLY I 239 20.14 9.18 -4.34
N CYS I 240 18.86 9.36 -4.61
CA CYS I 240 18.22 8.74 -5.77
C CYS I 240 17.80 9.90 -6.66
N GLY I 241 18.09 9.89 -7.96
CA GLY I 241 17.71 11.05 -8.73
C GLY I 241 16.36 10.98 -9.39
N LEU I 242 15.36 11.48 -8.67
CA LEU I 242 14.00 11.76 -9.12
C LEU I 242 13.31 12.27 -7.88
N PHE I 243 12.20 12.99 -7.99
CA PHE I 243 11.72 13.72 -6.83
C PHE I 243 10.36 13.27 -6.29
N GLY I 244 9.74 12.26 -6.87
CA GLY I 244 8.44 11.83 -6.39
C GLY I 244 8.50 11.21 -5.01
N LYS I 245 7.39 10.57 -4.65
CA LYS I 245 7.32 9.75 -3.44
C LYS I 245 7.83 8.35 -3.72
N GLY I 246 8.88 7.94 -3.02
CA GLY I 246 9.36 6.57 -3.09
C GLY I 246 8.58 5.68 -2.14
N SER I 247 8.94 4.41 -2.12
CA SER I 247 8.23 3.41 -1.35
C SER I 247 9.15 2.84 -0.29
N LEU I 248 8.64 2.71 0.92
CA LEU I 248 9.39 2.23 2.07
C LEU I 248 8.64 1.10 2.74
N VAL I 249 9.35 0.01 3.05
CA VAL I 249 8.80 -1.13 3.77
C VAL I 249 9.58 -1.28 5.07
N THR I 250 8.87 -1.45 6.18
CA THR I 250 9.50 -1.73 7.46
C THR I 250 8.90 -2.98 8.07
N CYS I 251 9.78 -3.84 8.59
CA CYS I 251 9.38 -5.12 9.15
C CYS I 251 10.00 -5.28 10.53
N ALA I 252 9.25 -5.91 11.44
CA ALA I 252 9.72 -6.15 12.79
C ALA I 252 9.26 -7.52 13.25
N LYS I 253 10.11 -8.22 13.99
CA LYS I 253 9.79 -9.59 14.40
C LYS I 253 8.87 -9.59 15.62
N PHE I 254 7.83 -10.40 15.56
CA PHE I 254 6.76 -10.41 16.56
C PHE I 254 6.86 -11.64 17.43
N ALA I 255 6.81 -11.43 18.74
CA ALA I 255 6.88 -12.52 19.70
C ALA I 255 5.86 -12.25 20.79
N CYS I 256 5.30 -13.30 21.37
CA CYS I 256 4.32 -13.12 22.41
C CYS I 256 4.88 -13.62 23.74
N SER I 257 4.89 -12.75 24.73
CA SER I 257 5.34 -13.09 25.99
C SER I 257 4.31 -13.42 26.96
N LYS I 258 3.06 -13.10 26.62
CA LYS I 258 1.91 -13.38 27.48
C LYS I 258 0.82 -13.87 26.54
N LYS I 259 0.08 -14.88 27.00
CA LYS I 259 -0.94 -15.53 26.19
C LYS I 259 -2.22 -15.72 26.97
N MET I 260 -3.31 -15.97 26.24
CA MET I 260 -4.62 -16.10 26.90
C MET I 260 -5.44 -17.14 26.15
N THR I 261 -6.15 -18.01 26.86
CA THR I 261 -6.73 -19.19 26.21
C THR I 261 -8.18 -19.38 26.57
N GLY I 262 -9.00 -19.71 25.57
CA GLY I 262 -10.36 -20.14 25.80
C GLY I 262 -10.54 -21.60 25.49
N LYS I 263 -11.53 -22.24 26.11
CA LYS I 263 -11.77 -23.66 25.93
C LYS I 263 -13.27 -23.90 25.85
N SER I 264 -13.66 -24.83 25.00
CA SER I 264 -15.08 -25.06 24.76
C SER I 264 -15.64 -26.02 25.79
N ILE I 265 -16.90 -25.80 26.16
CA ILE I 265 -17.60 -26.60 27.15
C ILE I 265 -18.80 -27.22 26.47
N GLN I 266 -18.77 -28.53 26.30
CA GLN I 266 -19.96 -29.24 25.86
C GLN I 266 -20.86 -29.45 27.06
N PRO I 267 -22.16 -29.55 26.86
CA PRO I 267 -23.08 -29.70 28.00
C PRO I 267 -23.11 -31.09 28.59
N GLU I 268 -22.29 -32.01 28.10
CA GLU I 268 -21.98 -33.24 28.78
C GLU I 268 -20.72 -33.04 29.61
N ASN I 269 -20.34 -34.09 30.33
CA ASN I 269 -19.23 -34.04 31.30
C ASN I 269 -19.25 -32.76 32.13
N LEU I 270 -20.42 -32.41 32.65
CA LEU I 270 -20.56 -31.47 33.75
C LEU I 270 -21.11 -32.24 34.94
N GLU I 271 -20.42 -32.17 36.06
CA GLU I 271 -20.81 -32.90 37.25
C GLU I 271 -21.31 -31.92 38.31
N TYR I 272 -22.50 -32.16 38.82
CA TYR I 272 -23.07 -31.38 39.91
C TYR I 272 -22.97 -32.19 41.19
N ARG I 273 -22.71 -31.51 42.30
CA ARG I 273 -22.59 -32.15 43.59
C ARG I 273 -23.66 -31.59 44.51
N ILE I 274 -24.64 -32.40 44.84
CA ILE I 274 -25.77 -31.99 45.67
C ILE I 274 -25.55 -32.55 47.06
N MET I 275 -25.59 -31.68 48.06
CA MET I 275 -25.41 -32.07 49.45
C MET I 275 -26.77 -32.10 50.13
N LEU I 276 -27.01 -33.15 50.89
CA LEU I 276 -28.30 -33.46 51.45
C LEU I 276 -28.15 -33.60 52.95
N SER I 277 -29.10 -33.07 53.71
CA SER I 277 -29.07 -33.28 55.15
C SER I 277 -30.49 -33.41 55.66
N VAL I 278 -30.63 -34.03 56.82
CA VAL I 278 -31.94 -34.34 57.37
C VAL I 278 -32.03 -33.77 58.77
N HIS I 279 -33.23 -33.32 59.13
CA HIS I 279 -33.47 -32.80 60.47
C HIS I 279 -33.62 -33.96 61.44
N GLY I 280 -34.09 -33.69 62.64
CA GLY I 280 -34.27 -34.77 63.59
C GLY I 280 -33.25 -34.81 64.70
N SER I 281 -32.28 -35.71 64.58
CA SER I 281 -31.37 -36.00 65.68
C SER I 281 -30.11 -35.14 65.70
N GLN I 282 -29.85 -34.37 64.65
CA GLN I 282 -28.61 -33.62 64.59
C GLN I 282 -28.63 -32.47 65.58
N HIS I 283 -27.51 -32.26 66.28
CA HIS I 283 -27.36 -31.13 67.16
C HIS I 283 -26.70 -29.97 66.41
N SER I 284 -26.73 -28.79 67.03
CA SER I 284 -26.32 -27.56 66.36
C SER I 284 -24.93 -27.63 65.76
N GLY I 285 -24.04 -28.41 66.37
CA GLY I 285 -22.66 -28.45 65.89
C GLY I 285 -22.55 -28.90 64.45
N MET I 286 -23.39 -29.85 64.04
CA MET I 286 -23.28 -30.46 62.72
C MET I 286 -24.12 -29.70 61.69
N ILE I 287 -23.89 -28.40 61.61
CA ILE I 287 -24.53 -27.56 60.61
C ILE I 287 -23.59 -27.26 59.46
N VAL I 288 -22.31 -27.01 59.74
CA VAL I 288 -21.35 -26.64 58.72
C VAL I 288 -20.16 -27.60 58.76
N ASN I 289 -20.40 -28.81 59.26
CA ASN I 289 -19.37 -29.84 59.31
C ASN I 289 -19.46 -30.71 58.06
N ASP I 290 -18.40 -30.72 57.27
CA ASP I 290 -18.26 -31.63 56.14
C ASP I 290 -17.19 -32.66 56.48
N THR I 291 -17.62 -33.89 56.68
CA THR I 291 -16.78 -34.98 57.17
C THR I 291 -17.27 -36.26 56.52
N GLY I 292 -16.92 -37.40 57.10
CA GLY I 292 -17.32 -38.67 56.53
C GLY I 292 -18.81 -38.89 56.63
N HIS I 293 -19.55 -38.11 55.85
CA HIS I 293 -21.01 -38.17 55.86
C HIS I 293 -21.54 -39.53 55.42
N GLU I 294 -20.75 -40.30 54.68
CA GLU I 294 -21.17 -41.63 54.25
C GLU I 294 -21.44 -42.53 55.44
N THR I 295 -20.87 -42.22 56.60
CA THR I 295 -21.08 -42.99 57.82
C THR I 295 -21.93 -42.25 58.84
N ASP I 296 -22.58 -41.14 58.46
CA ASP I 296 -23.27 -40.29 59.43
C ASP I 296 -24.78 -40.44 59.38
N GLU I 297 -25.33 -41.14 58.38
CA GLU I 297 -26.70 -41.62 58.45
C GLU I 297 -27.72 -40.48 58.36
N ASN I 298 -27.25 -39.24 58.40
CA ASN I 298 -28.12 -38.08 58.27
C ASN I 298 -27.74 -37.19 57.11
N ARG I 299 -26.55 -37.34 56.55
CA ARG I 299 -26.08 -36.49 55.47
C ARG I 299 -25.72 -37.36 54.28
N ALA I 300 -25.79 -36.76 53.10
CA ALA I 300 -25.51 -37.49 51.87
C ALA I 300 -24.90 -36.56 50.85
N LYS I 301 -24.19 -37.15 49.89
CA LYS I 301 -23.63 -36.42 48.76
C LYS I 301 -24.00 -37.16 47.49
N VAL I 302 -24.51 -36.43 46.51
CA VAL I 302 -25.04 -37.01 45.29
C VAL I 302 -24.33 -36.36 44.11
N GLU I 303 -23.67 -37.18 43.29
CA GLU I 303 -23.02 -36.70 42.09
C GLU I 303 -23.95 -36.94 40.91
N ILE I 304 -24.24 -35.88 40.16
CA ILE I 304 -25.23 -35.94 39.08
C ILE I 304 -24.57 -35.44 37.81
N THR I 305 -24.48 -36.30 36.82
CA THR I 305 -23.91 -36.01 35.52
C THR I 305 -24.91 -36.40 34.46
N PRO I 306 -24.82 -35.84 33.26
CA PRO I 306 -25.77 -36.22 32.20
C PRO I 306 -25.85 -37.70 31.97
N ASN I 307 -24.74 -38.43 32.12
CA ASN I 307 -24.76 -39.86 31.89
C ASN I 307 -25.42 -40.64 33.01
N SER I 308 -25.56 -40.04 34.19
CA SER I 308 -26.29 -40.65 35.31
C SER I 308 -27.09 -39.57 36.02
N PRO I 309 -28.16 -39.08 35.40
CA PRO I 309 -28.89 -37.94 35.95
C PRO I 309 -29.82 -38.27 37.10
N ARG I 310 -30.07 -39.54 37.35
CA ARG I 310 -31.01 -39.98 38.37
C ARG I 310 -30.24 -40.65 39.49
N ALA I 311 -30.62 -40.37 40.72
CA ALA I 311 -29.85 -40.91 41.83
C ALA I 311 -30.73 -41.14 43.04
N GLU I 312 -30.28 -42.01 43.92
CA GLU I 312 -30.96 -42.30 45.18
C GLU I 312 -29.99 -42.08 46.32
N ALA I 313 -30.31 -41.13 47.19
CA ALA I 313 -29.51 -40.89 48.38
C ALA I 313 -30.08 -41.73 49.51
N THR I 314 -29.30 -42.70 49.97
CA THR I 314 -29.73 -43.62 51.01
C THR I 314 -29.40 -43.02 52.37
N LEU I 315 -30.44 -42.59 53.09
CA LEU I 315 -30.29 -42.10 54.46
C LEU I 315 -30.78 -43.22 55.36
N GLY I 316 -29.84 -43.98 55.93
CA GLY I 316 -30.18 -45.11 56.77
C GLY I 316 -31.14 -44.75 57.88
N GLY I 317 -32.18 -45.55 58.06
CA GLY I 317 -33.19 -45.27 59.05
C GLY I 317 -34.26 -44.29 58.59
N PHE I 318 -33.95 -43.45 57.61
CA PHE I 318 -34.92 -42.54 57.01
C PHE I 318 -35.40 -43.00 55.65
N GLY I 319 -34.79 -44.03 55.08
CA GLY I 319 -35.15 -44.50 53.76
C GLY I 319 -34.18 -43.99 52.70
N SER I 320 -34.73 -43.49 51.60
CA SER I 320 -33.89 -42.96 50.53
C SER I 320 -34.67 -41.93 49.74
N LEU I 321 -34.02 -40.81 49.45
CA LEU I 321 -34.62 -39.75 48.65
C LEU I 321 -34.18 -39.91 47.20
N GLY I 322 -35.14 -40.06 46.29
CA GLY I 322 -34.81 -40.10 44.89
C GLY I 322 -34.75 -38.72 44.29
N LEU I 323 -33.87 -38.54 43.31
CA LEU I 323 -33.73 -37.28 42.60
C LEU I 323 -33.60 -37.62 41.12
N ASP I 324 -34.61 -37.24 40.32
CA ASP I 324 -34.53 -37.33 38.88
C ASP I 324 -34.22 -35.94 38.37
N CYS I 325 -32.99 -35.71 37.93
CA CYS I 325 -32.52 -34.35 37.74
C CYS I 325 -32.15 -34.11 36.29
N GLU I 326 -32.11 -32.83 35.90
CA GLU I 326 -31.86 -32.45 34.51
C GLU I 326 -30.53 -31.71 34.40
N PRO I 327 -29.42 -32.41 34.13
CA PRO I 327 -28.11 -31.74 34.13
C PRO I 327 -27.77 -31.02 32.83
N ARG I 328 -28.36 -31.41 31.70
CA ARG I 328 -28.01 -30.79 30.43
C ARG I 328 -28.52 -29.36 30.36
N THR I 329 -29.81 -29.18 30.55
CA THR I 329 -30.46 -27.88 30.42
C THR I 329 -30.20 -26.96 31.59
N GLY I 330 -29.26 -27.20 32.49
CA GLY I 330 -29.13 -26.35 33.65
C GLY I 330 -28.81 -24.90 33.36
N LEU I 331 -27.60 -24.60 32.87
CA LEU I 331 -27.22 -23.23 32.52
C LEU I 331 -26.42 -23.22 31.22
N ASP I 332 -27.12 -23.20 30.10
CA ASP I 332 -26.61 -22.63 28.86
C ASP I 332 -25.22 -23.07 28.44
N PHE I 333 -24.70 -24.19 28.94
CA PHE I 333 -23.30 -24.49 28.67
C PHE I 333 -23.10 -24.97 27.24
N SER I 334 -23.56 -24.19 26.27
CA SER I 334 -23.26 -24.44 24.87
C SER I 334 -22.93 -23.13 24.18
N ASP I 335 -22.81 -22.05 24.92
CA ASP I 335 -22.31 -20.79 24.44
C ASP I 335 -21.19 -20.26 25.32
N LEU I 336 -20.81 -21.01 26.36
CA LEU I 336 -19.89 -20.53 27.37
C LEU I 336 -18.55 -21.22 27.21
N TYR I 337 -17.51 -20.42 27.01
CA TYR I 337 -16.14 -20.85 27.04
C TYR I 337 -15.55 -20.67 28.43
N TYR I 338 -14.47 -21.40 28.69
CA TYR I 338 -13.65 -21.19 29.86
C TYR I 338 -12.44 -20.36 29.45
N LEU I 339 -12.19 -19.27 30.16
CA LEU I 339 -11.14 -18.32 29.80
C LEU I 339 -10.09 -18.27 30.88
N THR I 340 -8.81 -18.34 30.50
CA THR I 340 -7.72 -18.14 31.45
C THR I 340 -6.73 -17.13 30.90
N MET I 341 -6.26 -16.22 31.75
CA MET I 341 -5.23 -15.27 31.38
C MET I 341 -3.91 -15.51 32.10
N ASN I 342 -3.90 -15.45 33.43
CA ASN I 342 -2.73 -15.92 34.18
C ASN I 342 -3.23 -16.35 35.57
N ASN I 343 -3.53 -17.64 35.69
CA ASN I 343 -4.02 -18.22 36.94
C ASN I 343 -5.32 -17.55 37.41
N LYS I 344 -6.08 -16.98 36.48
CA LYS I 344 -7.42 -16.49 36.75
C LYS I 344 -8.33 -17.02 35.65
N HIS I 345 -9.49 -17.56 36.03
CA HIS I 345 -10.36 -18.23 35.09
C HIS I 345 -11.77 -17.64 35.17
N TRP I 346 -12.40 -17.51 34.00
CA TRP I 346 -13.73 -16.94 33.86
C TRP I 346 -14.59 -17.85 33.00
N LEU I 347 -15.90 -17.70 33.15
CA LEU I 347 -16.88 -18.24 32.22
C LEU I 347 -17.32 -17.11 31.29
N VAL I 348 -17.16 -17.32 30.00
CA VAL I 348 -17.29 -16.25 29.03
C VAL I 348 -18.28 -16.70 27.97
N HIS I 349 -18.98 -15.76 27.36
CA HIS I 349 -19.89 -16.12 26.29
C HIS I 349 -19.12 -16.26 24.98
N LYS I 350 -19.49 -17.24 24.17
CA LYS I 350 -19.17 -17.17 22.76
C LYS I 350 -19.61 -15.82 22.23
N GLU I 351 -19.01 -15.39 21.12
CA GLU I 351 -19.33 -14.12 20.46
C GLU I 351 -18.83 -12.92 21.24
N TRP I 352 -18.39 -13.11 22.48
CA TRP I 352 -17.49 -12.14 23.09
C TRP I 352 -16.05 -12.59 22.98
N PHE I 353 -15.81 -13.89 22.85
CA PHE I 353 -14.48 -14.45 22.72
C PHE I 353 -14.10 -14.63 21.27
N HIS I 354 -14.95 -14.23 20.35
CA HIS I 354 -14.62 -14.35 18.93
C HIS I 354 -14.52 -12.96 18.33
N ASP I 355 -15.23 -12.01 18.92
CA ASP I 355 -15.14 -10.62 18.48
C ASP I 355 -14.11 -9.85 19.30
N ILE I 356 -12.90 -10.35 19.41
CA ILE I 356 -11.85 -9.68 20.19
C ILE I 356 -10.73 -9.29 19.22
N PRO I 357 -10.27 -8.04 19.26
CA PRO I 357 -9.22 -7.61 18.32
C PRO I 357 -7.81 -7.82 18.86
N LEU I 358 -7.34 -9.06 18.91
CA LEU I 358 -6.00 -9.35 19.40
C LEU I 358 -5.41 -10.45 18.54
N PRO I 359 -4.09 -10.53 18.44
CA PRO I 359 -3.48 -11.60 17.65
C PRO I 359 -3.81 -12.96 18.22
N TRP I 360 -4.32 -13.84 17.37
CA TRP I 360 -4.83 -15.12 17.82
C TRP I 360 -4.19 -16.26 17.05
N HIS I 361 -3.71 -17.26 17.78
CA HIS I 361 -3.46 -18.57 17.22
C HIS I 361 -4.81 -19.27 17.13
N ALA I 362 -4.84 -20.55 16.74
CA ALA I 362 -6.13 -21.22 16.64
C ALA I 362 -5.94 -22.69 17.00
N GLY I 363 -6.13 -23.00 18.29
CA GLY I 363 -6.24 -24.38 18.69
C GLY I 363 -4.91 -25.05 18.96
N ALA I 364 -4.46 -25.83 17.98
CA ALA I 364 -3.29 -26.68 18.12
C ALA I 364 -2.02 -25.83 18.19
N ASP I 365 -1.39 -25.83 19.36
CA ASP I 365 -0.07 -25.22 19.53
C ASP I 365 0.96 -26.33 19.42
N THR I 366 1.78 -26.27 18.37
CA THR I 366 2.75 -27.31 18.08
C THR I 366 4.18 -26.87 18.28
N GLY I 367 4.62 -25.84 17.57
CA GLY I 367 5.99 -25.39 17.66
C GLY I 367 6.07 -23.89 17.84
N THR I 368 6.77 -23.22 16.93
CA THR I 368 6.80 -21.78 16.92
C THR I 368 5.42 -21.25 16.58
N PRO I 369 4.73 -20.59 17.51
CA PRO I 369 3.33 -20.23 17.26
C PRO I 369 3.20 -19.30 16.07
N HIS I 370 1.99 -19.26 15.52
CA HIS I 370 1.68 -18.49 14.32
C HIS I 370 0.48 -17.61 14.65
N TRP I 371 0.72 -16.33 14.87
CA TRP I 371 -0.32 -15.40 15.28
C TRP I 371 -0.97 -14.81 14.04
N ASN I 372 -2.26 -15.07 13.86
CA ASN I 372 -3.00 -14.59 12.70
C ASN I 372 -3.19 -13.09 12.51
N ASN I 373 -3.48 -12.35 13.56
CA ASN I 373 -3.74 -11.01 13.23
C ASN I 373 -2.62 -10.22 13.14
N LYS I 374 -2.01 -9.87 14.28
CA LYS I 374 -0.75 -9.10 14.29
C LYS I 374 -0.74 -7.57 13.94
N GLU I 375 -1.89 -6.98 13.65
CA GLU I 375 -1.97 -5.54 13.32
C GLU I 375 -2.78 -4.83 14.38
N ALA I 376 -3.01 -5.52 15.50
CA ALA I 376 -3.79 -4.97 16.62
C ALA I 376 -2.97 -4.68 17.89
N LEU I 377 -1.67 -4.97 17.79
CA LEU I 377 -0.69 -4.79 18.84
C LEU I 377 0.56 -4.09 18.37
N VAL I 378 0.75 -3.90 17.07
CA VAL I 378 1.90 -3.21 16.50
C VAL I 378 1.40 -1.96 15.79
N GLU I 379 2.00 -0.81 16.10
CA GLU I 379 1.64 0.47 15.51
C GLU I 379 2.82 1.01 14.72
N PHE I 380 2.59 1.26 13.42
CA PHE I 380 3.61 1.81 12.53
C PHE I 380 3.40 3.32 12.42
N LYS I 381 4.18 4.07 13.18
CA LYS I 381 4.11 5.53 13.13
C LYS I 381 5.05 6.04 12.04
N ASP I 382 4.50 6.78 11.10
CA ASP I 382 5.31 7.39 10.06
C ASP I 382 5.82 8.72 10.57
N ALA I 383 7.13 8.86 10.69
CA ALA I 383 7.69 10.12 11.15
C ALA I 383 7.54 11.12 10.02
N HIS I 384 8.36 12.16 10.09
CA HIS I 384 8.11 13.26 9.14
C HIS I 384 8.62 13.18 7.83
N ALA I 385 7.86 12.55 6.93
CA ALA I 385 8.21 12.36 5.52
C ALA I 385 9.22 11.23 5.26
N LYS I 386 10.35 11.36 5.94
CA LYS I 386 11.50 10.46 5.90
C LYS I 386 11.48 9.01 6.43
N ARG I 387 10.86 8.71 7.59
CA ARG I 387 11.00 7.35 8.05
C ARG I 387 9.81 6.62 8.45
N GLN I 388 10.01 5.58 9.23
CA GLN I 388 8.92 4.79 9.77
C GLN I 388 9.46 4.20 11.05
N THR I 389 8.59 4.09 12.04
CA THR I 389 8.95 3.47 13.30
C THR I 389 7.85 2.51 13.71
N VAL I 390 8.23 1.49 14.48
CA VAL I 390 7.32 0.43 14.90
C VAL I 390 7.33 0.38 16.42
N VAL I 391 6.14 0.35 17.02
CA VAL I 391 6.01 0.20 18.46
C VAL I 391 4.97 -0.86 18.76
N VAL I 392 4.97 -1.34 20.00
CA VAL I 392 3.97 -2.29 20.47
C VAL I 392 3.12 -1.62 21.54
N LEU I 393 1.87 -2.05 21.64
CA LEU I 393 0.96 -1.54 22.64
C LEU I 393 1.09 -2.34 23.94
N GLY I 394 0.81 -1.67 25.05
CA GLY I 394 1.22 -2.13 26.36
C GLY I 394 0.34 -3.10 27.13
N SER I 395 0.43 -4.37 26.81
CA SER I 395 0.10 -5.49 27.67
C SER I 395 -1.40 -5.75 27.87
N GLN I 396 -2.30 -4.85 27.50
CA GLN I 396 -3.69 -5.22 27.18
C GLN I 396 -4.41 -6.03 28.25
N GLU I 397 -3.79 -6.24 29.41
CA GLU I 397 -4.34 -7.13 30.43
C GLU I 397 -5.27 -6.40 31.38
N GLY I 398 -5.50 -5.12 31.16
CA GLY I 398 -6.37 -4.36 32.04
C GLY I 398 -7.53 -3.87 31.22
N ALA I 399 -7.33 -3.80 29.91
CA ALA I 399 -8.44 -3.56 29.02
C ALA I 399 -9.35 -4.77 28.94
N VAL I 400 -8.79 -5.97 29.11
CA VAL I 400 -9.62 -7.17 29.10
C VAL I 400 -10.32 -7.36 30.44
N HIS I 401 -9.64 -7.04 31.55
CA HIS I 401 -10.31 -7.09 32.84
C HIS I 401 -11.53 -6.17 32.89
N THR I 402 -11.50 -5.06 32.15
CA THR I 402 -12.68 -4.21 32.08
C THR I 402 -13.63 -4.63 30.97
N ALA I 403 -13.12 -5.26 29.92
CA ALA I 403 -14.03 -5.83 28.92
C ALA I 403 -14.85 -6.96 29.53
N LEU I 404 -14.23 -7.75 30.39
CA LEU I 404 -14.96 -8.74 31.18
C LEU I 404 -15.77 -8.01 32.25
N ALA I 405 -17.08 -7.99 32.09
CA ALA I 405 -17.95 -7.42 33.10
C ALA I 405 -19.33 -8.01 32.86
N GLY I 406 -19.92 -8.57 33.89
CA GLY I 406 -21.01 -9.48 33.66
C GLY I 406 -20.58 -10.87 33.30
N ALA I 407 -19.29 -11.17 33.38
CA ALA I 407 -18.80 -12.53 33.21
C ALA I 407 -18.51 -13.11 34.58
N LEU I 408 -18.81 -14.40 34.74
CA LEU I 408 -18.69 -15.05 36.03
C LEU I 408 -17.28 -15.56 36.22
N GLU I 409 -16.78 -15.48 37.43
CA GLU I 409 -15.48 -16.07 37.70
C GLU I 409 -15.62 -17.56 37.98
N ALA I 410 -14.49 -18.26 37.90
CA ALA I 410 -14.45 -19.68 38.18
C ALA I 410 -13.10 -19.98 38.81
N GLU I 411 -12.87 -21.24 39.15
CA GLU I 411 -11.55 -21.61 39.64
C GLU I 411 -11.26 -23.04 39.24
N MET I 412 -10.03 -23.29 38.83
CA MET I 412 -9.67 -24.59 38.25
C MET I 412 -8.83 -25.37 39.23
N ASP I 413 -9.20 -26.63 39.46
CA ASP I 413 -8.38 -27.59 40.18
C ASP I 413 -7.94 -28.66 39.19
N GLY I 414 -6.63 -28.80 39.04
CA GLY I 414 -6.12 -29.70 38.01
C GLY I 414 -6.64 -29.30 36.65
N ALA I 415 -7.15 -30.28 35.91
CA ALA I 415 -7.73 -30.03 34.60
C ALA I 415 -9.23 -29.74 34.66
N LYS I 416 -9.83 -29.70 35.84
CA LYS I 416 -11.27 -29.51 35.99
C LYS I 416 -11.57 -28.10 36.45
N GLY I 417 -12.65 -27.53 35.94
CA GLY I 417 -13.01 -26.17 36.29
C GLY I 417 -14.24 -26.11 37.16
N ARG I 418 -14.08 -25.70 38.41
CA ARG I 418 -15.20 -25.55 39.33
C ARG I 418 -15.85 -24.18 39.14
N LEU I 419 -17.12 -24.21 38.75
CA LEU I 419 -17.99 -23.04 38.74
C LEU I 419 -18.89 -23.11 39.96
N SER I 420 -19.19 -21.93 40.49
CA SER I 420 -19.99 -21.79 41.70
C SER I 420 -21.24 -20.94 41.47
N SER I 421 -21.77 -20.93 40.24
CA SER I 421 -23.00 -20.21 39.93
C SER I 421 -23.74 -20.93 38.82
N GLY I 422 -24.93 -21.44 39.12
CA GLY I 422 -25.73 -22.10 38.12
C GLY I 422 -27.10 -22.46 38.63
N HIS I 423 -27.73 -23.41 37.93
CA HIS I 423 -29.05 -23.91 38.29
C HIS I 423 -29.10 -25.39 37.96
N LEU I 424 -29.59 -26.20 38.87
CA LEU I 424 -30.03 -27.55 38.56
C LEU I 424 -31.54 -27.61 38.71
N LYS I 425 -32.18 -28.59 38.08
CA LYS I 425 -33.60 -28.83 38.24
C LYS I 425 -33.82 -30.28 38.55
N CYS I 426 -34.14 -30.60 39.81
CA CYS I 426 -34.35 -31.97 40.24
C CYS I 426 -35.80 -32.16 40.65
N ARG I 427 -36.36 -33.30 40.27
CA ARG I 427 -37.61 -33.78 40.84
C ARG I 427 -37.28 -34.68 42.02
N LEU I 428 -37.84 -34.37 43.18
CA LEU I 428 -37.54 -35.04 44.45
C LEU I 428 -38.65 -36.04 44.69
N LYS I 429 -38.34 -37.32 44.52
CA LYS I 429 -39.26 -38.42 44.79
C LYS I 429 -39.04 -38.85 46.24
N MET I 430 -39.87 -38.33 47.13
CA MET I 430 -39.89 -38.75 48.52
C MET I 430 -41.08 -39.67 48.74
N ASP I 431 -40.96 -40.91 48.25
CA ASP I 431 -41.93 -41.94 48.54
C ASP I 431 -41.30 -43.13 49.23
N LYS I 432 -39.98 -43.12 49.42
CA LYS I 432 -39.29 -44.10 50.25
C LYS I 432 -38.67 -43.46 51.48
N LEU I 433 -39.05 -42.21 51.77
CA LEU I 433 -38.64 -41.56 53.01
C LEU I 433 -39.56 -41.99 54.13
N ARG I 434 -38.99 -42.44 55.22
CA ARG I 434 -39.74 -42.87 56.38
C ARG I 434 -39.53 -41.87 57.52
N LEU I 435 -40.15 -42.16 58.65
CA LEU I 435 -39.91 -41.41 59.87
C LEU I 435 -39.25 -42.37 60.85
N LYS I 436 -37.95 -42.15 61.11
CA LYS I 436 -37.22 -43.03 62.00
C LYS I 436 -37.80 -43.03 63.42
N GLY I 437 -38.44 -41.93 63.80
CA GLY I 437 -38.85 -41.76 65.19
C GLY I 437 -40.10 -42.49 65.60
N VAL I 438 -40.94 -42.90 64.65
CA VAL I 438 -42.19 -43.54 65.01
C VAL I 438 -41.91 -44.82 65.80
N SER I 439 -42.85 -45.17 66.68
CA SER I 439 -42.80 -46.31 67.59
C SER I 439 -41.85 -46.08 68.76
N TYR I 440 -41.33 -44.87 68.92
CA TYR I 440 -40.54 -44.54 70.09
C TYR I 440 -41.46 -44.07 71.21
N SER I 441 -40.99 -44.20 72.44
CA SER I 441 -41.76 -43.75 73.59
C SER I 441 -41.33 -42.34 73.98
N LEU I 442 -42.30 -41.52 74.37
CA LEU I 442 -42.01 -40.17 74.80
C LEU I 442 -41.00 -40.18 75.93
N CYS I 443 -40.04 -39.26 75.87
CA CYS I 443 -39.02 -39.17 76.90
C CYS I 443 -39.46 -38.22 78.00
N THR I 444 -39.44 -38.72 79.24
CA THR I 444 -39.77 -37.91 80.42
C THR I 444 -38.65 -38.10 81.43
N ALA I 445 -37.54 -37.36 81.26
CA ALA I 445 -36.57 -37.21 82.33
C ALA I 445 -36.33 -35.75 82.69
N ALA I 446 -35.87 -34.94 81.73
CA ALA I 446 -35.66 -33.51 81.88
C ALA I 446 -35.15 -32.94 80.57
N PHE I 447 -35.31 -31.64 80.36
CA PHE I 447 -34.75 -30.96 79.20
C PHE I 447 -34.20 -29.62 79.66
N THR I 448 -32.99 -29.29 79.22
CA THR I 448 -32.36 -28.03 79.57
C THR I 448 -31.92 -27.30 78.32
N PHE I 449 -32.22 -26.02 78.23
CA PHE I 449 -31.71 -25.22 77.12
C PHE I 449 -30.19 -25.21 77.16
N THR I 450 -29.55 -25.41 76.01
CA THR I 450 -28.09 -25.39 75.96
C THR I 450 -27.53 -24.04 75.56
N LYS I 451 -28.13 -23.32 74.61
CA LYS I 451 -27.74 -21.93 74.48
C LYS I 451 -28.90 -21.00 74.79
N ILE I 452 -29.89 -20.99 73.90
CA ILE I 452 -31.04 -20.09 73.99
C ILE I 452 -31.90 -20.34 72.74
N PRO I 453 -33.16 -19.91 72.70
CA PRO I 453 -33.86 -19.93 71.42
C PRO I 453 -33.51 -18.72 70.57
N ALA I 454 -33.08 -18.96 69.34
CA ALA I 454 -32.73 -17.89 68.40
C ALA I 454 -33.70 -17.91 67.22
N GLU I 455 -33.79 -16.77 66.54
CA GLU I 455 -34.71 -16.58 65.43
C GLU I 455 -33.92 -16.42 64.14
N THR I 456 -34.23 -17.25 63.15
CA THR I 456 -33.56 -17.15 61.87
C THR I 456 -34.03 -15.90 61.13
N LEU I 457 -33.48 -15.69 59.93
CA LEU I 457 -33.82 -14.50 59.16
C LEU I 457 -35.23 -14.56 58.60
N HIS I 458 -35.83 -15.75 58.53
CA HIS I 458 -37.13 -15.92 57.91
C HIS I 458 -38.26 -16.05 58.92
N GLY I 459 -37.96 -16.01 60.21
CA GLY I 459 -38.96 -16.05 61.26
C GLY I 459 -38.93 -17.30 62.09
N THR I 460 -38.37 -18.40 61.58
CA THR I 460 -38.33 -19.65 62.31
C THR I 460 -37.47 -19.52 63.55
N VAL I 461 -37.56 -20.52 64.42
CA VAL I 461 -36.93 -20.49 65.73
C VAL I 461 -36.20 -21.80 65.91
N THR I 462 -34.90 -21.76 66.16
CA THR I 462 -34.14 -22.96 66.43
C THR I 462 -33.87 -23.06 67.92
N VAL I 463 -33.99 -24.27 68.45
CA VAL I 463 -33.82 -24.54 69.87
C VAL I 463 -32.87 -25.72 70.01
N GLU I 464 -31.86 -25.57 70.86
CA GLU I 464 -30.91 -26.65 71.14
C GLU I 464 -31.12 -27.09 72.58
N VAL I 465 -31.57 -28.32 72.76
CA VAL I 465 -31.92 -28.85 74.06
C VAL I 465 -30.92 -29.95 74.44
N GLN I 466 -30.73 -30.12 75.74
CA GLN I 466 -29.91 -31.18 76.29
C GLN I 466 -30.79 -32.07 77.17
N TYR I 467 -30.65 -33.38 76.96
CA TYR I 467 -31.44 -34.38 77.65
C TYR I 467 -30.61 -35.01 78.77
N ALA I 468 -31.20 -35.06 79.96
CA ALA I 468 -30.49 -35.37 81.20
C ALA I 468 -30.51 -36.86 81.55
N GLY I 469 -31.70 -37.44 81.70
CA GLY I 469 -31.84 -38.79 82.19
C GLY I 469 -32.04 -39.81 81.09
N THR I 470 -31.07 -40.72 80.94
CA THR I 470 -31.05 -41.64 79.81
C THR I 470 -32.26 -42.57 79.83
N ASP I 471 -33.02 -42.54 78.73
CA ASP I 471 -34.03 -43.52 78.42
C ASP I 471 -33.59 -44.44 77.29
N GLY I 472 -33.09 -43.87 76.20
CA GLY I 472 -32.60 -44.61 75.07
C GLY I 472 -32.87 -43.82 73.81
N PRO I 473 -32.97 -44.50 72.67
CA PRO I 473 -33.60 -43.88 71.50
C PRO I 473 -35.03 -43.52 71.88
N CYS I 474 -35.41 -42.27 71.64
CA CYS I 474 -36.53 -41.71 72.38
C CYS I 474 -37.09 -40.51 71.63
N LYS I 475 -38.39 -40.30 71.80
CA LYS I 475 -39.08 -39.18 71.17
C LYS I 475 -39.03 -37.96 72.09
N VAL I 476 -38.98 -36.79 71.48
CA VAL I 476 -38.89 -35.52 72.19
C VAL I 476 -40.25 -34.83 72.11
N PRO I 477 -40.88 -34.48 73.24
CA PRO I 477 -42.09 -33.66 73.19
C PRO I 477 -41.73 -32.18 73.07
N ALA I 478 -42.30 -31.52 72.06
CA ALA I 478 -41.98 -30.13 71.81
C ALA I 478 -43.08 -29.52 70.96
N GLN I 479 -43.46 -28.28 71.29
CA GLN I 479 -44.55 -27.63 70.58
C GLN I 479 -44.52 -26.13 70.85
N MET I 480 -45.29 -25.41 70.03
CA MET I 480 -45.62 -24.00 70.24
C MET I 480 -47.05 -23.92 70.76
N ALA I 481 -47.22 -23.26 71.91
CA ALA I 481 -48.53 -23.22 72.56
C ALA I 481 -48.89 -21.80 72.95
N VAL I 482 -50.16 -21.46 72.81
CA VAL I 482 -50.72 -20.25 73.39
C VAL I 482 -51.75 -20.68 74.42
N ASP I 483 -51.92 -19.85 75.46
CA ASP I 483 -52.77 -20.21 76.59
C ASP I 483 -52.28 -21.51 77.24
N MET I 484 -51.11 -21.38 77.88
CA MET I 484 -50.41 -22.49 78.52
C MET I 484 -51.31 -23.30 79.44
N GLN I 485 -52.46 -22.74 79.82
CA GLN I 485 -53.42 -23.47 80.63
C GLN I 485 -53.91 -24.73 79.91
N THR I 486 -54.34 -24.57 78.65
CA THR I 486 -54.77 -25.68 77.81
C THR I 486 -53.78 -25.80 76.67
N LEU I 487 -52.89 -26.80 76.74
CA LEU I 487 -51.77 -26.90 75.80
C LEU I 487 -52.31 -27.32 74.44
N THR I 488 -52.80 -26.34 73.70
CA THR I 488 -53.30 -26.57 72.35
C THR I 488 -52.21 -26.21 71.36
N PRO I 489 -51.70 -27.17 70.60
CA PRO I 489 -50.55 -26.88 69.72
C PRO I 489 -50.93 -25.87 68.65
N VAL I 490 -50.18 -24.76 68.62
CA VAL I 490 -50.38 -23.71 67.64
C VAL I 490 -49.13 -23.61 66.78
N GLY I 491 -49.25 -22.89 65.67
CA GLY I 491 -48.12 -22.78 64.78
C GLY I 491 -47.77 -24.12 64.17
N ARG I 492 -46.59 -24.14 63.54
CA ARG I 492 -46.08 -25.30 62.85
C ARG I 492 -44.65 -25.56 63.30
N LEU I 493 -44.33 -26.83 63.51
CA LEU I 493 -42.99 -27.25 63.94
C LEU I 493 -42.31 -27.88 62.74
N ILE I 494 -41.46 -27.13 62.06
CA ILE I 494 -40.79 -27.64 60.85
C ILE I 494 -39.47 -28.25 61.32
N THR I 495 -39.65 -29.41 61.94
CA THR I 495 -38.65 -30.37 62.38
C THR I 495 -39.64 -31.52 62.37
N ALA I 496 -39.60 -32.38 61.35
CA ALA I 496 -40.66 -33.39 61.22
C ALA I 496 -40.78 -34.33 62.39
N ASN I 497 -39.66 -34.85 62.86
CA ASN I 497 -39.69 -35.70 64.02
C ASN I 497 -38.49 -35.35 64.86
N PRO I 498 -38.69 -34.80 66.05
CA PRO I 498 -37.41 -34.61 66.67
C PRO I 498 -37.32 -35.65 67.69
N VAL I 499 -36.22 -36.36 67.70
CA VAL I 499 -36.07 -37.39 68.63
C VAL I 499 -34.62 -37.51 68.99
N ILE I 500 -34.30 -37.98 70.17
CA ILE I 500 -32.96 -38.22 70.69
C ILE I 500 -32.55 -39.65 70.39
N THR I 501 -31.31 -39.83 69.93
CA THR I 501 -30.82 -41.15 69.55
C THR I 501 -29.76 -41.70 70.50
N GLU I 502 -29.08 -40.84 71.24
CA GLU I 502 -28.07 -41.29 72.18
C GLU I 502 -28.71 -41.72 73.49
N SER I 503 -27.94 -42.45 74.29
CA SER I 503 -28.41 -42.89 75.60
C SER I 503 -27.28 -42.93 76.62
N THR I 504 -26.27 -42.07 76.48
CA THR I 504 -25.10 -42.24 77.34
C THR I 504 -25.30 -41.61 78.72
N GLU I 505 -25.21 -40.28 78.82
CA GLU I 505 -25.78 -39.60 79.98
C GLU I 505 -26.66 -38.42 79.55
N ASN I 506 -26.06 -37.49 78.83
CA ASN I 506 -26.70 -36.26 78.38
C ASN I 506 -26.56 -36.16 76.87
N SER I 507 -27.63 -35.78 76.20
CA SER I 507 -27.61 -35.69 74.75
C SER I 507 -27.91 -34.27 74.30
N LYS I 508 -27.46 -33.92 73.11
CA LYS I 508 -27.70 -32.61 72.54
C LYS I 508 -28.51 -32.74 71.26
N MET I 509 -29.47 -31.85 71.10
CA MET I 509 -30.41 -31.91 69.99
C MET I 509 -30.73 -30.51 69.53
N MET I 510 -31.00 -30.36 68.23
CA MET I 510 -31.47 -29.08 67.71
C MET I 510 -32.72 -29.32 66.88
N LEU I 511 -33.80 -28.67 67.27
CA LEU I 511 -35.02 -28.64 66.49
C LEU I 511 -35.28 -27.22 66.05
N GLU I 512 -36.20 -27.04 65.12
CA GLU I 512 -36.65 -25.71 64.76
C GLU I 512 -38.15 -25.75 64.50
N LEU I 513 -38.77 -24.58 64.58
CA LEU I 513 -40.22 -24.50 64.53
C LEU I 513 -40.64 -23.12 64.08
N ASP I 514 -41.79 -23.06 63.42
CA ASP I 514 -42.30 -21.83 62.83
C ASP I 514 -43.45 -21.28 63.67
N PRO I 515 -43.21 -20.32 64.54
CA PRO I 515 -44.22 -19.93 65.52
C PRO I 515 -45.29 -19.05 64.90
N PRO I 516 -46.41 -18.86 65.60
CA PRO I 516 -47.43 -17.93 65.11
C PRO I 516 -46.98 -16.49 65.27
N PHE I 517 -47.71 -15.59 64.62
CA PHE I 517 -47.30 -14.19 64.58
C PHE I 517 -47.54 -13.48 65.91
N GLY I 518 -48.51 -13.94 66.69
CA GLY I 518 -48.72 -13.40 68.01
C GLY I 518 -47.66 -13.90 68.98
N ASP I 519 -47.80 -13.47 70.24
CA ASP I 519 -46.97 -14.01 71.29
C ASP I 519 -47.37 -15.46 71.58
N SER I 520 -46.38 -16.28 71.92
CA SER I 520 -46.59 -17.70 72.11
C SER I 520 -45.52 -18.23 73.06
N TYR I 521 -45.56 -19.53 73.33
CA TYR I 521 -44.62 -20.15 74.24
C TYR I 521 -44.06 -21.42 73.62
N ILE I 522 -42.75 -21.56 73.63
CA ILE I 522 -42.09 -22.81 73.29
C ILE I 522 -42.18 -23.71 74.51
N VAL I 523 -42.87 -24.84 74.37
CA VAL I 523 -43.06 -25.79 75.47
C VAL I 523 -42.37 -27.09 75.07
N ILE I 524 -41.37 -27.49 75.85
CA ILE I 524 -40.64 -28.72 75.60
C ILE I 524 -40.61 -29.52 76.89
N GLY I 525 -41.21 -30.70 76.87
CA GLY I 525 -41.38 -31.51 78.06
C GLY I 525 -42.80 -31.99 78.22
N VAL I 526 -42.99 -32.87 79.20
CA VAL I 526 -44.26 -33.55 79.39
C VAL I 526 -45.06 -32.94 80.53
N GLY I 527 -44.51 -32.98 81.74
CA GLY I 527 -45.27 -32.49 82.88
C GLY I 527 -44.44 -32.12 84.09
N GLU I 528 -44.69 -30.93 84.64
CA GLU I 528 -44.03 -30.42 85.84
C GLU I 528 -42.52 -30.24 85.64
N LYS I 529 -42.03 -30.61 84.46
CA LYS I 529 -40.66 -30.30 84.05
C LYS I 529 -40.68 -29.83 82.61
N LYS I 530 -41.71 -29.08 82.24
CA LYS I 530 -41.82 -28.51 80.90
C LYS I 530 -41.02 -27.22 80.88
N ILE I 531 -39.94 -27.21 80.08
CA ILE I 531 -39.23 -25.97 79.83
C ILE I 531 -40.06 -25.12 78.90
N THR I 532 -40.45 -23.94 79.36
CA THR I 532 -41.26 -23.01 78.59
C THR I 532 -40.50 -21.72 78.39
N HIS I 533 -40.63 -21.15 77.20
CA HIS I 533 -39.93 -19.92 76.84
C HIS I 533 -40.89 -19.02 76.07
N HIS I 534 -40.86 -17.73 76.37
CA HIS I 534 -41.78 -16.79 75.76
C HIS I 534 -41.22 -16.30 74.43
N TRP I 535 -42.05 -16.27 73.40
CA TRP I 535 -41.62 -15.88 72.07
C TRP I 535 -42.61 -14.89 71.49
N HIS I 536 -42.09 -13.95 70.69
CA HIS I 536 -42.90 -12.94 70.04
C HIS I 536 -42.45 -12.76 68.60
N ARG I 537 -43.40 -12.82 67.66
CA ARG I 537 -43.12 -12.65 66.25
C ARG I 537 -43.64 -11.30 65.78
N SER I 538 -42.98 -10.74 64.76
CA SER I 538 -43.11 -9.30 64.48
C SER I 538 -44.22 -8.93 63.48
N GLY I 539 -44.13 -9.44 62.26
CA GLY I 539 -44.84 -8.87 61.13
C GLY I 539 -46.05 -9.69 60.71
N SER I 540 -47.17 -9.02 60.55
CA SER I 540 -48.42 -9.67 60.15
C SER I 540 -48.27 -10.39 58.82
N THR I 541 -49.25 -11.26 58.55
CA THR I 541 -49.20 -12.12 57.36
C THR I 541 -49.12 -11.32 56.07
N ILE I 542 -49.59 -10.07 56.07
CA ILE I 542 -49.53 -9.25 54.87
C ILE I 542 -48.08 -9.01 54.46
N GLY I 543 -47.23 -8.70 55.44
CA GLY I 543 -45.81 -8.55 55.14
C GLY I 543 -45.18 -9.83 54.65
N LYS I 544 -45.63 -10.97 55.18
CA LYS I 544 -45.14 -12.26 54.71
C LYS I 544 -45.51 -12.49 53.25
N ALA I 545 -46.75 -12.17 52.88
CA ALA I 545 -47.16 -12.32 51.49
C ALA I 545 -46.41 -11.35 50.58
N PHE I 546 -46.15 -10.15 51.06
CA PHE I 546 -45.38 -9.20 50.26
C PHE I 546 -43.96 -9.71 50.03
N GLU I 547 -43.32 -10.23 51.08
CA GLU I 547 -41.98 -10.78 50.92
C GLU I 547 -41.99 -11.98 49.99
N ALA I 548 -43.04 -12.79 50.05
CA ALA I 548 -43.14 -13.92 49.14
C ALA I 548 -43.25 -13.45 47.69
N THR I 549 -44.01 -12.40 47.44
CA THR I 549 -44.11 -11.86 46.09
C THR I 549 -42.77 -11.31 45.62
N VAL I 550 -42.04 -10.64 46.52
CA VAL I 550 -40.72 -10.11 46.15
C VAL I 550 -39.76 -11.24 45.81
N ARG I 551 -39.76 -12.31 46.61
CA ARG I 551 -38.90 -13.44 46.33
C ARG I 551 -39.26 -14.11 45.02
N GLY I 552 -40.56 -14.29 44.76
CA GLY I 552 -40.96 -14.85 43.49
C GLY I 552 -40.52 -14.00 42.31
N ALA I 553 -40.64 -12.67 42.45
CA ALA I 553 -40.21 -11.79 41.37
C ALA I 553 -38.72 -11.87 41.13
N LYS I 554 -37.93 -11.89 42.20
CA LYS I 554 -36.48 -12.01 42.05
C LYS I 554 -36.12 -13.34 41.38
N ARG I 555 -36.73 -14.43 41.83
CA ARG I 555 -36.43 -15.72 41.25
C ARG I 555 -36.82 -15.77 39.78
N MET I 556 -37.91 -15.11 39.41
CA MET I 556 -38.29 -15.07 38.00
C MET I 556 -37.27 -14.27 37.20
N ALA I 557 -36.89 -13.10 37.69
CA ALA I 557 -35.89 -12.29 36.99
C ALA I 557 -34.59 -13.06 36.80
N VAL I 558 -34.25 -13.93 37.76
CA VAL I 558 -32.98 -14.65 37.67
C VAL I 558 -33.08 -15.86 36.75
N LEU I 559 -34.20 -16.59 36.81
CA LEU I 559 -34.25 -17.91 36.17
C LEU I 559 -35.00 -17.93 34.85
N GLY I 560 -35.96 -17.04 34.62
CA GLY I 560 -36.78 -17.13 33.44
C GLY I 560 -37.94 -18.07 33.60
N ASP I 561 -38.20 -18.90 32.57
CA ASP I 561 -39.31 -19.85 32.64
C ASP I 561 -39.11 -20.85 33.76
N THR I 562 -37.86 -21.22 34.05
CA THR I 562 -37.58 -22.22 35.07
C THR I 562 -38.13 -21.82 36.43
N ALA I 563 -38.38 -20.53 36.64
CA ALA I 563 -38.98 -20.08 37.90
C ALA I 563 -40.34 -20.71 38.12
N TRP I 564 -41.01 -21.14 37.06
CA TRP I 564 -42.31 -21.77 37.18
C TRP I 564 -42.23 -23.22 37.61
N ASP I 565 -41.05 -23.80 37.68
CA ASP I 565 -40.87 -25.19 38.06
C ASP I 565 -40.43 -25.37 39.51
N PHE I 566 -40.40 -24.29 40.31
CA PHE I 566 -39.77 -24.41 41.61
C PHE I 566 -40.61 -25.19 42.60
N GLY I 567 -41.87 -24.84 42.75
CA GLY I 567 -42.71 -25.58 43.69
C GLY I 567 -43.79 -26.31 42.94
N SER I 568 -43.44 -26.90 41.80
CA SER I 568 -44.38 -27.26 40.77
C SER I 568 -44.77 -28.71 40.93
N VAL I 569 -45.81 -28.95 41.72
CA VAL I 569 -46.47 -30.25 41.75
C VAL I 569 -46.88 -30.66 40.34
N GLY I 570 -47.21 -29.70 39.49
CA GLY I 570 -47.50 -29.99 38.10
C GLY I 570 -48.99 -30.01 37.81
N GLY I 571 -49.52 -28.92 37.27
CA GLY I 571 -50.94 -28.85 36.99
C GLY I 571 -51.23 -28.46 35.56
N ALA I 572 -52.18 -27.54 35.38
CA ALA I 572 -52.54 -27.09 34.04
C ALA I 572 -52.46 -25.57 33.96
N LEU I 573 -52.75 -24.89 35.07
CA LEU I 573 -52.51 -23.46 35.14
C LEU I 573 -51.01 -23.17 35.15
N ASN I 574 -50.26 -23.94 35.93
CA ASN I 574 -48.81 -23.78 35.99
C ASN I 574 -48.19 -23.95 34.61
N SER I 575 -48.62 -24.97 33.87
CA SER I 575 -48.03 -25.22 32.56
C SER I 575 -48.39 -24.13 31.56
N LEU I 576 -49.61 -23.59 31.64
CA LEU I 576 -49.98 -22.49 30.76
C LEU I 576 -49.17 -21.25 31.07
N GLY I 577 -49.02 -20.91 32.35
CA GLY I 577 -48.17 -19.80 32.72
C GLY I 577 -46.75 -19.98 32.22
N LYS I 578 -46.22 -21.20 32.35
CA LYS I 578 -44.86 -21.47 31.90
C LYS I 578 -44.74 -21.33 30.40
N GLY I 579 -45.75 -21.76 29.64
CA GLY I 579 -45.68 -21.66 28.19
C GLY I 579 -45.75 -20.22 27.71
N ILE I 580 -46.69 -19.46 28.26
CA ILE I 580 -46.78 -18.06 27.85
C ILE I 580 -45.54 -17.29 28.29
N HIS I 581 -44.94 -17.68 29.42
CA HIS I 581 -43.69 -17.05 29.83
C HIS I 581 -42.56 -17.43 28.89
N GLN I 582 -42.53 -18.66 28.41
CA GLN I 582 -41.53 -19.05 27.42
C GLN I 582 -41.64 -18.17 26.18
N ILE I 583 -42.87 -17.98 25.69
CA ILE I 583 -43.03 -17.20 24.46
C ILE I 583 -42.64 -15.75 24.68
N PHE I 584 -43.15 -15.13 25.76
CA PHE I 584 -42.80 -13.75 26.06
C PHE I 584 -41.30 -13.60 26.29
N GLY I 585 -40.67 -14.60 26.90
CA GLY I 585 -39.25 -14.50 27.18
C GLY I 585 -38.41 -14.60 25.93
N ALA I 586 -38.77 -15.51 25.01
CA ALA I 586 -38.09 -15.57 23.74
C ALA I 586 -38.21 -14.24 23.00
N ALA I 587 -39.41 -13.66 22.99
CA ALA I 587 -39.60 -12.37 22.32
C ALA I 587 -38.75 -11.29 22.96
N PHE I 588 -38.83 -11.16 24.29
CA PHE I 588 -38.13 -10.11 25.01
C PHE I 588 -36.63 -10.24 24.86
N LYS I 589 -36.11 -11.47 24.90
CA LYS I 589 -34.68 -11.67 24.77
C LYS I 589 -34.20 -11.47 23.35
N SER I 590 -35.06 -11.69 22.35
CA SER I 590 -34.66 -11.43 20.98
C SER I 590 -34.77 -9.96 20.61
N LEU I 591 -35.61 -9.19 21.30
CA LEU I 591 -35.73 -7.76 21.03
C LEU I 591 -34.79 -6.95 21.90
N PHE I 592 -35.00 -6.99 23.21
CA PHE I 592 -34.11 -6.42 24.19
C PHE I 592 -33.10 -7.50 24.61
N GLY I 593 -32.38 -7.29 25.70
CA GLY I 593 -31.48 -8.31 26.17
C GLY I 593 -30.16 -8.35 25.43
N GLY I 594 -29.76 -7.22 24.86
CA GLY I 594 -28.40 -7.01 24.43
C GLY I 594 -27.93 -5.74 25.08
N MET I 595 -28.39 -5.53 26.31
CA MET I 595 -28.21 -4.26 27.00
C MET I 595 -27.63 -4.49 28.37
N SER I 596 -27.17 -3.41 28.98
CA SER I 596 -26.63 -3.42 30.32
C SER I 596 -27.61 -2.71 31.25
N TRP I 597 -27.21 -2.54 32.50
CA TRP I 597 -27.99 -1.81 33.48
C TRP I 597 -28.43 -0.46 32.94
N PHE I 598 -27.47 0.37 32.56
CA PHE I 598 -27.76 1.75 32.17
C PHE I 598 -28.61 1.80 30.90
N SER I 599 -28.28 0.97 29.91
CA SER I 599 -28.98 1.05 28.63
C SER I 599 -30.45 0.75 28.79
N GLN I 600 -30.80 -0.31 29.49
CA GLN I 600 -32.21 -0.61 29.63
C GLN I 600 -32.88 0.26 30.67
N ILE I 601 -32.16 0.85 31.62
CA ILE I 601 -32.79 1.91 32.42
C ILE I 601 -33.20 3.07 31.53
N LEU I 602 -32.34 3.46 30.60
CA LEU I 602 -32.67 4.54 29.67
C LEU I 602 -33.87 4.19 28.81
N ILE I 603 -33.82 3.03 28.15
CA ILE I 603 -34.89 2.69 27.24
C ILE I 603 -36.19 2.41 28.00
N GLY I 604 -36.09 1.97 29.25
CA GLY I 604 -37.29 1.80 30.06
C GLY I 604 -37.95 3.12 30.38
N THR I 605 -37.17 4.11 30.81
CA THR I 605 -37.74 5.42 31.05
C THR I 605 -38.32 6.03 29.77
N LEU I 606 -37.63 5.85 28.65
CA LEU I 606 -38.11 6.41 27.39
C LEU I 606 -39.45 5.81 27.01
N LEU I 607 -39.56 4.48 27.03
CA LEU I 607 -40.84 3.89 26.69
C LEU I 607 -41.90 4.16 27.75
N MET I 608 -41.50 4.43 28.99
CA MET I 608 -42.49 4.83 29.99
C MET I 608 -43.14 6.14 29.59
N TRP I 609 -42.32 7.13 29.23
CA TRP I 609 -42.88 8.37 28.69
C TRP I 609 -43.74 8.10 27.48
N LEU I 610 -43.24 7.27 26.55
CA LEU I 610 -43.98 6.97 25.33
C LEU I 610 -45.37 6.44 25.63
N GLY I 611 -45.45 5.33 26.37
CA GLY I 611 -46.72 4.75 26.74
C GLY I 611 -47.54 5.65 27.65
N LEU I 612 -46.92 6.64 28.27
CA LEU I 612 -47.69 7.56 29.10
C LEU I 612 -48.43 8.59 28.25
N ASN I 613 -47.82 9.04 27.15
CA ASN I 613 -48.43 10.11 26.37
C ASN I 613 -48.90 9.67 24.99
N THR I 614 -48.97 8.37 24.70
CA THR I 614 -49.36 7.94 23.37
C THR I 614 -50.87 7.98 23.16
N LYS I 615 -51.64 7.61 24.17
CA LYS I 615 -53.11 7.65 24.21
C LYS I 615 -53.78 6.63 23.30
N ASN I 616 -53.03 5.82 22.57
CA ASN I 616 -53.61 4.75 21.77
C ASN I 616 -53.73 3.50 22.64
N GLY I 617 -54.05 2.36 22.03
CA GLY I 617 -54.15 1.12 22.76
C GLY I 617 -52.83 0.46 23.09
N SER I 618 -51.72 1.00 22.60
CA SER I 618 -50.38 0.45 22.86
C SER I 618 -49.78 0.97 24.14
N ILE I 619 -50.44 1.89 24.84
CA ILE I 619 -49.95 2.37 26.13
C ILE I 619 -49.72 1.19 27.08
N SER I 620 -50.65 0.24 27.07
CA SER I 620 -50.51 -0.95 27.90
C SER I 620 -49.27 -1.75 27.49
N LEU I 621 -49.07 -1.94 26.18
CA LEU I 621 -47.92 -2.67 25.70
C LEU I 621 -46.62 -2.04 26.20
N MET I 622 -46.48 -0.73 26.02
CA MET I 622 -45.30 -0.04 26.52
C MET I 622 -45.15 -0.25 28.02
N CYS I 623 -46.09 0.28 28.81
CA CYS I 623 -45.96 0.21 30.26
C CYS I 623 -45.68 -1.20 30.78
N LEU I 624 -46.17 -2.23 30.08
CA LEU I 624 -45.84 -3.60 30.46
C LEU I 624 -44.38 -3.91 30.19
N ALA I 625 -43.91 -3.61 28.96
CA ALA I 625 -42.50 -3.81 28.67
C ALA I 625 -41.60 -3.09 29.67
N LEU I 626 -42.07 -1.91 30.10
CA LEU I 626 -41.37 -1.07 31.10
C LEU I 626 -41.33 -1.70 32.50
N GLY I 627 -42.47 -2.18 32.99
CA GLY I 627 -42.48 -2.96 34.21
C GLY I 627 -41.43 -4.05 34.14
N GLY I 628 -41.42 -4.80 33.03
CA GLY I 628 -40.42 -5.83 32.82
C GLY I 628 -39.00 -5.31 32.94
N VAL I 629 -38.66 -4.29 32.15
CA VAL I 629 -37.28 -3.80 32.09
C VAL I 629 -36.85 -3.23 33.45
N LEU I 630 -37.70 -2.39 34.06
CA LEU I 630 -37.32 -1.77 35.32
C LEU I 630 -37.24 -2.78 36.46
N ILE I 631 -38.05 -3.84 36.43
CA ILE I 631 -37.85 -4.89 37.44
C ILE I 631 -36.53 -5.58 37.20
N PHE I 632 -36.21 -5.89 35.93
CA PHE I 632 -34.94 -6.53 35.64
C PHE I 632 -33.77 -5.68 36.11
N LEU I 633 -33.97 -4.35 36.07
CA LEU I 633 -33.03 -3.35 36.57
C LEU I 633 -32.89 -3.23 38.11
N SER I 634 -34.02 -3.28 38.82
CA SER I 634 -34.06 -3.12 40.27
C SER I 634 -34.19 -4.43 41.01
N THR I 635 -33.86 -5.56 40.38
CA THR I 635 -33.74 -6.82 41.10
C THR I 635 -32.31 -7.34 41.12
N ALA I 636 -31.38 -6.73 40.41
CA ALA I 636 -29.97 -7.12 40.47
C ALA I 636 -29.38 -6.73 41.82
N ALA J 216 -6.96 -4.71 21.01
CA ALA J 216 -6.65 -3.40 20.47
C ALA J 216 -7.54 -2.33 21.07
N VAL J 217 -8.22 -1.59 20.20
CA VAL J 217 -8.94 -0.40 20.62
C VAL J 217 -10.40 -0.70 20.94
N THR J 218 -11.06 -1.58 20.19
CA THR J 218 -12.50 -1.76 20.37
C THR J 218 -12.81 -2.58 21.62
N LEU J 219 -12.43 -3.86 21.63
CA LEU J 219 -12.60 -4.73 22.79
C LEU J 219 -14.02 -4.69 23.34
N PRO J 220 -14.96 -5.38 22.69
CA PRO J 220 -16.38 -5.25 23.08
C PRO J 220 -16.61 -5.62 24.53
N SER J 221 -17.46 -4.84 25.19
CA SER J 221 -17.78 -5.09 26.58
C SER J 221 -18.63 -6.35 26.72
N HIS J 222 -18.44 -7.07 27.82
CA HIS J 222 -19.17 -8.29 28.07
C HIS J 222 -20.52 -8.05 28.74
N SER J 223 -20.75 -6.85 29.26
CA SER J 223 -22.04 -6.56 29.90
C SER J 223 -23.20 -6.74 28.94
N THR J 224 -22.95 -6.72 27.63
CA THR J 224 -23.99 -7.03 26.67
C THR J 224 -24.54 -8.44 26.90
N ARG J 225 -23.66 -9.41 27.09
CA ARG J 225 -24.04 -10.81 27.28
C ARG J 225 -23.95 -11.23 28.73
N LYS J 226 -24.36 -10.35 29.65
CA LYS J 226 -24.20 -10.59 31.07
C LYS J 226 -24.80 -11.91 31.49
N LEU J 227 -24.01 -12.71 32.20
CA LEU J 227 -24.46 -14.00 32.70
C LEU J 227 -25.27 -13.78 33.96
N GLN J 228 -26.54 -14.17 33.93
CA GLN J 228 -27.47 -13.87 35.01
C GLN J 228 -27.57 -15.07 35.93
N THR J 229 -27.21 -14.88 37.20
CA THR J 229 -27.18 -15.94 38.20
C THR J 229 -27.42 -15.30 39.56
N ARG J 230 -27.45 -16.14 40.60
CA ARG J 230 -27.52 -15.62 41.96
C ARG J 230 -26.22 -14.91 42.34
N SER J 231 -25.09 -15.48 41.95
CA SER J 231 -23.79 -14.93 42.34
C SER J 231 -23.47 -13.68 41.53
N GLN J 232 -22.67 -12.81 42.12
CA GLN J 232 -22.29 -11.56 41.46
C GLN J 232 -21.28 -11.82 40.35
N THR J 233 -21.32 -10.97 39.34
CA THR J 233 -20.46 -11.12 38.18
C THR J 233 -19.10 -10.47 38.45
N TRP J 234 -18.27 -10.32 37.41
CA TRP J 234 -16.88 -9.95 37.61
C TRP J 234 -16.76 -8.57 38.22
N LEU J 235 -17.22 -7.54 37.52
CA LEU J 235 -17.17 -6.17 38.03
C LEU J 235 -18.61 -5.66 38.04
N GLU J 236 -19.33 -5.96 39.11
CA GLU J 236 -20.72 -5.56 39.20
C GLU J 236 -20.92 -4.23 39.90
N SER J 237 -19.95 -3.80 40.70
CA SER J 237 -20.09 -2.56 41.44
C SER J 237 -19.77 -1.33 40.61
N ARG J 238 -19.33 -1.49 39.37
CA ARG J 238 -18.73 -0.39 38.64
C ARG J 238 -19.50 0.05 37.40
N GLU J 239 -20.56 -0.66 37.00
CA GLU J 239 -21.15 -0.40 35.69
C GLU J 239 -21.91 0.93 35.63
N TYR J 240 -22.87 1.11 36.53
CA TYR J 240 -23.69 2.32 36.51
C TYR J 240 -22.84 3.56 36.75
N THR J 241 -22.05 3.55 37.82
CA THR J 241 -21.16 4.66 38.08
C THR J 241 -20.18 4.85 36.93
N LYS J 242 -19.83 3.78 36.23
CA LYS J 242 -18.92 3.89 35.09
C LYS J 242 -19.50 4.81 34.03
N HIS J 243 -20.70 4.48 33.55
CA HIS J 243 -21.28 5.28 32.47
C HIS J 243 -21.62 6.70 32.93
N LEU J 244 -22.16 6.83 34.15
CA LEU J 244 -22.48 8.16 34.65
C LEU J 244 -21.23 9.01 34.80
N ILE J 245 -20.12 8.42 35.25
CA ILE J 245 -18.89 9.17 35.43
C ILE J 245 -18.34 9.63 34.09
N ARG J 246 -18.36 8.75 33.08
CA ARG J 246 -17.93 9.17 31.76
C ARG J 246 -18.72 10.38 31.28
N VAL J 247 -20.06 10.29 31.34
CA VAL J 247 -20.88 11.37 30.81
C VAL J 247 -20.66 12.66 31.61
N GLU J 248 -20.68 12.56 32.93
CA GLU J 248 -20.54 13.76 33.76
C GLU J 248 -19.19 14.41 33.56
N ASN J 249 -18.12 13.62 33.45
CA ASN J 249 -16.80 14.18 33.23
C ASN J 249 -16.72 14.91 31.90
N TRP J 250 -17.21 14.27 30.83
CA TRP J 250 -17.14 14.93 29.53
C TRP J 250 -17.93 16.23 29.52
N ILE J 251 -19.14 16.22 30.07
CA ILE J 251 -19.95 17.43 30.06
C ILE J 251 -19.32 18.50 30.93
N PHE J 252 -18.69 18.12 32.04
CA PHE J 252 -18.04 19.11 32.89
C PHE J 252 -16.84 19.73 32.19
N ARG J 253 -16.14 18.97 31.37
CA ARG J 253 -14.97 19.52 30.69
C ARG J 253 -15.37 20.46 29.57
N ASN J 254 -16.41 20.11 28.81
CA ASN J 254 -16.86 20.88 27.64
C ASN J 254 -18.26 21.41 27.88
N PRO J 255 -18.41 22.57 28.50
CA PRO J 255 -19.75 23.08 28.79
C PRO J 255 -20.46 23.72 27.60
N GLY J 256 -19.71 24.33 26.67
CA GLY J 256 -20.35 25.02 25.56
C GLY J 256 -21.19 24.10 24.69
N PHE J 257 -20.81 22.83 24.61
CA PHE J 257 -21.62 21.91 23.83
C PHE J 257 -23.01 21.75 24.41
N ALA J 258 -23.21 22.08 25.69
CA ALA J 258 -24.57 22.12 26.21
C ALA J 258 -25.40 23.14 25.45
N LEU J 259 -24.84 24.33 25.21
CA LEU J 259 -25.53 25.34 24.40
C LEU J 259 -25.74 24.86 22.97
N ALA J 260 -24.70 24.30 22.36
CA ALA J 260 -24.85 23.83 20.99
C ALA J 260 -25.92 22.76 20.88
N ALA J 261 -25.96 21.84 21.83
CA ALA J 261 -26.96 20.77 21.81
C ALA J 261 -28.36 21.31 22.08
N ALA J 262 -28.48 22.28 22.98
CA ALA J 262 -29.77 22.91 23.20
C ALA J 262 -30.29 23.55 21.93
N ALA J 263 -29.41 24.24 21.20
CA ALA J 263 -29.83 24.88 19.94
C ALA J 263 -30.26 23.84 18.92
N ILE J 264 -29.44 22.81 18.71
CA ILE J 264 -29.75 21.80 17.71
C ILE J 264 -31.01 21.03 18.08
N ALA J 265 -31.26 20.84 19.38
CA ALA J 265 -32.50 20.19 19.79
C ALA J 265 -33.69 21.11 19.57
N TRP J 266 -33.53 22.41 19.82
CA TRP J 266 -34.62 23.35 19.60
C TRP J 266 -35.01 23.41 18.13
N LEU J 267 -34.03 23.37 17.23
CA LEU J 267 -34.34 23.44 15.81
C LEU J 267 -34.96 22.14 15.29
N LEU J 268 -34.84 21.05 16.03
CA LEU J 268 -35.46 19.78 15.65
C LEU J 268 -36.67 19.50 16.53
N GLY J 269 -37.66 18.81 15.97
CA GLY J 269 -38.76 18.36 16.78
C GLY J 269 -39.80 19.43 17.04
N SER J 270 -41.08 19.09 16.80
CA SER J 270 -42.16 20.05 16.97
C SER J 270 -42.46 20.33 18.43
N SER J 271 -42.90 19.30 19.16
CA SER J 271 -43.36 19.50 20.52
C SER J 271 -42.20 19.76 21.46
N THR J 272 -42.53 20.08 22.71
CA THR J 272 -41.48 20.28 23.71
C THR J 272 -40.81 18.97 24.09
N SER J 273 -41.60 17.90 24.21
CA SER J 273 -41.04 16.62 24.64
C SER J 273 -40.04 16.09 23.61
N GLN J 274 -40.34 16.23 22.33
CA GLN J 274 -39.41 15.78 21.31
C GLN J 274 -38.11 16.57 21.37
N LYS J 275 -38.19 17.87 21.64
CA LYS J 275 -36.98 18.67 21.74
C LYS J 275 -36.16 18.28 22.97
N VAL J 276 -36.82 18.01 24.10
CA VAL J 276 -36.09 17.60 25.29
C VAL J 276 -35.42 16.24 25.07
N ILE J 277 -36.13 15.32 24.40
CA ILE J 277 -35.55 14.01 24.13
C ILE J 277 -34.37 14.14 23.16
N TYR J 278 -34.49 15.01 22.17
CA TYR J 278 -33.35 15.25 21.26
C TYR J 278 -32.16 15.80 22.02
N LEU J 279 -32.40 16.75 22.94
CA LEU J 279 -31.32 17.31 23.73
C LEU J 279 -30.62 16.23 24.54
N VAL J 280 -31.40 15.37 25.21
CA VAL J 280 -30.82 14.33 26.05
C VAL J 280 -30.04 13.32 25.22
N MET J 281 -30.59 12.92 24.08
CA MET J 281 -29.90 11.94 23.26
C MET J 281 -28.63 12.51 22.64
N ILE J 282 -28.61 13.81 22.33
CA ILE J 282 -27.37 14.42 21.87
C ILE J 282 -26.34 14.46 22.99
N LEU J 283 -26.77 14.87 24.19
CA LEU J 283 -25.85 14.94 25.33
C LEU J 283 -25.36 13.57 25.78
N LEU J 284 -26.03 12.49 25.36
CA LEU J 284 -25.49 11.17 25.62
C LEU J 284 -24.65 10.63 24.48
N ILE J 285 -24.98 10.97 23.23
CA ILE J 285 -24.25 10.45 22.09
C ILE J 285 -22.98 11.22 21.82
N ALA J 286 -22.81 12.40 22.40
CA ALA J 286 -21.58 13.17 22.22
C ALA J 286 -20.43 12.68 23.09
N PRO J 287 -20.60 12.43 24.39
CA PRO J 287 -19.46 11.97 25.19
C PRO J 287 -18.88 10.66 24.71
N ALA J 288 -19.69 9.76 24.18
CA ALA J 288 -19.19 8.48 23.71
C ALA J 288 -18.66 8.55 22.29
N TYR J 289 -18.93 9.63 21.56
CA TYR J 289 -18.68 9.70 20.12
C TYR J 289 -19.18 8.45 19.42
N SER J 290 -20.29 7.91 19.91
CA SER J 290 -20.74 6.58 19.56
C SER J 290 -20.90 6.35 18.08
#